data_4B9X
# 
_entry.id   4B9X 
# 
_audit_conform.dict_name       mmcif_pdbx.dic 
_audit_conform.dict_version    5.383 
_audit_conform.dict_location   http://mmcif.pdb.org/dictionaries/ascii/mmcif_pdbx.dic 
# 
loop_
_database_2.database_id 
_database_2.database_code 
_database_2.pdbx_database_accession 
_database_2.pdbx_DOI 
PDB   4B9X         pdb_00004b9x 10.2210/pdb4b9x/pdb 
PDBE  EBI-54013    ?            ?                   
WWPDB D_1290054013 ?            ?                   
# 
_pdbx_database_related.db_name        PDB 
_pdbx_database_related.db_id          4B9W 
_pdbx_database_related.content_type   unspecified 
_pdbx_database_related.details        
'STRUCTURE OF EXTENDED TUDOR DOMAIN TD3 FROM MOUSE TDRD1 IN COMPLEX WITH MILI PEPTIDE CONTAINING DIMETHYLARGININE 45.' 
# 
_pdbx_database_status.status_code                     REL 
_pdbx_database_status.entry_id                        4B9X 
_pdbx_database_status.deposit_site                    PDBE 
_pdbx_database_status.process_site                    PDBE 
_pdbx_database_status.SG_entry                        . 
_pdbx_database_status.recvd_initial_deposition_date   2012-09-08 
_pdbx_database_status.pdb_format_compatible           Y 
_pdbx_database_status.status_code_sf                  REL 
_pdbx_database_status.status_code_mr                  ? 
_pdbx_database_status.status_code_cs                  ? 
_pdbx_database_status.methods_development_category    ? 
_pdbx_database_status.status_code_nmr_data            ? 
# 
loop_
_audit_author.name 
_audit_author.pdbx_ordinal 
'Mathioudakis, N.' 1 
'Palencia, A.'     2 
'Kadlec, J.'       3 
'Round, A.'        4 
'Tripsianes, K.'   5 
'Sattler, M.'      6 
'Pillai, R.S.'     7 
'Cusack, S.'       8 
# 
_citation.id                        primary 
_citation.title                     
'The Multiple Tudor Domain-Containing Protein Tdrd1 is a Molecular Scaffold for Mouse Piwi Proteins and Pirna Biogenesis Factors.' 
_citation.journal_abbrev            RNA 
_citation.journal_volume            18 
_citation.page_first                2056 
_citation.page_last                 ? 
_citation.year                      2012 
_citation.journal_id_ASTM           RNARFU 
_citation.country                   UK 
_citation.journal_id_ISSN           1355-8382 
_citation.journal_id_CSD            2122 
_citation.book_publisher            ? 
_citation.pdbx_database_id_PubMed   22996915 
_citation.pdbx_database_id_DOI      10.1261/RNA.034181.112 
# 
loop_
_citation_author.citation_id 
_citation_author.name 
_citation_author.ordinal 
_citation_author.identifier_ORCID 
primary 'Mathioudakis, N.' 1 ? 
primary 'Palencia, A.'     2 ? 
primary 'Kadlec, J.'       3 ? 
primary 'Round, A.'        4 ? 
primary 'Tripsianes, K.'   5 ? 
primary 'Sattler, M.'      6 ? 
primary 'Pillai, R.S.'     7 ? 
primary 'Cusack, S.'       8 ? 
# 
_cell.entry_id           4B9X 
_cell.length_a           62.960 
_cell.length_b           62.960 
_cell.length_c           132.480 
_cell.angle_alpha        90.00 
_cell.angle_beta         90.00 
_cell.angle_gamma        90.00 
_cell.Z_PDB              8 
_cell.pdbx_unique_axis   ? 
# 
_symmetry.entry_id                         4B9X 
_symmetry.space_group_name_H-M             'P 41 21 2' 
_symmetry.pdbx_full_space_group_name_H-M   ? 
_symmetry.cell_setting                     ? 
_symmetry.Int_Tables_number                92 
# 
_entity.id                         1 
_entity.type                       polymer 
_entity.src_method                 man 
_entity.pdbx_description           'TUDOR DOMAIN-CONTAINING PROTEIN 1' 
_entity.formula_weight             25383.926 
_entity.pdbx_number_of_molecules   1 
_entity.pdbx_ec                    ? 
_entity.pdbx_mutation              ? 
_entity.pdbx_fragment              'EXTENDED TUDOR DOMAIN TD3, RESIDUES 692-917' 
_entity.details                    ? 
# 
_entity_name_com.entity_id   1 
_entity_name_com.name        TDRD1 
# 
_entity_poly.entity_id                      1 
_entity_poly.type                           'polypeptide(L)' 
_entity_poly.nstd_linkage                   no 
_entity_poly.nstd_monomer                   no 
_entity_poly.pdbx_seq_one_letter_code       
;GPAEALEWTWVEFTVDETVDVVVCMMYSPGEFYCHFLKDDALEKLDDLNQSLADYCAQKPPNGFKAEIGRPCCAFFSGDG
NWYRALVKEILPSGNVKVHFVDYGNVEEVTTDQLQAILPQFLLLPFQGMQCWLVDIQPPNKHWTKEATARFQACVVGLKL
QARVVEITANGVGVELTDLSTPYPKIISDVLIREQLVLRCGSPQDSLMSRPANQHKQIDSHRVQAS
;
_entity_poly.pdbx_seq_one_letter_code_can   
;GPAEALEWTWVEFTVDETVDVVVCMMYSPGEFYCHFLKDDALEKLDDLNQSLADYCAQKPPNGFKAEIGRPCCAFFSGDG
NWYRALVKEILPSGNVKVHFVDYGNVEEVTTDQLQAILPQFLLLPFQGMQCWLVDIQPPNKHWTKEATARFQACVVGLKL
QARVVEITANGVGVELTDLSTPYPKIISDVLIREQLVLRCGSPQDSLMSRPANQHKQIDSHRVQAS
;
_entity_poly.pdbx_strand_id                 A 
_entity_poly.pdbx_target_identifier         ? 
# 
loop_
_entity_poly_seq.entity_id 
_entity_poly_seq.num 
_entity_poly_seq.mon_id 
_entity_poly_seq.hetero 
1 1   GLY n 
1 2   PRO n 
1 3   ALA n 
1 4   GLU n 
1 5   ALA n 
1 6   LEU n 
1 7   GLU n 
1 8   TRP n 
1 9   THR n 
1 10  TRP n 
1 11  VAL n 
1 12  GLU n 
1 13  PHE n 
1 14  THR n 
1 15  VAL n 
1 16  ASP n 
1 17  GLU n 
1 18  THR n 
1 19  VAL n 
1 20  ASP n 
1 21  VAL n 
1 22  VAL n 
1 23  VAL n 
1 24  CYS n 
1 25  MET n 
1 26  MET n 
1 27  TYR n 
1 28  SER n 
1 29  PRO n 
1 30  GLY n 
1 31  GLU n 
1 32  PHE n 
1 33  TYR n 
1 34  CYS n 
1 35  HIS n 
1 36  PHE n 
1 37  LEU n 
1 38  LYS n 
1 39  ASP n 
1 40  ASP n 
1 41  ALA n 
1 42  LEU n 
1 43  GLU n 
1 44  LYS n 
1 45  LEU n 
1 46  ASP n 
1 47  ASP n 
1 48  LEU n 
1 49  ASN n 
1 50  GLN n 
1 51  SER n 
1 52  LEU n 
1 53  ALA n 
1 54  ASP n 
1 55  TYR n 
1 56  CYS n 
1 57  ALA n 
1 58  GLN n 
1 59  LYS n 
1 60  PRO n 
1 61  PRO n 
1 62  ASN n 
1 63  GLY n 
1 64  PHE n 
1 65  LYS n 
1 66  ALA n 
1 67  GLU n 
1 68  ILE n 
1 69  GLY n 
1 70  ARG n 
1 71  PRO n 
1 72  CYS n 
1 73  CYS n 
1 74  ALA n 
1 75  PHE n 
1 76  PHE n 
1 77  SER n 
1 78  GLY n 
1 79  ASP n 
1 80  GLY n 
1 81  ASN n 
1 82  TRP n 
1 83  TYR n 
1 84  ARG n 
1 85  ALA n 
1 86  LEU n 
1 87  VAL n 
1 88  LYS n 
1 89  GLU n 
1 90  ILE n 
1 91  LEU n 
1 92  PRO n 
1 93  SER n 
1 94  GLY n 
1 95  ASN n 
1 96  VAL n 
1 97  LYS n 
1 98  VAL n 
1 99  HIS n 
1 100 PHE n 
1 101 VAL n 
1 102 ASP n 
1 103 TYR n 
1 104 GLY n 
1 105 ASN n 
1 106 VAL n 
1 107 GLU n 
1 108 GLU n 
1 109 VAL n 
1 110 THR n 
1 111 THR n 
1 112 ASP n 
1 113 GLN n 
1 114 LEU n 
1 115 GLN n 
1 116 ALA n 
1 117 ILE n 
1 118 LEU n 
1 119 PRO n 
1 120 GLN n 
1 121 PHE n 
1 122 LEU n 
1 123 LEU n 
1 124 LEU n 
1 125 PRO n 
1 126 PHE n 
1 127 GLN n 
1 128 GLY n 
1 129 MET n 
1 130 GLN n 
1 131 CYS n 
1 132 TRP n 
1 133 LEU n 
1 134 VAL n 
1 135 ASP n 
1 136 ILE n 
1 137 GLN n 
1 138 PRO n 
1 139 PRO n 
1 140 ASN n 
1 141 LYS n 
1 142 HIS n 
1 143 TRP n 
1 144 THR n 
1 145 LYS n 
1 146 GLU n 
1 147 ALA n 
1 148 THR n 
1 149 ALA n 
1 150 ARG n 
1 151 PHE n 
1 152 GLN n 
1 153 ALA n 
1 154 CYS n 
1 155 VAL n 
1 156 VAL n 
1 157 GLY n 
1 158 LEU n 
1 159 LYS n 
1 160 LEU n 
1 161 GLN n 
1 162 ALA n 
1 163 ARG n 
1 164 VAL n 
1 165 VAL n 
1 166 GLU n 
1 167 ILE n 
1 168 THR n 
1 169 ALA n 
1 170 ASN n 
1 171 GLY n 
1 172 VAL n 
1 173 GLY n 
1 174 VAL n 
1 175 GLU n 
1 176 LEU n 
1 177 THR n 
1 178 ASP n 
1 179 LEU n 
1 180 SER n 
1 181 THR n 
1 182 PRO n 
1 183 TYR n 
1 184 PRO n 
1 185 LYS n 
1 186 ILE n 
1 187 ILE n 
1 188 SER n 
1 189 ASP n 
1 190 VAL n 
1 191 LEU n 
1 192 ILE n 
1 193 ARG n 
1 194 GLU n 
1 195 GLN n 
1 196 LEU n 
1 197 VAL n 
1 198 LEU n 
1 199 ARG n 
1 200 CYS n 
1 201 GLY n 
1 202 SER n 
1 203 PRO n 
1 204 GLN n 
1 205 ASP n 
1 206 SER n 
1 207 LEU n 
1 208 MET n 
1 209 SER n 
1 210 ARG n 
1 211 PRO n 
1 212 ALA n 
1 213 ASN n 
1 214 GLN n 
1 215 HIS n 
1 216 LYS n 
1 217 GLN n 
1 218 ILE n 
1 219 ASP n 
1 220 SER n 
1 221 HIS n 
1 222 ARG n 
1 223 VAL n 
1 224 GLN n 
1 225 ALA n 
1 226 SER n 
# 
_entity_src_gen.entity_id                          1 
_entity_src_gen.pdbx_src_id                        1 
_entity_src_gen.pdbx_alt_source_flag               sample 
_entity_src_gen.pdbx_seq_type                      ? 
_entity_src_gen.pdbx_beg_seq_num                   ? 
_entity_src_gen.pdbx_end_seq_num                   ? 
_entity_src_gen.gene_src_common_name               'HOUSE MOUSE' 
_entity_src_gen.gene_src_genus                     ? 
_entity_src_gen.pdbx_gene_src_gene                 ? 
_entity_src_gen.gene_src_species                   ? 
_entity_src_gen.gene_src_strain                    ? 
_entity_src_gen.gene_src_tissue                    ? 
_entity_src_gen.gene_src_tissue_fraction           ? 
_entity_src_gen.gene_src_details                   ? 
_entity_src_gen.pdbx_gene_src_fragment             ? 
_entity_src_gen.pdbx_gene_src_scientific_name      'MUS MUSCULUS' 
_entity_src_gen.pdbx_gene_src_ncbi_taxonomy_id     10090 
_entity_src_gen.pdbx_gene_src_variant              ? 
_entity_src_gen.pdbx_gene_src_cell_line            ? 
_entity_src_gen.pdbx_gene_src_atcc                 ? 
_entity_src_gen.pdbx_gene_src_organ                ? 
_entity_src_gen.pdbx_gene_src_organelle            ? 
_entity_src_gen.pdbx_gene_src_cell                 ? 
_entity_src_gen.pdbx_gene_src_cellular_location    ? 
_entity_src_gen.host_org_common_name               ? 
_entity_src_gen.pdbx_host_org_scientific_name      'ESCHERICHIA COLI' 
_entity_src_gen.pdbx_host_org_ncbi_taxonomy_id     469008 
_entity_src_gen.host_org_genus                     ? 
_entity_src_gen.pdbx_host_org_gene                 ? 
_entity_src_gen.pdbx_host_org_organ                ? 
_entity_src_gen.host_org_species                   ? 
_entity_src_gen.pdbx_host_org_tissue               ? 
_entity_src_gen.pdbx_host_org_tissue_fraction      ? 
_entity_src_gen.pdbx_host_org_strain               'BL21 (DE3)' 
_entity_src_gen.pdbx_host_org_variant              ? 
_entity_src_gen.pdbx_host_org_cell_line            ? 
_entity_src_gen.pdbx_host_org_atcc                 ? 
_entity_src_gen.pdbx_host_org_culture_collection   ? 
_entity_src_gen.pdbx_host_org_cell                 ? 
_entity_src_gen.pdbx_host_org_organelle            ? 
_entity_src_gen.pdbx_host_org_cellular_location    ? 
_entity_src_gen.pdbx_host_org_vector_type          PLASMID 
_entity_src_gen.pdbx_host_org_vector               PETM11 
_entity_src_gen.host_org_details                   ? 
_entity_src_gen.expression_system_id               ? 
_entity_src_gen.plasmid_name                       ? 
_entity_src_gen.plasmid_details                    ? 
_entity_src_gen.pdbx_description                   ? 
# 
_struct_ref.id                         1 
_struct_ref.db_name                    UNP 
_struct_ref.db_code                    TDRD1_MOUSE 
_struct_ref.entity_id                  1 
_struct_ref.pdbx_seq_one_letter_code   ? 
_struct_ref.pdbx_align_begin           ? 
_struct_ref.pdbx_db_accession          Q99MV1 
_struct_ref.pdbx_db_isoform            ? 
# 
_struct_ref_seq.align_id                      1 
_struct_ref_seq.ref_id                        1 
_struct_ref_seq.pdbx_PDB_id_code              4B9X 
_struct_ref_seq.pdbx_strand_id                A 
_struct_ref_seq.seq_align_beg                 1 
_struct_ref_seq.pdbx_seq_align_beg_ins_code   ? 
_struct_ref_seq.seq_align_end                 226 
_struct_ref_seq.pdbx_seq_align_end_ins_code   ? 
_struct_ref_seq.pdbx_db_accession             Q99MV1 
_struct_ref_seq.db_align_beg                  692 
_struct_ref_seq.pdbx_db_align_beg_ins_code    ? 
_struct_ref_seq.db_align_end                  917 
_struct_ref_seq.pdbx_db_align_end_ins_code    ? 
_struct_ref_seq.pdbx_auth_seq_align_beg       692 
_struct_ref_seq.pdbx_auth_seq_align_end       917 
# 
loop_
_chem_comp.id 
_chem_comp.type 
_chem_comp.mon_nstd_flag 
_chem_comp.name 
_chem_comp.pdbx_synonyms 
_chem_comp.formula 
_chem_comp.formula_weight 
ALA 'L-peptide linking' y ALANINE         ? 'C3 H7 N O2'     89.093  
ARG 'L-peptide linking' y ARGININE        ? 'C6 H15 N4 O2 1' 175.209 
ASN 'L-peptide linking' y ASPARAGINE      ? 'C4 H8 N2 O3'    132.118 
ASP 'L-peptide linking' y 'ASPARTIC ACID' ? 'C4 H7 N O4'     133.103 
CYS 'L-peptide linking' y CYSTEINE        ? 'C3 H7 N O2 S'   121.158 
GLN 'L-peptide linking' y GLUTAMINE       ? 'C5 H10 N2 O3'   146.144 
GLU 'L-peptide linking' y 'GLUTAMIC ACID' ? 'C5 H9 N O4'     147.129 
GLY 'peptide linking'   y GLYCINE         ? 'C2 H5 N O2'     75.067  
HIS 'L-peptide linking' y HISTIDINE       ? 'C6 H10 N3 O2 1' 156.162 
ILE 'L-peptide linking' y ISOLEUCINE      ? 'C6 H13 N O2'    131.173 
LEU 'L-peptide linking' y LEUCINE         ? 'C6 H13 N O2'    131.173 
LYS 'L-peptide linking' y LYSINE          ? 'C6 H15 N2 O2 1' 147.195 
MET 'L-peptide linking' y METHIONINE      ? 'C5 H11 N O2 S'  149.211 
PHE 'L-peptide linking' y PHENYLALANINE   ? 'C9 H11 N O2'    165.189 
PRO 'L-peptide linking' y PROLINE         ? 'C5 H9 N O2'     115.130 
SER 'L-peptide linking' y SERINE          ? 'C3 H7 N O3'     105.093 
THR 'L-peptide linking' y THREONINE       ? 'C4 H9 N O3'     119.119 
TRP 'L-peptide linking' y TRYPTOPHAN      ? 'C11 H12 N2 O2'  204.225 
TYR 'L-peptide linking' y TYROSINE        ? 'C9 H11 N O3'    181.189 
VAL 'L-peptide linking' y VALINE          ? 'C5 H11 N O2'    117.146 
# 
_exptl.entry_id          4B9X 
_exptl.method            'X-RAY DIFFRACTION' 
_exptl.crystals_number   1 
# 
_exptl_crystal.id                    1 
_exptl_crystal.density_meas          ? 
_exptl_crystal.density_Matthews      2.92 
_exptl_crystal.density_percent_sol   57.9 
_exptl_crystal.description           NONE 
# 
_exptl_crystal_grow.crystal_id      1 
_exptl_crystal_grow.method          ? 
_exptl_crystal_grow.temp            293 
_exptl_crystal_grow.temp_details    ? 
_exptl_crystal_grow.pH              ? 
_exptl_crystal_grow.pdbx_pH_range   ? 
_exptl_crystal_grow.pdbx_details    '10 % PEG 1000 AND 10 % PEG 8000 AT 20C' 
# 
_diffrn.id                     1 
_diffrn.ambient_temp           100 
_diffrn.ambient_temp_details   ? 
_diffrn.crystal_id             1 
# 
_diffrn_detector.diffrn_id              1 
_diffrn_detector.detector               CCD 
_diffrn_detector.type                   'ADSC QUANTUM 315r' 
_diffrn_detector.pdbx_collection_date   2010-06-16 
_diffrn_detector.details                ? 
# 
_diffrn_radiation.diffrn_id                        1 
_diffrn_radiation.wavelength_id                    1 
_diffrn_radiation.pdbx_monochromatic_or_laue_m_l   M 
_diffrn_radiation.monochromator                    ? 
_diffrn_radiation.pdbx_diffrn_protocol             'SINGLE WAVELENGTH' 
_diffrn_radiation.pdbx_scattering_type             x-ray 
# 
_diffrn_radiation_wavelength.id           1 
_diffrn_radiation_wavelength.wavelength   0.939 
_diffrn_radiation_wavelength.wt           1.0 
# 
_diffrn_source.diffrn_id                   1 
_diffrn_source.source                      SYNCHROTRON 
_diffrn_source.type                        'ESRF BEAMLINE ID14-4' 
_diffrn_source.pdbx_synchrotron_site       ESRF 
_diffrn_source.pdbx_synchrotron_beamline   ID14-4 
_diffrn_source.pdbx_wavelength             0.939 
_diffrn_source.pdbx_wavelength_list        ? 
# 
_reflns.pdbx_diffrn_id               1 
_reflns.pdbx_ordinal                 1 
_reflns.entry_id                     4B9X 
_reflns.observed_criterion_sigma_I   0.0 
_reflns.observed_criterion_sigma_F   ? 
_reflns.d_resolution_low             50.00 
_reflns.d_resolution_high            2.80 
_reflns.number_obs                   6968 
_reflns.number_all                   ? 
_reflns.percent_possible_obs         98.8 
_reflns.pdbx_Rmerge_I_obs            0.08 
_reflns.pdbx_Rsym_value              ? 
_reflns.pdbx_netI_over_sigmaI        14.80 
_reflns.B_iso_Wilson_estimate        ? 
_reflns.pdbx_redundancy              5.87 
# 
_reflns_shell.pdbx_diffrn_id         1 
_reflns_shell.pdbx_ordinal           1 
_reflns_shell.d_res_high             2.80 
_reflns_shell.d_res_low              2.90 
_reflns_shell.percent_possible_all   93.0 
_reflns_shell.Rmerge_I_obs           0.60 
_reflns_shell.pdbx_Rsym_value        ? 
_reflns_shell.meanI_over_sigI_obs    2.75 
_reflns_shell.pdbx_redundancy        6.06 
# 
_refine.pdbx_refine_id                           'X-RAY DIFFRACTION' 
_refine.entry_id                                 4B9X 
_refine.pdbx_diffrn_id                           1 
_refine.pdbx_TLS_residual_ADP_flag               ? 
_refine.ls_number_reflns_obs                     6638 
_refine.ls_number_reflns_all                     ? 
_refine.pdbx_ls_sigma_I                          ? 
_refine.pdbx_ls_sigma_F                          ? 
_refine.pdbx_data_cutoff_high_absF               ? 
_refine.pdbx_data_cutoff_low_absF                ? 
_refine.pdbx_data_cutoff_high_rms_absF           ? 
_refine.ls_d_res_low                             45.63 
_refine.ls_d_res_high                            2.80 
_refine.ls_percent_reflns_obs                    99.16 
_refine.ls_R_factor_obs                          0.22384 
_refine.ls_R_factor_all                          ? 
_refine.ls_R_factor_R_work                       0.22281 
_refine.ls_R_factor_R_free                       0.24418 
_refine.ls_R_factor_R_free_error                 ? 
_refine.ls_R_factor_R_free_error_details         ? 
_refine.ls_percent_reflns_R_free                 4.7 
_refine.ls_number_reflns_R_free                  330 
_refine.ls_number_parameters                     ? 
_refine.ls_number_restraints                     ? 
_refine.occupancy_min                            ? 
_refine.occupancy_max                            ? 
_refine.correlation_coeff_Fo_to_Fc               0.936 
_refine.correlation_coeff_Fo_to_Fc_free          0.918 
_refine.B_iso_mean                               59.078 
_refine.aniso_B[1][1]                            -0.03 
_refine.aniso_B[2][2]                            -0.03 
_refine.aniso_B[3][3]                            0.05 
_refine.aniso_B[1][2]                            0.00 
_refine.aniso_B[1][3]                            0.00 
_refine.aniso_B[2][3]                            0.00 
_refine.solvent_model_details                    MASK 
_refine.solvent_model_param_ksol                 ? 
_refine.solvent_model_param_bsol                 ? 
_refine.pdbx_solvent_vdw_probe_radii             1.20 
_refine.pdbx_solvent_ion_probe_radii             0.80 
_refine.pdbx_solvent_shrinkage_radii             0.80 
_refine.pdbx_ls_cross_valid_method               THROUGHOUT 
_refine.details                                  'HYDROGENS HAVE BEEN ADDED IN THE RIDING POSITIONS. U VALUES REFINED INDIVIDUALLY' 
_refine.pdbx_starting_model                      'PDB 4B9W' 
_refine.pdbx_method_to_determine_struct          'MOLECULAR REPLACEMENT' 
_refine.pdbx_isotropic_thermal_model             ? 
_refine.pdbx_stereochemistry_target_values       'MAXIMUM LIKELIHOOD' 
_refine.pdbx_stereochem_target_val_spec_case     ? 
_refine.pdbx_R_Free_selection_details            RANDOM 
_refine.pdbx_overall_ESU_R                       1.164 
_refine.pdbx_overall_ESU_R_Free                  0.337 
_refine.overall_SU_ML                            0.258 
_refine.pdbx_overall_phase_error                 ? 
_refine.overall_SU_B                             13.194 
_refine.overall_SU_R_Cruickshank_DPI             ? 
_refine.pdbx_overall_SU_R_free_Cruickshank_DPI   ? 
_refine.pdbx_overall_SU_R_Blow_DPI               ? 
_refine.pdbx_overall_SU_R_free_Blow_DPI          ? 
# 
_refine_hist.pdbx_refine_id                   'X-RAY DIFFRACTION' 
_refine_hist.cycle_id                         LAST 
_refine_hist.pdbx_number_atoms_protein        1544 
_refine_hist.pdbx_number_atoms_nucleic_acid   0 
_refine_hist.pdbx_number_atoms_ligand         0 
_refine_hist.number_atoms_solvent             0 
_refine_hist.number_atoms_total               1544 
_refine_hist.d_res_high                       2.80 
_refine_hist.d_res_low                        45.63 
# 
loop_
_refine_ls_restr.type 
_refine_ls_restr.dev_ideal 
_refine_ls_restr.dev_ideal_target 
_refine_ls_restr.weight 
_refine_ls_restr.number 
_refine_ls_restr.pdbx_refine_id 
_refine_ls_restr.pdbx_restraint_function 
r_bond_refined_d             0.006  0.020  ? 1582 'X-RAY DIFFRACTION' ? 
r_bond_other_d               0.001  0.020  ? 1049 'X-RAY DIFFRACTION' ? 
r_angle_refined_deg          0.992  1.957  ? 2155 'X-RAY DIFFRACTION' ? 
r_angle_other_deg            0.766  3.000  ? 2570 'X-RAY DIFFRACTION' ? 
r_dihedral_angle_1_deg       5.844  5.000  ? 192  'X-RAY DIFFRACTION' ? 
r_dihedral_angle_2_deg       36.147 25.068 ? 73   'X-RAY DIFFRACTION' ? 
r_dihedral_angle_3_deg       13.681 15.000 ? 261  'X-RAY DIFFRACTION' ? 
r_dihedral_angle_4_deg       16.745 15.000 ? 6    'X-RAY DIFFRACTION' ? 
r_chiral_restr               0.057  0.200  ? 243  'X-RAY DIFFRACTION' ? 
r_gen_planes_refined         0.005  0.021  ? 1743 'X-RAY DIFFRACTION' ? 
r_gen_planes_other           0.001  0.020  ? 315  'X-RAY DIFFRACTION' ? 
r_nbd_refined                ?      ?      ? ?    'X-RAY DIFFRACTION' ? 
r_nbd_other                  ?      ?      ? ?    'X-RAY DIFFRACTION' ? 
r_nbtor_refined              ?      ?      ? ?    'X-RAY DIFFRACTION' ? 
r_nbtor_other                ?      ?      ? ?    'X-RAY DIFFRACTION' ? 
r_xyhbond_nbd_refined        ?      ?      ? ?    'X-RAY DIFFRACTION' ? 
r_xyhbond_nbd_other          ?      ?      ? ?    'X-RAY DIFFRACTION' ? 
r_metal_ion_refined          ?      ?      ? ?    'X-RAY DIFFRACTION' ? 
r_metal_ion_other            ?      ?      ? ?    'X-RAY DIFFRACTION' ? 
r_symmetry_vdw_refined       ?      ?      ? ?    'X-RAY DIFFRACTION' ? 
r_symmetry_vdw_other         ?      ?      ? ?    'X-RAY DIFFRACTION' ? 
r_symmetry_hbond_refined     ?      ?      ? ?    'X-RAY DIFFRACTION' ? 
r_symmetry_hbond_other       ?      ?      ? ?    'X-RAY DIFFRACTION' ? 
r_symmetry_metal_ion_refined ?      ?      ? ?    'X-RAY DIFFRACTION' ? 
r_symmetry_metal_ion_other   ?      ?      ? ?    'X-RAY DIFFRACTION' ? 
r_mcbond_it                  ?      ?      ? ?    'X-RAY DIFFRACTION' ? 
r_mcbond_other               ?      ?      ? ?    'X-RAY DIFFRACTION' ? 
r_mcangle_it                 ?      ?      ? ?    'X-RAY DIFFRACTION' ? 
r_mcangle_other              ?      ?      ? ?    'X-RAY DIFFRACTION' ? 
r_scbond_it                  ?      ?      ? ?    'X-RAY DIFFRACTION' ? 
r_scbond_other               ?      ?      ? ?    'X-RAY DIFFRACTION' ? 
r_scangle_it                 ?      ?      ? ?    'X-RAY DIFFRACTION' ? 
r_scangle_other              ?      ?      ? ?    'X-RAY DIFFRACTION' ? 
r_long_range_B_refined       ?      ?      ? ?    'X-RAY DIFFRACTION' ? 
r_long_range_B_other         ?      ?      ? ?    'X-RAY DIFFRACTION' ? 
r_rigid_bond_restr           ?      ?      ? ?    'X-RAY DIFFRACTION' ? 
r_sphericity_free            ?      ?      ? ?    'X-RAY DIFFRACTION' ? 
r_sphericity_bonded          ?      ?      ? ?    'X-RAY DIFFRACTION' ? 
# 
_refine_ls_shell.pdbx_refine_id                   'X-RAY DIFFRACTION' 
_refine_ls_shell.pdbx_total_number_of_bins_used   20 
_refine_ls_shell.d_res_high                       2.804 
_refine_ls_shell.d_res_low                        2.877 
_refine_ls_shell.number_reflns_R_work             390 
_refine_ls_shell.R_factor_R_work                  0.356 
_refine_ls_shell.percent_reflns_obs               94.91 
_refine_ls_shell.R_factor_R_free                  0.360 
_refine_ls_shell.R_factor_R_free_error            ? 
_refine_ls_shell.percent_reflns_R_free            ? 
_refine_ls_shell.number_reflns_R_free             20 
_refine_ls_shell.number_reflns_all                ? 
_refine_ls_shell.R_factor_all                     ? 
# 
_struct.entry_id                  4B9X 
_struct.title                     'Structure of extended Tudor domain TD3 from mouse TDRD1' 
_struct.pdbx_model_details        ? 
_struct.pdbx_CASP_flag            ? 
_struct.pdbx_model_type_details   ? 
# 
_struct_keywords.entry_id        4B9X 
_struct_keywords.pdbx_keywords   REPLICATION 
_struct_keywords.text            REPLICATION 
# 
_struct_asym.id                            A 
_struct_asym.pdbx_blank_PDB_chainid_flag   N 
_struct_asym.pdbx_modified                 N 
_struct_asym.entity_id                     1 
_struct_asym.details                       ? 
# 
_struct_biol.id   1 
# 
loop_
_struct_conf.conf_type_id 
_struct_conf.id 
_struct_conf.pdbx_PDB_helix_id 
_struct_conf.beg_label_comp_id 
_struct_conf.beg_label_asym_id 
_struct_conf.beg_label_seq_id 
_struct_conf.pdbx_beg_PDB_ins_code 
_struct_conf.end_label_comp_id 
_struct_conf.end_label_asym_id 
_struct_conf.end_label_seq_id 
_struct_conf.pdbx_end_PDB_ins_code 
_struct_conf.beg_auth_comp_id 
_struct_conf.beg_auth_asym_id 
_struct_conf.beg_auth_seq_id 
_struct_conf.end_auth_comp_id 
_struct_conf.end_auth_asym_id 
_struct_conf.end_auth_seq_id 
_struct_conf.pdbx_PDB_helix_class 
_struct_conf.details 
_struct_conf.pdbx_PDB_helix_length 
HELX_P HELX_P1 1 ASP A 40  ? CYS A 56  ? ASP A 731 CYS A 747 1 ? 17 
HELX_P HELX_P2 2 LEU A 118 ? LEU A 122 ? LEU A 809 LEU A 813 5 ? 5  
HELX_P HELX_P3 3 THR A 144 ? VAL A 156 ? THR A 835 VAL A 847 1 ? 13 
HELX_P HELX_P4 4 ILE A 187 ? GLU A 194 ? ILE A 878 GLU A 885 1 ? 8  
# 
_struct_conf_type.id          HELX_P 
_struct_conf_type.criteria    ? 
_struct_conf_type.reference   ? 
# 
loop_
_struct_sheet.id 
_struct_sheet.type 
_struct_sheet.number_strands 
_struct_sheet.details 
AA ? 6 ? 
AB ? 5 ? 
AC ? 2 ? 
# 
loop_
_struct_sheet_order.sheet_id 
_struct_sheet_order.range_id_1 
_struct_sheet_order.range_id_2 
_struct_sheet_order.offset 
_struct_sheet_order.sense 
AA 1 2 ? anti-parallel 
AA 2 3 ? parallel      
AA 3 4 ? parallel      
AA 4 5 ? anti-parallel 
AB 1 2 ? anti-parallel 
AB 2 3 ? anti-parallel 
AB 3 4 ? anti-parallel 
AB 4 5 ? anti-parallel 
AC 1 2 ? anti-parallel 
# 
loop_
_struct_sheet_range.sheet_id 
_struct_sheet_range.id 
_struct_sheet_range.beg_label_comp_id 
_struct_sheet_range.beg_label_asym_id 
_struct_sheet_range.beg_label_seq_id 
_struct_sheet_range.pdbx_beg_PDB_ins_code 
_struct_sheet_range.end_label_comp_id 
_struct_sheet_range.end_label_asym_id 
_struct_sheet_range.end_label_seq_id 
_struct_sheet_range.pdbx_end_PDB_ins_code 
_struct_sheet_range.beg_auth_comp_id 
_struct_sheet_range.beg_auth_asym_id 
_struct_sheet_range.beg_auth_seq_id 
_struct_sheet_range.end_auth_comp_id 
_struct_sheet_range.end_auth_asym_id 
_struct_sheet_range.end_auth_seq_id 
AA 1 THR A 18  ? SER A 28  ? THR A 709 SER A 719 
AA 2 LEU A 160 ? ILE A 167 ? LEU A 851 ILE A 858 
AA 3 VAL A 172 ? ASP A 178 ? VAL A 863 ASP A 869 
AA 4 MET A 129 ? LEU A 133 ? MET A 820 LEU A 824 
AA 5 GLU A 31  ? PHE A 36  ? GLU A 722 PHE A 727 
AA 6 THR A 18  ? SER A 28  ? THR A 709 SER A 719 
AB 1 VAL A 106 ? THR A 110 ? VAL A 797 THR A 801 
AB 2 ASN A 95  ? HIS A 99  ? ASN A 786 HIS A 790 
AB 3 ASN A 81  ? ILE A 90  ? ASN A 772 ILE A 781 
AB 4 PRO A 71  ? PHE A 76  ? PRO A 762 PHE A 767 
AB 5 LEU A 114 ? GLN A 115 ? LEU A 805 GLN A 806 
AC 1 ILE A 136 ? GLN A 137 ? ILE A 827 GLN A 828 
AC 2 LEU A 198 ? ARG A 199 ? LEU A 889 ARG A 890 
# 
loop_
_pdbx_struct_sheet_hbond.sheet_id 
_pdbx_struct_sheet_hbond.range_id_1 
_pdbx_struct_sheet_hbond.range_id_2 
_pdbx_struct_sheet_hbond.range_1_label_atom_id 
_pdbx_struct_sheet_hbond.range_1_label_comp_id 
_pdbx_struct_sheet_hbond.range_1_label_asym_id 
_pdbx_struct_sheet_hbond.range_1_label_seq_id 
_pdbx_struct_sheet_hbond.range_1_PDB_ins_code 
_pdbx_struct_sheet_hbond.range_1_auth_atom_id 
_pdbx_struct_sheet_hbond.range_1_auth_comp_id 
_pdbx_struct_sheet_hbond.range_1_auth_asym_id 
_pdbx_struct_sheet_hbond.range_1_auth_seq_id 
_pdbx_struct_sheet_hbond.range_2_label_atom_id 
_pdbx_struct_sheet_hbond.range_2_label_comp_id 
_pdbx_struct_sheet_hbond.range_2_label_asym_id 
_pdbx_struct_sheet_hbond.range_2_label_seq_id 
_pdbx_struct_sheet_hbond.range_2_PDB_ins_code 
_pdbx_struct_sheet_hbond.range_2_auth_atom_id 
_pdbx_struct_sheet_hbond.range_2_auth_comp_id 
_pdbx_struct_sheet_hbond.range_2_auth_asym_id 
_pdbx_struct_sheet_hbond.range_2_auth_seq_id 
AA 1 2 N VAL A 21  ? N VAL A 712 O LEU A 160 ? O LEU A 851 
AA 2 3 N VAL A 165 ? N VAL A 856 O GLY A 173 ? O GLY A 864 
AA 3 4 N VAL A 172 ? N VAL A 863 O GLN A 130 ? O GLN A 821 
AA 4 5 N CYS A 131 ? N CYS A 822 O PHE A 32  ? O PHE A 723 
AB 1 2 N VAL A 109 ? N VAL A 800 O VAL A 96  ? O VAL A 787 
AB 2 3 N HIS A 99  ? N HIS A 790 O LEU A 86  ? O LEU A 777 
AB 3 4 N ALA A 85  ? N ALA A 776 O CYS A 72  ? O CYS A 763 
AB 4 5 N CYS A 73  ? N CYS A 764 O GLN A 115 ? O GLN A 806 
AC 1 2 N GLN A 137 ? N GLN A 828 O LEU A 198 ? O LEU A 889 
# 
_atom_sites.entry_id                    4B9X 
_atom_sites.fract_transf_matrix[1][1]   0.00392645 
_atom_sites.fract_transf_matrix[1][2]   -0.01157299 
_atom_sites.fract_transf_matrix[1][3]   0.01014488 
_atom_sites.fract_transf_matrix[2][1]   0.01331215 
_atom_sites.fract_transf_matrix[2][2]   -0.00269977 
_atom_sites.fract_transf_matrix[2][3]   -0.00823212 
_atom_sites.fract_transf_matrix[3][1]   0.00367000 
_atom_sites.fract_transf_matrix[3][2]   0.00500786 
_atom_sites.fract_transf_matrix[3][3]   0.00429240 
_atom_sites.fract_transf_vector[1]      0.266180 
_atom_sites.fract_transf_vector[2]      -0.352207 
_atom_sites.fract_transf_vector[3]      0.022265 
# 
loop_
_atom_type.symbol 
C 
N 
O 
S 
# 
loop_
_atom_site.group_PDB 
_atom_site.id 
_atom_site.type_symbol 
_atom_site.label_atom_id 
_atom_site.label_alt_id 
_atom_site.label_comp_id 
_atom_site.label_asym_id 
_atom_site.label_entity_id 
_atom_site.label_seq_id 
_atom_site.pdbx_PDB_ins_code 
_atom_site.Cartn_x 
_atom_site.Cartn_y 
_atom_site.Cartn_z 
_atom_site.occupancy 
_atom_site.B_iso_or_equiv 
_atom_site.pdbx_formal_charge 
_atom_site.auth_seq_id 
_atom_site.auth_comp_id 
_atom_site.auth_asym_id 
_atom_site.auth_atom_id 
_atom_site.pdbx_PDB_model_num 
ATOM 1    N N   . LEU A 1 6   ? 4.029   -19.483 -10.546 1.00 85.43  ? 697 LEU A N   1 
ATOM 2    C CA  . LEU A 1 6   ? 4.557   -18.298 -9.811  1.00 83.12  ? 697 LEU A CA  1 
ATOM 3    C C   . LEU A 1 6   ? 3.914   -18.194 -8.435  1.00 82.72  ? 697 LEU A C   1 
ATOM 4    O O   . LEU A 1 6   ? 2.730   -18.486 -8.276  1.00 82.42  ? 697 LEU A O   1 
ATOM 5    C CB  . LEU A 1 6   ? 4.283   -17.009 -10.595 1.00 81.85  ? 697 LEU A CB  1 
ATOM 6    C CG  . LEU A 1 6   ? 4.994   -16.820 -11.940 1.00 80.66  ? 697 LEU A CG  1 
ATOM 7    C CD1 . LEU A 1 6   ? 4.659   -15.456 -12.527 1.00 76.78  ? 697 LEU A CD1 1 
ATOM 8    C CD2 . LEU A 1 6   ? 6.501   -16.989 -11.799 1.00 79.30  ? 697 LEU A CD2 1 
ATOM 9    N N   . GLU A 1 7   ? 4.701   -17.768 -7.452  1.00 82.89  ? 698 GLU A N   1 
ATOM 10   C CA  . GLU A 1 7   ? 4.216   -17.575 -6.086  1.00 84.03  ? 698 GLU A CA  1 
ATOM 11   C C   . GLU A 1 7   ? 4.745   -16.267 -5.496  1.00 81.22  ? 698 GLU A C   1 
ATOM 12   O O   . GLU A 1 7   ? 5.800   -15.770 -5.893  1.00 82.86  ? 698 GLU A O   1 
ATOM 13   C CB  . GLU A 1 7   ? 4.624   -18.754 -5.197  1.00 87.32  ? 698 GLU A CB  1 
ATOM 14   C CG  . GLU A 1 7   ? 6.119   -19.055 -5.208  1.00 92.20  ? 698 GLU A CG  1 
ATOM 15   C CD  . GLU A 1 7   ? 6.555   -19.972 -4.077  1.00 96.58  ? 698 GLU A CD  1 
ATOM 16   O OE1 . GLU A 1 7   ? 6.155   -19.734 -2.915  1.00 97.10  ? 698 GLU A OE1 1 
ATOM 17   O OE2 . GLU A 1 7   ? 7.313   -20.929 -4.347  1.00 102.95 ? 698 GLU A OE2 1 
ATOM 18   N N   . TRP A 1 8   ? 4.005   -15.724 -4.537  1.00 76.67  ? 699 TRP A N   1 
ATOM 19   C CA  . TRP A 1 8   ? 4.349   -14.452 -3.916  1.00 72.54  ? 699 TRP A CA  1 
ATOM 20   C C   . TRP A 1 8   ? 3.651   -14.332 -2.595  1.00 69.31  ? 699 TRP A C   1 
ATOM 21   O O   . TRP A 1 8   ? 2.806   -15.163 -2.267  1.00 72.28  ? 699 TRP A O   1 
ATOM 22   C CB  . TRP A 1 8   ? 3.933   -13.317 -4.830  1.00 74.52  ? 699 TRP A CB  1 
ATOM 23   C CG  . TRP A 1 8   ? 2.478   -13.384 -5.222  1.00 75.51  ? 699 TRP A CG  1 
ATOM 24   C CD1 . TRP A 1 8   ? 1.925   -14.025 -6.326  1.00 77.27  ? 699 TRP A CD1 1 
ATOM 25   C CD2 . TRP A 1 8   ? 1.336   -12.792 -4.513  1.00 76.28  ? 699 TRP A CD2 1 
ATOM 26   N NE1 . TRP A 1 8   ? 0.561   -13.867 -6.351  1.00 78.74  ? 699 TRP A NE1 1 
ATOM 27   C CE2 . TRP A 1 8   ? 0.145   -13.138 -5.291  1.00 76.85  ? 699 TRP A CE2 1 
ATOM 28   C CE3 . TRP A 1 8   ? 1.188   -12.036 -3.357  1.00 77.71  ? 699 TRP A CE3 1 
ATOM 29   C CZ2 . TRP A 1 8   ? -1.124  -12.733 -4.910  1.00 79.81  ? 699 TRP A CZ2 1 
ATOM 30   C CZ3 . TRP A 1 8   ? -0.099  -11.631 -2.981  1.00 79.73  ? 699 TRP A CZ3 1 
ATOM 31   C CH2 . TRP A 1 8   ? -1.226  -11.974 -3.741  1.00 80.30  ? 699 TRP A CH2 1 
ATOM 32   N N   . THR A 1 9   ? 3.990   -13.302 -1.824  1.00 65.74  ? 700 THR A N   1 
ATOM 33   C CA  . THR A 1 9   ? 3.422   -13.120 -0.485  1.00 62.19  ? 700 THR A CA  1 
ATOM 34   C C   . THR A 1 9   ? 3.280   -11.654 -0.102  1.00 61.75  ? 700 THR A C   1 
ATOM 35   O O   . THR A 1 9   ? 3.931   -10.785 -0.671  1.00 64.93  ? 700 THR A O   1 
ATOM 36   C CB  . THR A 1 9   ? 4.302   -13.788 0.595   1.00 60.08  ? 700 THR A CB  1 
ATOM 37   O OG1 . THR A 1 9   ? 5.606   -13.195 0.587   1.00 60.09  ? 700 THR A OG1 1 
ATOM 38   C CG2 . THR A 1 9   ? 4.437   -15.285 0.349   1.00 60.10  ? 700 THR A CG2 1 
ATOM 39   N N   . TRP A 1 10  ? 2.413   -11.396 0.871   1.00 61.86  ? 701 TRP A N   1 
ATOM 40   C CA  . TRP A 1 10  ? 2.349   -10.104 1.544   1.00 60.27  ? 701 TRP A CA  1 
ATOM 41   C C   . TRP A 1 10  ? 3.282   -10.150 2.722   1.00 56.31  ? 701 TRP A C   1 
ATOM 42   O O   . TRP A 1 10  ? 3.691   -11.227 3.160   1.00 57.22  ? 701 TRP A O   1 
ATOM 43   C CB  . TRP A 1 10  ? 0.938   -9.813  2.055   1.00 63.39  ? 701 TRP A CB  1 
ATOM 44   C CG  . TRP A 1 10  ? -0.119  -9.457  1.024   1.00 66.21  ? 701 TRP A CG  1 
ATOM 45   C CD1 . TRP A 1 10  ? -1.327  -10.112 0.803   1.00 68.51  ? 701 TRP A CD1 1 
ATOM 46   C CD2 . TRP A 1 10  ? -0.133  -8.322  0.081   1.00 66.20  ? 701 TRP A CD2 1 
ATOM 47   N NE1 . TRP A 1 10  ? -2.053  -9.494  -0.185  1.00 69.38  ? 701 TRP A NE1 1 
ATOM 48   C CE2 . TRP A 1 10  ? -1.396  -8.419  -0.660  1.00 68.39  ? 701 TRP A CE2 1 
ATOM 49   C CE3 . TRP A 1 10  ? 0.737   -7.286  -0.216  1.00 65.32  ? 701 TRP A CE3 1 
ATOM 50   C CZ2 . TRP A 1 10  ? -1.741  -7.511  -1.646  1.00 69.03  ? 701 TRP A CZ2 1 
ATOM 51   C CZ3 . TRP A 1 10  ? 0.377   -6.374  -1.212  1.00 66.83  ? 701 TRP A CZ3 1 
ATOM 52   C CH2 . TRP A 1 10  ? -0.830  -6.488  -1.913  1.00 68.32  ? 701 TRP A CH2 1 
ATOM 53   N N   . VAL A 1 11  ? 3.611   -8.978  3.255   1.00 53.26  ? 702 VAL A N   1 
ATOM 54   C CA  . VAL A 1 11  ? 4.392   -8.859  4.481   1.00 51.17  ? 702 VAL A CA  1 
ATOM 55   C C   . VAL A 1 11  ? 3.551   -9.453  5.606   1.00 52.31  ? 702 VAL A C   1 
ATOM 56   O O   . VAL A 1 11  ? 2.348   -9.218  5.661   1.00 54.11  ? 702 VAL A O   1 
ATOM 57   C CB  . VAL A 1 11  ? 4.768   -7.379  4.758   1.00 49.03  ? 702 VAL A CB  1 
ATOM 58   C CG1 . VAL A 1 11  ? 5.505   -7.219  6.081   1.00 47.52  ? 702 VAL A CG1 1 
ATOM 59   C CG2 . VAL A 1 11  ? 5.616   -6.838  3.621   1.00 45.03  ? 702 VAL A CG2 1 
ATOM 60   N N   . GLU A 1 12  ? 4.176   -10.248 6.471   1.00 55.45  ? 703 GLU A N   1 
ATOM 61   C CA  . GLU A 1 12  ? 3.461   -10.980 7.524   1.00 55.66  ? 703 GLU A CA  1 
ATOM 62   C C   . GLU A 1 12  ? 3.637   -10.271 8.851   1.00 52.60  ? 703 GLU A C   1 
ATOM 63   O O   . GLU A 1 12  ? 4.611   -9.547  9.051   1.00 48.14  ? 703 GLU A O   1 
ATOM 64   C CB  . GLU A 1 12  ? 4.005   -12.405 7.692   1.00 60.51  ? 703 GLU A CB  1 
ATOM 65   C CG  . GLU A 1 12  ? 4.326   -13.167 6.416   1.00 65.26  ? 703 GLU A CG  1 
ATOM 66   C CD  . GLU A 1 12  ? 3.092   -13.688 5.715   1.00 70.27  ? 703 GLU A CD  1 
ATOM 67   O OE1 . GLU A 1 12  ? 2.171   -12.875 5.453   1.00 73.04  ? 703 GLU A OE1 1 
ATOM 68   O OE2 . GLU A 1 12  ? 3.045   -14.911 5.434   1.00 70.49  ? 703 GLU A OE2 1 
ATOM 69   N N   . PHE A 1 13  ? 2.709   -10.517 9.767   1.00 51.16  ? 704 PHE A N   1 
ATOM 70   C CA  . PHE A 1 13  ? 2.782   -9.930  11.094  1.00 51.89  ? 704 PHE A CA  1 
ATOM 71   C C   . PHE A 1 13  ? 2.336   -10.911 12.150  1.00 52.91  ? 704 PHE A C   1 
ATOM 72   O O   . PHE A 1 13  ? 1.708   -11.922 11.852  1.00 52.92  ? 704 PHE A O   1 
ATOM 73   C CB  . PHE A 1 13  ? 1.907   -8.676  11.187  1.00 51.76  ? 704 PHE A CB  1 
ATOM 74   C CG  . PHE A 1 13  ? 2.224   -7.650  10.145  1.00 51.21  ? 704 PHE A CG  1 
ATOM 75   C CD1 . PHE A 1 13  ? 3.303   -6.794  10.308  1.00 50.89  ? 704 PHE A CD1 1 
ATOM 76   C CD2 . PHE A 1 13  ? 1.467   -7.566  8.987   1.00 50.76  ? 704 PHE A CD2 1 
ATOM 77   C CE1 . PHE A 1 13  ? 3.614   -5.862  9.341   1.00 51.12  ? 704 PHE A CE1 1 
ATOM 78   C CE2 . PHE A 1 13  ? 1.771   -6.634  8.016   1.00 51.10  ? 704 PHE A CE2 1 
ATOM 79   C CZ  . PHE A 1 13  ? 2.847   -5.780  8.193   1.00 52.15  ? 704 PHE A CZ  1 
ATOM 80   N N   . THR A 1 14  ? 2.696   -10.593 13.386  1.00 53.64  ? 705 THR A N   1 
ATOM 81   C CA  . THR A 1 14  ? 2.147   -11.239 14.559  1.00 54.48  ? 705 THR A CA  1 
ATOM 82   C C   . THR A 1 14  ? 1.262   -10.194 15.231  1.00 52.88  ? 705 THR A C   1 
ATOM 83   O O   . THR A 1 14  ? 1.480   -8.996  15.062  1.00 53.49  ? 705 THR A O   1 
ATOM 84   C CB  . THR A 1 14  ? 3.264   -11.700 15.517  1.00 54.36  ? 705 THR A CB  1 
ATOM 85   O OG1 . THR A 1 14  ? 3.963   -10.558 16.029  1.00 54.98  ? 705 THR A OG1 1 
ATOM 86   C CG2 . THR A 1 14  ? 4.250   -12.613 14.796  1.00 52.32  ? 705 THR A CG2 1 
ATOM 87   N N   . VAL A 1 15  ? 0.263   -10.639 15.983  1.00 53.63  ? 706 VAL A N   1 
ATOM 88   C CA  . VAL A 1 15  ? -0.671  -9.715  16.632  1.00 55.20  ? 706 VAL A CA  1 
ATOM 89   C C   . VAL A 1 15  ? 0.053   -8.854  17.668  1.00 55.99  ? 706 VAL A C   1 
ATOM 90   O O   . VAL A 1 15  ? 0.952   -9.329  18.358  1.00 57.56  ? 706 VAL A O   1 
ATOM 91   C CB  . VAL A 1 15  ? -1.851  -10.475 17.272  1.00 55.11  ? 706 VAL A CB  1 
ATOM 92   C CG1 . VAL A 1 15  ? -2.708  -9.555  18.127  1.00 54.08  ? 706 VAL A CG1 1 
ATOM 93   C CG2 . VAL A 1 15  ? -2.691  -11.122 16.183  1.00 55.14  ? 706 VAL A CG2 1 
ATOM 94   N N   . ASP A 1 16  ? -0.334  -7.579  17.736  1.00 56.32  ? 707 ASP A N   1 
ATOM 95   C CA  . ASP A 1 16  ? 0.279   -6.576  18.628  1.00 58.05  ? 707 ASP A CA  1 
ATOM 96   C C   . ASP A 1 16  ? 1.753   -6.236  18.333  1.00 55.37  ? 707 ASP A C   1 
ATOM 97   O O   . ASP A 1 16  ? 2.436   -5.648  19.161  1.00 53.29  ? 707 ASP A O   1 
ATOM 98   C CB  . ASP A 1 16  ? 0.082   -6.954  20.107  1.00 61.34  ? 707 ASP A CB  1 
ATOM 99   C CG  . ASP A 1 16  ? -1.384  -6.879  20.547  1.00 65.13  ? 707 ASP A CG  1 
ATOM 100  O OD1 . ASP A 1 16  ? -2.213  -6.282  19.820  1.00 64.10  ? 707 ASP A OD1 1 
ATOM 101  O OD2 . ASP A 1 16  ? -1.706  -7.412  21.634  1.00 70.25  ? 707 ASP A OD2 1 
ATOM 102  N N   . GLU A 1 17  ? 2.223   -6.578  17.138  1.00 54.62  ? 708 GLU A N   1 
ATOM 103  C CA  . GLU A 1 17  ? 3.547   -6.186  16.683  1.00 54.15  ? 708 GLU A CA  1 
ATOM 104  C C   . GLU A 1 17  ? 3.616   -4.668  16.503  1.00 54.17  ? 708 GLU A C   1 
ATOM 105  O O   . GLU A 1 17  ? 2.855   -4.100  15.720  1.00 53.83  ? 708 GLU A O   1 
ATOM 106  C CB  . GLU A 1 17  ? 3.854   -6.888  15.358  1.00 55.21  ? 708 GLU A CB  1 
ATOM 107  C CG  . GLU A 1 17  ? 5.198   -6.543  14.729  1.00 58.09  ? 708 GLU A CG  1 
ATOM 108  C CD  . GLU A 1 17  ? 5.496   -7.379  13.490  1.00 62.66  ? 708 GLU A CD  1 
ATOM 109  O OE1 . GLU A 1 17  ? 4.770   -8.372  13.245  1.00 63.06  ? 708 GLU A OE1 1 
ATOM 110  O OE2 . GLU A 1 17  ? 6.459   -7.047  12.758  1.00 63.24  ? 708 GLU A OE2 1 
ATOM 111  N N   . THR A 1 18  ? 4.509   -4.006  17.237  1.00 53.78  ? 709 THR A N   1 
ATOM 112  C CA  . THR A 1 18  ? 4.777   -2.591  16.984  1.00 53.73  ? 709 THR A CA  1 
ATOM 113  C C   . THR A 1 18  ? 5.892   -2.487  15.968  1.00 51.74  ? 709 THR A C   1 
ATOM 114  O O   . THR A 1 18  ? 6.871   -3.221  16.034  1.00 51.34  ? 709 THR A O   1 
ATOM 115  C CB  . THR A 1 18  ? 5.157   -1.804  18.247  1.00 54.79  ? 709 THR A CB  1 
ATOM 116  O OG1 . THR A 1 18  ? 6.167   -2.513  18.962  1.00 59.40  ? 709 THR A OG1 1 
ATOM 117  C CG2 . THR A 1 18  ? 3.939   -1.609  19.147  1.00 56.85  ? 709 THR A CG2 1 
ATOM 118  N N   . VAL A 1 19  ? 5.730   -1.575  15.021  1.00 52.03  ? 710 VAL A N   1 
ATOM 119  C CA  . VAL A 1 19  ? 6.650   -1.461  13.903  1.00 52.96  ? 710 VAL A CA  1 
ATOM 120  C C   . VAL A 1 19  ? 6.413   -0.111  13.239  1.00 53.19  ? 710 VAL A C   1 
ATOM 121  O O   . VAL A 1 19  ? 5.280   0.359   13.171  1.00 54.37  ? 710 VAL A O   1 
ATOM 122  C CB  . VAL A 1 19  ? 6.447   -2.626  12.901  1.00 54.48  ? 710 VAL A CB  1 
ATOM 123  C CG1 . VAL A 1 19  ? 4.973   -2.775  12.548  1.00 56.26  ? 710 VAL A CG1 1 
ATOM 124  C CG2 . VAL A 1 19  ? 7.273   -2.427  11.638  1.00 54.39  ? 710 VAL A CG2 1 
ATOM 125  N N   . ASP A 1 20  ? 7.489   0.513   12.771  1.00 56.22  ? 711 ASP A N   1 
ATOM 126  C CA  . ASP A 1 20  ? 7.427   1.850   12.181  1.00 56.13  ? 711 ASP A CA  1 
ATOM 127  C C   . ASP A 1 20  ? 6.940   1.772   10.749  1.00 53.05  ? 711 ASP A C   1 
ATOM 128  O O   . ASP A 1 20  ? 7.224   0.803   10.048  1.00 53.34  ? 711 ASP A O   1 
ATOM 129  C CB  . ASP A 1 20  ? 8.799   2.526   12.220  1.00 60.64  ? 711 ASP A CB  1 
ATOM 130  C CG  . ASP A 1 20  ? 9.298   2.764   13.643  1.00 69.54  ? 711 ASP A CG  1 
ATOM 131  O OD1 . ASP A 1 20  ? 9.002   1.931   14.537  1.00 75.94  ? 711 ASP A OD1 1 
ATOM 132  O OD2 . ASP A 1 20  ? 9.992   3.786   13.869  1.00 75.59  ? 711 ASP A OD2 1 
ATOM 133  N N   . VAL A 1 21  ? 6.211   2.801   10.326  1.00 50.28  ? 712 VAL A N   1 
ATOM 134  C CA  . VAL A 1 21  ? 5.626   2.845   8.996   1.00 49.34  ? 712 VAL A CA  1 
ATOM 135  C C   . VAL A 1 21  ? 5.741   4.238   8.385   1.00 50.06  ? 712 VAL A C   1 
ATOM 136  O O   . VAL A 1 21  ? 5.998   5.211   9.092   1.00 48.93  ? 712 VAL A O   1 
ATOM 137  C CB  . VAL A 1 21  ? 4.131   2.463   9.042   1.00 50.11  ? 712 VAL A CB  1 
ATOM 138  C CG1 . VAL A 1 21  ? 3.962   1.002   9.439   1.00 51.02  ? 712 VAL A CG1 1 
ATOM 139  C CG2 . VAL A 1 21  ? 3.366   3.373   9.993   1.00 47.79  ? 712 VAL A CG2 1 
ATOM 140  N N   . VAL A 1 22  ? 5.571   4.315   7.067   1.00 48.99  ? 713 VAL A N   1 
ATOM 141  C CA  . VAL A 1 22  ? 5.309   5.583   6.392   1.00 50.21  ? 713 VAL A CA  1 
ATOM 142  C C   . VAL A 1 22  ? 4.147   5.374   5.431   1.00 51.28  ? 713 VAL A C   1 
ATOM 143  O O   . VAL A 1 22  ? 4.120   4.406   4.670   1.00 53.51  ? 713 VAL A O   1 
ATOM 144  C CB  . VAL A 1 22  ? 6.534   6.131   5.616   1.00 50.52  ? 713 VAL A CB  1 
ATOM 145  C CG1 . VAL A 1 22  ? 7.688   6.393   6.563   1.00 49.35  ? 713 VAL A CG1 1 
ATOM 146  C CG2 . VAL A 1 22  ? 6.960   5.174   4.513   1.00 51.89  ? 713 VAL A CG2 1 
ATOM 147  N N   . VAL A 1 23  ? 3.181   6.281   5.480   1.00 51.60  ? 714 VAL A N   1 
ATOM 148  C CA  . VAL A 1 23  ? 2.015   6.188   4.633   1.00 53.40  ? 714 VAL A CA  1 
ATOM 149  C C   . VAL A 1 23  ? 2.411   6.698   3.258   1.00 60.21  ? 714 VAL A C   1 
ATOM 150  O O   . VAL A 1 23  ? 2.899   7.821   3.141   1.00 63.83  ? 714 VAL A O   1 
ATOM 151  C CB  . VAL A 1 23  ? 0.862   7.041   5.188   1.00 52.85  ? 714 VAL A CB  1 
ATOM 152  C CG1 . VAL A 1 23  ? -0.373  6.895   4.311   1.00 51.97  ? 714 VAL A CG1 1 
ATOM 153  C CG2 . VAL A 1 23  ? 0.553   6.655   6.634   1.00 50.54  ? 714 VAL A CG2 1 
ATOM 154  N N   . CYS A 1 24  ? 2.238   5.877   2.222   1.00 65.03  ? 715 CYS A N   1 
ATOM 155  C CA  . CYS A 1 24  ? 2.510   6.318   0.852   1.00 68.67  ? 715 CYS A CA  1 
ATOM 156  C C   . CYS A 1 24  ? 1.212   6.764   0.180   1.00 71.26  ? 715 CYS A C   1 
ATOM 157  O O   . CYS A 1 24  ? 1.057   7.941   -0.129  1.00 78.73  ? 715 CYS A O   1 
ATOM 158  C CB  . CYS A 1 24  ? 3.227   5.234   0.044   1.00 71.74  ? 715 CYS A CB  1 
ATOM 159  S SG  . CYS A 1 24  ? 2.631   3.561   0.353   1.00 80.56  ? 715 CYS A SG  1 
ATOM 160  N N   . MET A 1 25  ? 0.278   5.839   -0.032  1.00 72.56  ? 716 MET A N   1 
ATOM 161  C CA  . MET A 1 25  ? -1.042  6.191   -0.564  1.00 71.34  ? 716 MET A CA  1 
ATOM 162  C C   . MET A 1 25  ? -2.032  6.405   0.575   1.00 68.62  ? 716 MET A C   1 
ATOM 163  O O   . MET A 1 25  ? -1.801  5.980   1.703   1.00 67.06  ? 716 MET A O   1 
ATOM 164  C CB  . MET A 1 25  ? -1.567  5.105   -1.508  1.00 76.56  ? 716 MET A CB  1 
ATOM 165  C CG  . MET A 1 25  ? -0.791  4.952   -2.806  1.00 81.40  ? 716 MET A CG  1 
ATOM 166  S SD  . MET A 1 25  ? -0.917  6.364   -3.920  1.00 88.57  ? 716 MET A SD  1 
ATOM 167  C CE  . MET A 1 25  ? -2.660  6.335   -4.332  1.00 85.68  ? 716 MET A CE  1 
ATOM 168  N N   . MET A 1 26  ? -3.155  7.032   0.251   1.00 69.16  ? 717 MET A N   1 
ATOM 169  C CA  . MET A 1 26  ? -4.082  7.543   1.250   1.00 67.89  ? 717 MET A CA  1 
ATOM 170  C C   . MET A 1 26  ? -5.429  7.890   0.600   1.00 66.38  ? 717 MET A C   1 
ATOM 171  O O   . MET A 1 26  ? -5.495  8.767   -0.244  1.00 66.72  ? 717 MET A O   1 
ATOM 172  C CB  . MET A 1 26  ? -3.444  8.776   1.893   1.00 70.67  ? 717 MET A CB  1 
ATOM 173  C CG  . MET A 1 26  ? -4.390  9.741   2.574   1.00 73.56  ? 717 MET A CG  1 
ATOM 174  S SD  . MET A 1 26  ? -5.359  8.973   3.870   1.00 77.26  ? 717 MET A SD  1 
ATOM 175  C CE  . MET A 1 26  ? -6.437  10.350  4.251   1.00 75.59  ? 717 MET A CE  1 
ATOM 176  N N   . TYR A 1 27  ? -6.492  7.190   0.986   1.00 65.62  ? 718 TYR A N   1 
ATOM 177  C CA  . TYR A 1 27  ? -7.826  7.424   0.420   1.00 66.06  ? 718 TYR A CA  1 
ATOM 178  C C   . TYR A 1 27  ? -8.846  7.822   1.488   1.00 63.22  ? 718 TYR A C   1 
ATOM 179  O O   . TYR A 1 27  ? -9.655  8.718   1.267   1.00 63.42  ? 718 TYR A O   1 
ATOM 180  C CB  . TYR A 1 27  ? -8.313  6.183   -0.338  1.00 69.64  ? 718 TYR A CB  1 
ATOM 181  C CG  . TYR A 1 27  ? -7.414  5.784   -1.489  1.00 74.45  ? 718 TYR A CG  1 
ATOM 182  C CD1 . TYR A 1 27  ? -7.513  6.416   -2.731  1.00 76.85  ? 718 TYR A CD1 1 
ATOM 183  C CD2 . TYR A 1 27  ? -6.458  4.778   -1.340  1.00 76.94  ? 718 TYR A CD2 1 
ATOM 184  C CE1 . TYR A 1 27  ? -6.685  6.057   -3.789  1.00 77.67  ? 718 TYR A CE1 1 
ATOM 185  C CE2 . TYR A 1 27  ? -5.629  4.410   -2.392  1.00 77.79  ? 718 TYR A CE2 1 
ATOM 186  C CZ  . TYR A 1 27  ? -5.745  5.050   -3.613  1.00 79.55  ? 718 TYR A CZ  1 
ATOM 187  O OH  . TYR A 1 27  ? -4.919  4.685   -4.655  1.00 80.68  ? 718 TYR A OH  1 
ATOM 188  N N   . SER A 1 28  ? -8.808  7.143   2.635   1.00 61.53  ? 719 SER A N   1 
ATOM 189  C CA  . SER A 1 28  ? -9.625  7.494   3.803   1.00 56.63  ? 719 SER A CA  1 
ATOM 190  C C   . SER A 1 28  ? -8.997  6.913   5.081   1.00 54.10  ? 719 SER A C   1 
ATOM 191  O O   . SER A 1 28  ? -7.942  6.273   5.020   1.00 52.30  ? 719 SER A O   1 
ATOM 192  C CB  . SER A 1 28  ? -11.039 6.950   3.630   1.00 56.23  ? 719 SER A CB  1 
ATOM 193  O OG  . SER A 1 28  ? -11.057 5.547   3.804   1.00 58.44  ? 719 SER A OG  1 
ATOM 194  N N   . PRO A 1 29  ? -9.626  7.146   6.246   1.00 51.88  ? 720 PRO A N   1 
ATOM 195  C CA  . PRO A 1 29  ? -9.170  6.459   7.459   1.00 51.67  ? 720 PRO A CA  1 
ATOM 196  C C   . PRO A 1 29  ? -9.474  4.955   7.467   1.00 52.52  ? 720 PRO A C   1 
ATOM 197  O O   . PRO A 1 29  ? -8.923  4.220   8.289   1.00 52.41  ? 720 PRO A O   1 
ATOM 198  C CB  . PRO A 1 29  ? -9.944  7.168   8.573   1.00 50.21  ? 720 PRO A CB  1 
ATOM 199  C CG  . PRO A 1 29  ? -10.224 8.517   8.030   1.00 50.00  ? 720 PRO A CG  1 
ATOM 200  C CD  . PRO A 1 29  ? -10.511 8.277   6.575   1.00 51.71  ? 720 PRO A CD  1 
ATOM 201  N N   . GLY A 1 30  ? -10.355 4.511   6.574   1.00 53.19  ? 721 GLY A N   1 
ATOM 202  C CA  . GLY A 1 30  ? -10.619 3.088   6.388   1.00 53.61  ? 721 GLY A CA  1 
ATOM 203  C C   . GLY A 1 30  ? -9.844  2.471   5.235   1.00 53.91  ? 721 GLY A C   1 
ATOM 204  O O   . GLY A 1 30  ? -9.983  1.278   4.975   1.00 54.50  ? 721 GLY A O   1 
ATOM 205  N N   . GLU A 1 31  ? -9.047  3.278   4.528   1.00 52.82  ? 722 GLU A N   1 
ATOM 206  C CA  . GLU A 1 31  ? -8.257  2.780   3.407   1.00 53.33  ? 722 GLU A CA  1 
ATOM 207  C C   . GLU A 1 31  ? -7.021  3.630   3.119   1.00 52.73  ? 722 GLU A C   1 
ATOM 208  O O   . GLU A 1 31  ? -7.123  4.758   2.625   1.00 51.16  ? 722 GLU A O   1 
ATOM 209  C CB  . GLU A 1 31  ? -9.107  2.681   2.142   1.00 57.12  ? 722 GLU A CB  1 
ATOM 210  C CG  . GLU A 1 31  ? -8.387  1.957   1.012   1.00 61.06  ? 722 GLU A CG  1 
ATOM 211  C CD  . GLU A 1 31  ? -9.178  1.902   -0.278  1.00 64.56  ? 722 GLU A CD  1 
ATOM 212  O OE1 . GLU A 1 31  ? -10.368 2.287   -0.278  1.00 66.00  ? 722 GLU A OE1 1 
ATOM 213  O OE2 . GLU A 1 31  ? -8.593  1.466   -1.295  1.00 68.10  ? 722 GLU A OE2 1 
ATOM 214  N N   . PHE A 1 32  ? -5.856  3.065   3.425   1.00 50.32  ? 723 PHE A N   1 
ATOM 215  C CA  . PHE A 1 32  ? -4.575  3.669   3.082   1.00 48.23  ? 723 PHE A CA  1 
ATOM 216  C C   . PHE A 1 32  ? -3.495  2.600   3.013   1.00 49.78  ? 723 PHE A C   1 
ATOM 217  O O   . PHE A 1 32  ? -3.700  1.467   3.447   1.00 48.94  ? 723 PHE A O   1 
ATOM 218  C CB  . PHE A 1 32  ? -4.189  4.766   4.076   1.00 47.43  ? 723 PHE A CB  1 
ATOM 219  C CG  . PHE A 1 32  ? -4.117  4.314   5.511   1.00 47.22  ? 723 PHE A CG  1 
ATOM 220  C CD1 . PHE A 1 32  ? -5.257  4.295   6.310   1.00 47.80  ? 723 PHE A CD1 1 
ATOM 221  C CD2 . PHE A 1 32  ? -2.902  3.951   6.084   1.00 46.63  ? 723 PHE A CD2 1 
ATOM 222  C CE1 . PHE A 1 32  ? -5.188  3.897   7.642   1.00 46.78  ? 723 PHE A CE1 1 
ATOM 223  C CE2 . PHE A 1 32  ? -2.831  3.560   7.417   1.00 45.37  ? 723 PHE A CE2 1 
ATOM 224  C CZ  . PHE A 1 32  ? -3.976  3.527   8.193   1.00 45.39  ? 723 PHE A CZ  1 
ATOM 225  N N   . TYR A 1 33  ? -2.346  2.961   2.454   1.00 50.41  ? 724 TYR A N   1 
ATOM 226  C CA  . TYR A 1 33  ? -1.280  2.001   2.249   1.00 51.43  ? 724 TYR A CA  1 
ATOM 227  C C   . TYR A 1 33  ? -0.001  2.465   2.919   1.00 53.57  ? 724 TYR A C   1 
ATOM 228  O O   . TYR A 1 33  ? 0.353   3.639   2.858   1.00 59.03  ? 724 TYR A O   1 
ATOM 229  C CB  . TYR A 1 33  ? -1.089  1.761   0.758   1.00 53.25  ? 724 TYR A CB  1 
ATOM 230  C CG  . TYR A 1 33  ? -2.306  1.116   0.132   1.00 53.28  ? 724 TYR A CG  1 
ATOM 231  C CD1 . TYR A 1 33  ? -3.414  1.875   -0.211  1.00 51.99  ? 724 TYR A CD1 1 
ATOM 232  C CD2 . TYR A 1 33  ? -2.359  -0.264  -0.080  1.00 54.96  ? 724 TYR A CD2 1 
ATOM 233  C CE1 . TYR A 1 33  ? -4.536  1.291   -0.767  1.00 54.76  ? 724 TYR A CE1 1 
ATOM 234  C CE2 . TYR A 1 33  ? -3.479  -0.861  -0.635  1.00 55.28  ? 724 TYR A CE2 1 
ATOM 235  C CZ  . TYR A 1 33  ? -4.565  -0.074  -0.977  1.00 57.01  ? 724 TYR A CZ  1 
ATOM 236  O OH  . TYR A 1 33  ? -5.687  -0.645  -1.530  1.00 60.80  ? 724 TYR A OH  1 
ATOM 237  N N   . CYS A 1 34  ? 0.673   1.530   3.577   1.00 54.25  ? 725 CYS A N   1 
ATOM 238  C CA  . CYS A 1 34  ? 1.847   1.822   4.374   1.00 54.86  ? 725 CYS A CA  1 
ATOM 239  C C   . CYS A 1 34  ? 3.029   1.006   3.894   1.00 54.01  ? 725 CYS A C   1 
ATOM 240  O O   . CYS A 1 34  ? 2.877   -0.159  3.520   1.00 52.24  ? 725 CYS A O   1 
ATOM 241  C CB  . CYS A 1 34  ? 1.589   1.445   5.831   1.00 58.92  ? 725 CYS A CB  1 
ATOM 242  S SG  . CYS A 1 34  ? 0.485   2.546   6.734   1.00 60.11  ? 725 CYS A SG  1 
ATOM 243  N N   . HIS A 1 35  ? 4.205   1.615   3.916   1.00 53.15  ? 726 HIS A N   1 
ATOM 244  C CA  . HIS A 1 35  ? 5.434   0.853   3.846   1.00 53.71  ? 726 HIS A CA  1 
ATOM 245  C C   . HIS A 1 35  ? 5.826   0.563   5.253   1.00 53.14  ? 726 HIS A C   1 
ATOM 246  O O   . HIS A 1 35  ? 5.870   1.469   6.080   1.00 57.51  ? 726 HIS A O   1 
ATOM 247  C CB  . HIS A 1 35  ? 6.528   1.625   3.132   1.00 54.43  ? 726 HIS A CB  1 
ATOM 248  C CG  . HIS A 1 35  ? 6.343   1.689   1.642   1.00 55.71  ? 726 HIS A CG  1 
ATOM 249  N ND1 . HIS A 1 35  ? 6.617   2.792   0.928   1.00 58.03  ? 726 HIS A ND1 1 
ATOM 250  C CD2 . HIS A 1 35  ? 5.880   0.737   0.739   1.00 56.98  ? 726 HIS A CD2 1 
ATOM 251  C CE1 . HIS A 1 35  ? 6.354   2.560   -0.370  1.00 58.74  ? 726 HIS A CE1 1 
ATOM 252  N NE2 . HIS A 1 35  ? 5.905   1.300   -0.486  1.00 59.54  ? 726 HIS A NE2 1 
ATOM 253  N N   . PHE A 1 36  ? 6.084   -0.705  5.547   1.00 51.46  ? 727 PHE A N   1 
ATOM 254  C CA  . PHE A 1 36  ? 6.483   -1.113  6.888   1.00 51.11  ? 727 PHE A CA  1 
ATOM 255  C C   . PHE A 1 36  ? 8.000   -1.213  6.952   1.00 51.59  ? 727 PHE A C   1 
ATOM 256  O O   . PHE A 1 36  ? 8.606   -1.928  6.162   1.00 51.36  ? 727 PHE A O   1 
ATOM 257  C CB  . PHE A 1 36  ? 5.821   -2.444  7.263   1.00 49.53  ? 727 PHE A CB  1 
ATOM 258  C CG  . PHE A 1 36  ? 4.384   -2.300  7.670   1.00 49.84  ? 727 PHE A CG  1 
ATOM 259  C CD1 . PHE A 1 36  ? 3.391   -2.131  6.716   1.00 50.35  ? 727 PHE A CD1 1 
ATOM 260  C CD2 . PHE A 1 36  ? 4.023   -2.298  9.009   1.00 51.92  ? 727 PHE A CD2 1 
ATOM 261  C CE1 . PHE A 1 36  ? 2.065   -1.975  7.088   1.00 49.16  ? 727 PHE A CE1 1 
ATOM 262  C CE2 . PHE A 1 36  ? 2.699   -2.139  9.387   1.00 51.01  ? 727 PHE A CE2 1 
ATOM 263  C CZ  . PHE A 1 36  ? 1.719   -1.980  8.424   1.00 49.34  ? 727 PHE A CZ  1 
ATOM 264  N N   . LEU A 1 37  ? 8.607   -0.492  7.891   1.00 53.91  ? 728 LEU A N   1 
ATOM 265  C CA  . LEU A 1 37  ? 10.064  -0.458  8.013   1.00 54.62  ? 728 LEU A CA  1 
ATOM 266  C C   . LEU A 1 37  ? 10.560  -1.622  8.864   1.00 56.95  ? 728 LEU A C   1 
ATOM 267  O O   . LEU A 1 37  ? 10.913  -1.449  10.038  1.00 60.67  ? 728 LEU A O   1 
ATOM 268  C CB  . LEU A 1 37  ? 10.545  0.875   8.603   1.00 53.93  ? 728 LEU A CB  1 
ATOM 269  C CG  . LEU A 1 37  ? 9.918   2.162   8.054   1.00 54.99  ? 728 LEU A CG  1 
ATOM 270  C CD1 . LEU A 1 37  ? 10.702  3.372   8.545   1.00 55.72  ? 728 LEU A CD1 1 
ATOM 271  C CD2 . LEU A 1 37  ? 9.834   2.164   6.538   1.00 52.33  ? 728 LEU A CD2 1 
ATOM 272  N N   . LYS A 1 38  ? 10.567  -2.813  8.276   1.00 57.00  ? 729 LYS A N   1 
ATOM 273  C CA  . LYS A 1 38  ? 11.222  -3.965  8.897   1.00 58.90  ? 729 LYS A CA  1 
ATOM 274  C C   . LYS A 1 38  ? 11.908  -4.810  7.830   1.00 59.32  ? 729 LYS A C   1 
ATOM 275  O O   . LYS A 1 38  ? 11.553  -4.732  6.648   1.00 56.53  ? 729 LYS A O   1 
ATOM 276  C CB  . LYS A 1 38  ? 10.238  -4.792  9.742   1.00 59.15  ? 729 LYS A CB  1 
ATOM 277  C CG  . LYS A 1 38  ? 9.256   -5.686  8.990   1.00 58.67  ? 729 LYS A CG  1 
ATOM 278  C CD  . LYS A 1 38  ? 8.389   -6.446  9.990   1.00 60.58  ? 729 LYS A CD  1 
ATOM 279  C CE  . LYS A 1 38  ? 7.493   -7.498  9.341   1.00 62.61  ? 729 LYS A CE  1 
ATOM 280  N NZ  . LYS A 1 38  ? 6.644   -8.219  10.341  1.00 60.43  ? 729 LYS A NZ  1 
ATOM 281  N N   . ASP A 1 39  ? 12.908  -5.583  8.258   1.00 59.84  ? 730 ASP A N   1 
ATOM 282  C CA  . ASP A 1 39  ? 13.667  -6.470  7.372   1.00 61.45  ? 730 ASP A CA  1 
ATOM 283  C C   . ASP A 1 39  ? 14.270  -5.719  6.182   1.00 60.67  ? 730 ASP A C   1 
ATOM 284  O O   . ASP A 1 39  ? 14.303  -6.245  5.068   1.00 60.66  ? 730 ASP A O   1 
ATOM 285  C CB  . ASP A 1 39  ? 12.778  -7.616  6.869   1.00 63.43  ? 730 ASP A CB  1 
ATOM 286  C CG  . ASP A 1 39  ? 12.047  -8.332  7.999   1.00 68.76  ? 730 ASP A CG  1 
ATOM 287  O OD1 . ASP A 1 39  ? 12.655  -8.530  9.077   1.00 70.06  ? 730 ASP A OD1 1 
ATOM 288  O OD2 . ASP A 1 39  ? 10.866  -8.704  7.804   1.00 72.37  ? 730 ASP A OD2 1 
ATOM 289  N N   . ASP A 1 40  ? 14.739  -4.494  6.425   1.00 59.45  ? 731 ASP A N   1 
ATOM 290  C CA  . ASP A 1 40  ? 15.348  -3.656  5.388   1.00 61.89  ? 731 ASP A CA  1 
ATOM 291  C C   . ASP A 1 40  ? 14.449  -3.484  4.155   1.00 57.58  ? 731 ASP A C   1 
ATOM 292  O O   . ASP A 1 40  ? 14.930  -3.375  3.030   1.00 56.57  ? 731 ASP A O   1 
ATOM 293  C CB  . ASP A 1 40  ? 16.727  -4.221  4.987   1.00 68.58  ? 731 ASP A CB  1 
ATOM 294  C CG  . ASP A 1 40  ? 17.869  -3.640  5.813   1.00 75.16  ? 731 ASP A CG  1 
ATOM 295  O OD1 . ASP A 1 40  ? 17.982  -2.394  5.886   1.00 81.17  ? 731 ASP A OD1 1 
ATOM 296  O OD2 . ASP A 1 40  ? 18.671  -4.427  6.367   1.00 78.25  ? 731 ASP A OD2 1 
ATOM 297  N N   . ALA A 1 41  ? 13.141  -3.431  4.382   1.00 54.75  ? 732 ALA A N   1 
ATOM 298  C CA  . ALA A 1 41  ? 12.162  -3.445  3.296   1.00 51.59  ? 732 ALA A CA  1 
ATOM 299  C C   . ALA A 1 41  ? 12.392  -2.359  2.244   1.00 50.36  ? 732 ALA A C   1 
ATOM 300  O O   . ALA A 1 41  ? 12.406  -2.649  1.053   1.00 48.76  ? 732 ALA A O   1 
ATOM 301  C CB  . ALA A 1 41  ? 10.758  -3.333  3.863   1.00 49.49  ? 732 ALA A CB  1 
ATOM 302  N N   . LEU A 1 42  ? 12.554  -1.114  2.679   1.00 52.46  ? 733 LEU A N   1 
ATOM 303  C CA  . LEU A 1 42  ? 12.682  0.010   1.743   1.00 55.08  ? 733 LEU A CA  1 
ATOM 304  C C   . LEU A 1 42  ? 14.003  -0.073  0.959   1.00 56.23  ? 733 LEU A C   1 
ATOM 305  O O   . LEU A 1 42  ? 14.048  0.217   -0.243  1.00 53.36  ? 733 LEU A O   1 
ATOM 306  C CB  . LEU A 1 42  ? 12.576  1.355   2.479   1.00 56.84  ? 733 LEU A CB  1 
ATOM 307  C CG  . LEU A 1 42  ? 11.236  1.744   3.130   1.00 56.28  ? 733 LEU A CG  1 
ATOM 308  C CD1 . LEU A 1 42  ? 11.444  2.852   4.152   1.00 55.72  ? 733 LEU A CD1 1 
ATOM 309  C CD2 . LEU A 1 42  ? 10.213  2.191   2.097   1.00 57.89  ? 733 LEU A CD2 1 
ATOM 310  N N   . GLU A 1 43  ? 15.071  -0.485  1.635   1.00 58.54  ? 734 GLU A N   1 
ATOM 311  C CA  . GLU A 1 43  ? 16.346  -0.704  0.966   1.00 59.62  ? 734 GLU A CA  1 
ATOM 312  C C   . GLU A 1 43  ? 16.198  -1.773  -0.119  1.00 56.66  ? 734 GLU A C   1 
ATOM 313  O O   . GLU A 1 43  ? 16.550  -1.543  -1.277  1.00 59.00  ? 734 GLU A O   1 
ATOM 314  C CB  . GLU A 1 43  ? 17.433  -1.083  1.977   1.00 64.87  ? 734 GLU A CB  1 
ATOM 315  C CG  . GLU A 1 43  ? 17.702  0.004   3.023   1.00 71.44  ? 734 GLU A CG  1 
ATOM 316  C CD  . GLU A 1 43  ? 19.017  -0.177  3.787   1.00 77.59  ? 734 GLU A CD  1 
ATOM 317  O OE1 . GLU A 1 43  ? 19.800  -1.100  3.458   1.00 84.02  ? 734 GLU A OE1 1 
ATOM 318  O OE2 . GLU A 1 43  ? 19.273  0.610   4.728   1.00 77.27  ? 734 GLU A OE2 1 
ATOM 319  N N   . LYS A 1 44  ? 15.641  -2.924  0.244   1.00 54.23  ? 735 LYS A N   1 
ATOM 320  C CA  . LYS A 1 44  ? 15.460  -4.027  -0.703  1.00 53.04  ? 735 LYS A CA  1 
ATOM 321  C C   . LYS A 1 44  ? 14.507  -3.677  -1.854  1.00 53.54  ? 735 LYS A C   1 
ATOM 322  O O   . LYS A 1 44  ? 14.726  -4.096  -2.993  1.00 55.59  ? 735 LYS A O   1 
ATOM 323  C CB  . LYS A 1 44  ? 14.955  -5.279  0.021   1.00 54.28  ? 735 LYS A CB  1 
ATOM 324  C CG  . LYS A 1 44  ? 15.956  -5.900  0.994   1.00 55.17  ? 735 LYS A CG  1 
ATOM 325  C CD  . LYS A 1 44  ? 15.333  -7.048  1.776   1.00 54.58  ? 735 LYS A CD  1 
ATOM 326  C CE  . LYS A 1 44  ? 16.258  -7.543  2.875   1.00 56.17  ? 735 LYS A CE  1 
ATOM 327  N NZ  . LYS A 1 44  ? 15.554  -8.386  3.889   1.00 56.36  ? 735 LYS A NZ  1 
ATOM 328  N N   . LEU A 1 45  ? 13.454  -2.917  -1.562  1.00 51.51  ? 736 LEU A N   1 
ATOM 329  C CA  . LEU A 1 45  ? 12.491  -2.525  -2.589  1.00 51.01  ? 736 LEU A CA  1 
ATOM 330  C C   . LEU A 1 45  ? 13.130  -1.628  -3.650  1.00 56.50  ? 736 LEU A C   1 
ATOM 331  O O   . LEU A 1 45  ? 12.816  -1.741  -4.841  1.00 60.33  ? 736 LEU A O   1 
ATOM 332  C CB  . LEU A 1 45  ? 11.286  -1.822  -1.960  1.00 48.88  ? 736 LEU A CB  1 
ATOM 333  C CG  . LEU A 1 45  ? 10.240  -1.229  -2.916  1.00 48.36  ? 736 LEU A CG  1 
ATOM 334  C CD1 . LEU A 1 45  ? 9.614   -2.313  -3.785  1.00 48.23  ? 736 LEU A CD1 1 
ATOM 335  C CD2 . LEU A 1 45  ? 9.169   -0.467  -2.146  1.00 46.58  ? 736 LEU A CD2 1 
ATOM 336  N N   . ASP A 1 46  ? 14.018  -0.731  -3.220  1.00 58.94  ? 737 ASP A N   1 
ATOM 337  C CA  . ASP A 1 46  ? 14.722  0.151   -4.151  1.00 58.13  ? 737 ASP A CA  1 
ATOM 338  C C   . ASP A 1 46  ? 15.686  -0.644  -5.021  1.00 56.18  ? 737 ASP A C   1 
ATOM 339  O O   . ASP A 1 46  ? 15.730  -0.444  -6.237  1.00 53.54  ? 737 ASP A O   1 
ATOM 340  C CB  . ASP A 1 46  ? 15.460  1.275   -3.406  1.00 61.58  ? 737 ASP A CB  1 
ATOM 341  C CG  . ASP A 1 46  ? 14.529  2.412   -2.975  1.00 65.62  ? 737 ASP A CG  1 
ATOM 342  O OD1 . ASP A 1 46  ? 13.518  2.670   -3.666  1.00 66.69  ? 737 ASP A OD1 1 
ATOM 343  O OD2 . ASP A 1 46  ? 14.810  3.069   -1.946  1.00 69.02  ? 737 ASP A OD2 1 
ATOM 344  N N   . ASP A 1 47  ? 16.438  -1.557  -4.409  1.00 55.74  ? 738 ASP A N   1 
ATOM 345  C CA  . ASP A 1 47  ? 17.312  -2.458  -5.172  1.00 57.07  ? 738 ASP A CA  1 
ATOM 346  C C   . ASP A 1 47  ? 16.525  -3.289  -6.187  1.00 57.97  ? 738 ASP A C   1 
ATOM 347  O O   . ASP A 1 47  ? 16.963  -3.446  -7.331  1.00 59.24  ? 738 ASP A O   1 
ATOM 348  C CB  . ASP A 1 47  ? 18.110  -3.377  -4.243  1.00 58.38  ? 738 ASP A CB  1 
ATOM 349  C CG  . ASP A 1 47  ? 19.155  -2.618  -3.423  1.00 62.47  ? 738 ASP A CG  1 
ATOM 350  O OD1 . ASP A 1 47  ? 19.411  -1.427  -3.725  1.00 60.42  ? 738 ASP A OD1 1 
ATOM 351  O OD2 . ASP A 1 47  ? 19.709  -3.204  -2.463  1.00 62.55  ? 738 ASP A OD2 1 
ATOM 352  N N   . LEU A 1 48  ? 15.364  -3.800  -5.773  1.00 56.75  ? 739 LEU A N   1 
ATOM 353  C CA  . LEU A 1 48  ? 14.507  -4.570  -6.668  1.00 56.79  ? 739 LEU A CA  1 
ATOM 354  C C   . LEU A 1 48  ? 14.081  -3.737  -7.879  1.00 59.72  ? 739 LEU A C   1 
ATOM 355  O O   . LEU A 1 48  ? 14.193  -4.193  -9.019  1.00 63.65  ? 739 LEU A O   1 
ATOM 356  C CB  . LEU A 1 48  ? 13.274  -5.099  -5.928  1.00 55.61  ? 739 LEU A CB  1 
ATOM 357  C CG  . LEU A 1 48  ? 12.233  -5.847  -6.775  1.00 53.47  ? 739 LEU A CG  1 
ATOM 358  C CD1 . LEU A 1 48  ? 12.865  -7.020  -7.501  1.00 52.30  ? 739 LEU A CD1 1 
ATOM 359  C CD2 . LEU A 1 48  ? 11.063  -6.320  -5.929  1.00 51.30  ? 739 LEU A CD2 1 
ATOM 360  N N   . ASN A 1 49  ? 13.601  -2.521  -7.638  1.00 60.70  ? 740 ASN A N   1 
ATOM 361  C CA  . ASN A 1 49  ? 13.167  -1.646  -8.737  1.00 61.54  ? 740 ASN A CA  1 
ATOM 362  C C   . ASN A 1 49  ? 14.281  -1.280  -9.724  1.00 61.86  ? 740 ASN A C   1 
ATOM 363  O O   . ASN A 1 49  ? 13.995  -0.986  -10.880 1.00 61.79  ? 740 ASN A O   1 
ATOM 364  C CB  . ASN A 1 49  ? 12.498  -0.370  -8.203  1.00 61.00  ? 740 ASN A CB  1 
ATOM 365  C CG  . ASN A 1 49  ? 11.094  -0.619  -7.679  1.00 61.40  ? 740 ASN A CG  1 
ATOM 366  O OD1 . ASN A 1 49  ? 10.376  -1.492  -8.175  1.00 64.62  ? 740 ASN A OD1 1 
ATOM 367  N ND2 . ASN A 1 49  ? 10.691  0.152   -6.674  1.00 59.04  ? 740 ASN A ND2 1 
ATOM 368  N N   . GLN A 1 50  ? 15.538  -1.290  -9.272  1.00 63.67  ? 741 GLN A N   1 
ATOM 369  C CA  . GLN A 1 50  ? 16.685  -1.096  -10.173 1.00 63.15  ? 741 GLN A CA  1 
ATOM 370  C C   . GLN A 1 50  ? 16.895  -2.338  -11.029 1.00 64.03  ? 741 GLN A C   1 
ATOM 371  O O   . GLN A 1 50  ? 17.108  -2.238  -12.237 1.00 65.01  ? 741 GLN A O   1 
ATOM 372  C CB  . GLN A 1 50  ? 17.966  -0.792  -9.391  1.00 63.23  ? 741 GLN A CB  1 
ATOM 373  C CG  . GLN A 1 50  ? 18.023  0.611   -8.809  1.00 64.60  ? 741 GLN A CG  1 
ATOM 374  C CD  . GLN A 1 50  ? 18.319  1.680   -9.850  1.00 63.84  ? 741 GLN A CD  1 
ATOM 375  O OE1 . GLN A 1 50  ? 19.377  1.674   -10.490 1.00 62.08  ? 741 GLN A OE1 1 
ATOM 376  N NE2 . GLN A 1 50  ? 17.393  2.618   -10.010 1.00 60.12  ? 741 GLN A NE2 1 
ATOM 377  N N   . SER A 1 51  ? 16.843  -3.507  -10.395 1.00 62.82  ? 742 SER A N   1 
ATOM 378  C CA  . SER A 1 51  ? 16.908  -4.774  -11.113 1.00 62.38  ? 742 SER A CA  1 
ATOM 379  C C   . SER A 1 51  ? 15.829  -4.869  -12.180 1.00 62.88  ? 742 SER A C   1 
ATOM 380  O O   . SER A 1 51  ? 16.084  -5.369  -13.273 1.00 66.89  ? 742 SER A O   1 
ATOM 381  C CB  . SER A 1 51  ? 16.765  -5.949  -10.149 1.00 62.74  ? 742 SER A CB  1 
ATOM 382  O OG  . SER A 1 51  ? 17.835  -5.970  -9.224  1.00 64.60  ? 742 SER A OG  1 
ATOM 383  N N   . LEU A 1 52  ? 14.626  -4.394  -11.863 1.00 61.54  ? 743 LEU A N   1 
ATOM 384  C CA  . LEU A 1 52  ? 13.507  -4.454  -12.802 1.00 61.64  ? 743 LEU A CA  1 
ATOM 385  C C   . LEU A 1 52  ? 13.675  -3.509  -13.976 1.00 62.03  ? 743 LEU A C   1 
ATOM 386  O O   . LEU A 1 52  ? 13.147  -3.763  -15.055 1.00 64.46  ? 743 LEU A O   1 
ATOM 387  C CB  . LEU A 1 52  ? 12.179  -4.131  -12.112 1.00 63.15  ? 743 LEU A CB  1 
ATOM 388  C CG  . LEU A 1 52  ? 11.433  -5.251  -11.387 1.00 63.71  ? 743 LEU A CG  1 
ATOM 389  C CD1 . LEU A 1 52  ? 10.028  -4.760  -11.078 1.00 64.20  ? 743 LEU A CD1 1 
ATOM 390  C CD2 . LEU A 1 52  ? 11.381  -6.542  -12.193 1.00 61.57  ? 743 LEU A CD2 1 
ATOM 391  N N   . ALA A 1 53  ? 14.375  -2.402  -13.765 1.00 64.76  ? 744 ALA A N   1 
ATOM 392  C CA  . ALA A 1 53  ? 14.646  -1.468  -14.852 1.00 65.59  ? 744 ALA A CA  1 
ATOM 393  C C   . ALA A 1 53  ? 15.568  -2.130  -15.873 1.00 66.45  ? 744 ALA A C   1 
ATOM 394  O O   . ALA A 1 53  ? 15.351  -1.995  -17.073 1.00 64.04  ? 744 ALA A O   1 
ATOM 395  C CB  . ALA A 1 53  ? 15.257  -0.183  -14.319 1.00 64.52  ? 744 ALA A CB  1 
ATOM 396  N N   . ASP A 1 54  ? 16.576  -2.856  -15.375 1.00 70.96  ? 745 ASP A N   1 
ATOM 397  C CA  . ASP A 1 54  ? 17.500  -3.632  -16.215 1.00 73.58  ? 745 ASP A CA  1 
ATOM 398  C C   . ASP A 1 54  ? 16.786  -4.721  -17.011 1.00 74.14  ? 745 ASP A C   1 
ATOM 399  O O   . ASP A 1 54  ? 16.908  -4.775  -18.233 1.00 74.46  ? 745 ASP A O   1 
ATOM 400  C CB  . ASP A 1 54  ? 18.613  -4.276  -15.366 1.00 76.03  ? 745 ASP A CB  1 
ATOM 401  C CG  . ASP A 1 54  ? 19.860  -3.401  -15.251 1.00 81.57  ? 745 ASP A CG  1 
ATOM 402  O OD1 . ASP A 1 54  ? 20.079  -2.524  -16.122 1.00 83.78  ? 745 ASP A OD1 1 
ATOM 403  O OD2 . ASP A 1 54  ? 20.634  -3.602  -14.285 1.00 82.46  ? 745 ASP A OD2 1 
ATOM 404  N N   . TYR A 1 55  ? 16.046  -5.581  -16.315 1.00 76.72  ? 746 TYR A N   1 
ATOM 405  C CA  . TYR A 1 55  ? 15.306  -6.668  -16.964 1.00 79.94  ? 746 TYR A CA  1 
ATOM 406  C C   . TYR A 1 55  ? 14.290  -6.167  -17.995 1.00 78.68  ? 746 TYR A C   1 
ATOM 407  O O   . TYR A 1 55  ? 14.245  -6.677  -19.115 1.00 81.98  ? 746 TYR A O   1 
ATOM 408  C CB  . TYR A 1 55  ? 14.596  -7.533  -15.921 1.00 85.31  ? 746 TYR A CB  1 
ATOM 409  C CG  . TYR A 1 55  ? 13.606  -8.516  -16.513 1.00 91.72  ? 746 TYR A CG  1 
ATOM 410  C CD1 . TYR A 1 55  ? 14.025  -9.752  -17.007 1.00 94.83  ? 746 TYR A CD1 1 
ATOM 411  C CD2 . TYR A 1 55  ? 12.248  -8.207  -16.579 1.00 94.61  ? 746 TYR A CD2 1 
ATOM 412  C CE1 . TYR A 1 55  ? 13.116  -10.653 -17.548 1.00 96.53  ? 746 TYR A CE1 1 
ATOM 413  C CE2 . TYR A 1 55  ? 11.333  -9.097  -17.120 1.00 97.07  ? 746 TYR A CE2 1 
ATOM 414  C CZ  . TYR A 1 55  ? 11.768  -10.319 -17.602 1.00 97.22  ? 746 TYR A CZ  1 
ATOM 415  O OH  . TYR A 1 55  ? 10.854  -11.200 -18.136 1.00 97.88  ? 746 TYR A OH  1 
ATOM 416  N N   . CYS A 1 56  ? 13.484  -5.176  -17.617 1.00 74.71  ? 747 CYS A N   1 
ATOM 417  C CA  . CYS A 1 56  ? 12.463  -4.620  -18.514 1.00 74.63  ? 747 CYS A CA  1 
ATOM 418  C C   . CYS A 1 56  ? 13.022  -3.690  -19.590 1.00 77.89  ? 747 CYS A C   1 
ATOM 419  O O   . CYS A 1 56  ? 12.255  -3.122  -20.365 1.00 80.77  ? 747 CYS A O   1 
ATOM 420  C CB  . CYS A 1 56  ? 11.402  -3.868  -17.716 1.00 73.30  ? 747 CYS A CB  1 
ATOM 421  S SG  . CYS A 1 56  ? 10.511  -4.907  -16.549 1.00 71.66  ? 747 CYS A SG  1 
ATOM 422  N N   . ALA A 1 57  ? 14.340  -3.509  -19.618 1.00 82.24  ? 748 ALA A N   1 
ATOM 423  C CA  . ALA A 1 57  ? 15.009  -2.813  -20.713 1.00 88.08  ? 748 ALA A CA  1 
ATOM 424  C C   . ALA A 1 57  ? 15.671  -3.850  -21.626 1.00 94.23  ? 748 ALA A C   1 
ATOM 425  O O   . ALA A 1 57  ? 16.895  -3.869  -21.774 1.00 95.15  ? 748 ALA A O   1 
ATOM 426  C CB  . ALA A 1 57  ? 16.039  -1.832  -20.169 1.00 84.31  ? 748 ALA A CB  1 
ATOM 427  N N   . GLN A 1 58  ? 14.847  -4.712  -22.220 1.00 99.39  ? 749 GLN A N   1 
ATOM 428  C CA  . GLN A 1 58  ? 15.312  -5.788  -23.104 1.00 103.46 ? 749 GLN A CA  1 
ATOM 429  C C   . GLN A 1 58  ? 14.300  -6.046  -24.224 1.00 111.83 ? 749 GLN A C   1 
ATOM 430  O O   . GLN A 1 58  ? 13.205  -5.476  -24.217 1.00 112.55 ? 749 GLN A O   1 
ATOM 431  C CB  . GLN A 1 58  ? 15.538  -7.068  -22.296 1.00 100.79 ? 749 GLN A CB  1 
ATOM 432  C CG  . GLN A 1 58  ? 16.775  -7.030  -21.410 1.00 97.91  ? 749 GLN A CG  1 
ATOM 433  C CD  . GLN A 1 58  ? 16.908  -8.239  -20.503 1.00 98.11  ? 749 GLN A CD  1 
ATOM 434  O OE1 . GLN A 1 58  ? 15.928  -9.136  -20.549 1.00 97.41  ? 749 GLN A OE1 1 
ATOM 435  N NE2 . GLN A 1 58  ? 17.882  -8.358  -19.759 1.00 96.83  ? 749 GLN A NE2 1 
ATOM 436  N N   . LYS A 1 59  ? 14.672  -6.899  -25.181 1.00 122.39 ? 750 LYS A N   1 
ATOM 437  C CA  . LYS A 1 59  ? 13.783  -7.270  -26.295 1.00 128.03 ? 750 LYS A CA  1 
ATOM 438  C C   . LYS A 1 59  ? 12.542  -7.997  -25.765 1.00 132.82 ? 750 LYS A C   1 
ATOM 439  O O   . LYS A 1 59  ? 12.655  -9.131  -25.295 1.00 134.27 ? 750 LYS A O   1 
ATOM 440  C CB  . LYS A 1 59  ? 14.512  -8.158  -27.315 1.00 126.28 ? 750 LYS A CB  1 
ATOM 441  C CG  . LYS A 1 59  ? 15.611  -7.441  -28.084 1.00 125.29 ? 750 LYS A CG  1 
ATOM 442  C CD  . LYS A 1 59  ? 16.275  -8.339  -29.118 1.00 123.43 ? 750 LYS A CD  1 
ATOM 443  C CE  . LYS A 1 59  ? 17.422  -7.610  -29.807 1.00 123.00 ? 750 LYS A CE  1 
ATOM 444  N NZ  . LYS A 1 59  ? 18.229  -8.493  -30.691 1.00 121.22 ? 750 LYS A NZ  1 
ATOM 445  N N   . PRO A 1 60  ? 11.357  -7.352  -25.851 1.00 135.03 ? 751 PRO A N   1 
ATOM 446  C CA  . PRO A 1 60  ? 10.114  -7.771  -25.188 1.00 137.27 ? 751 PRO A CA  1 
ATOM 447  C C   . PRO A 1 60  ? 9.987   -9.280  -24.905 1.00 139.59 ? 751 PRO A C   1 
ATOM 448  O O   . PRO A 1 60  ? 9.658   -10.052 -25.811 1.00 137.42 ? 751 PRO A O   1 
ATOM 449  C CB  . PRO A 1 60  ? 9.036   -7.303  -26.170 1.00 137.18 ? 751 PRO A CB  1 
ATOM 450  C CG  . PRO A 1 60  ? 9.609   -6.060  -26.763 1.00 136.14 ? 751 PRO A CG  1 
ATOM 451  C CD  . PRO A 1 60  ? 11.112  -6.208  -26.755 1.00 134.28 ? 751 PRO A CD  1 
ATOM 452  N N   . PRO A 1 61  ? 10.265  -9.701  -23.653 1.00 140.74 ? 752 PRO A N   1 
ATOM 453  C CA  . PRO A 1 61  ? 10.102  -11.109 -23.263 1.00 138.56 ? 752 PRO A CA  1 
ATOM 454  C C   . PRO A 1 61  ? 8.638   -11.557 -23.180 1.00 133.39 ? 752 PRO A C   1 
ATOM 455  O O   . PRO A 1 61  ? 7.842   -10.966 -22.447 1.00 125.41 ? 752 PRO A O   1 
ATOM 456  C CB  . PRO A 1 61  ? 10.774  -11.178 -21.881 1.00 140.18 ? 752 PRO A CB  1 
ATOM 457  C CG  . PRO A 1 61  ? 11.662  -9.978  -21.812 1.00 140.97 ? 752 PRO A CG  1 
ATOM 458  C CD  . PRO A 1 61  ? 10.955  -8.923  -22.607 1.00 140.30 ? 752 PRO A CD  1 
ATOM 459  N N   . PHE A 1 64  ? 3.071   -11.395 -23.456 1.00 101.08 ? 755 PHE A N   1 
ATOM 460  C CA  . PHE A 1 64  ? 2.614   -11.726 -22.112 1.00 101.03 ? 755 PHE A CA  1 
ATOM 461  C C   . PHE A 1 64  ? 1.096   -11.973 -22.062 1.00 100.78 ? 755 PHE A C   1 
ATOM 462  O O   . PHE A 1 64  ? 0.305   -11.122 -22.480 1.00 98.74  ? 755 PHE A O   1 
ATOM 463  C CB  . PHE A 1 64  ? 3.008   -10.614 -21.132 1.00 102.43 ? 755 PHE A CB  1 
ATOM 464  C CG  . PHE A 1 64  ? 2.398   -10.765 -19.764 1.00 101.19 ? 755 PHE A CG  1 
ATOM 465  C CD1 . PHE A 1 64  ? 2.890   -11.708 -18.871 1.00 99.08  ? 755 PHE A CD1 1 
ATOM 466  C CD2 . PHE A 1 64  ? 1.319   -9.977  -19.377 1.00 98.65  ? 755 PHE A CD2 1 
ATOM 467  C CE1 . PHE A 1 64  ? 2.324   -11.857 -17.615 1.00 98.10  ? 755 PHE A CE1 1 
ATOM 468  C CE2 . PHE A 1 64  ? 0.749   -10.124 -18.125 1.00 96.51  ? 755 PHE A CE2 1 
ATOM 469  C CZ  . PHE A 1 64  ? 1.252   -11.065 -17.242 1.00 97.02  ? 755 PHE A CZ  1 
ATOM 470  N N   . LYS A 1 65  ? 0.714   -13.137 -21.532 1.00 102.40 ? 756 LYS A N   1 
ATOM 471  C CA  . LYS A 1 65  ? -0.688  -13.562 -21.422 1.00 102.23 ? 756 LYS A CA  1 
ATOM 472  C C   . LYS A 1 65  ? -1.328  -12.979 -20.158 1.00 98.47  ? 756 LYS A C   1 
ATOM 473  O O   . LYS A 1 65  ? -1.215  -13.549 -19.066 1.00 92.16  ? 756 LYS A O   1 
ATOM 474  C CB  . LYS A 1 65  ? -0.765  -15.098 -21.408 1.00 106.38 ? 756 LYS A CB  1 
ATOM 475  C CG  . LYS A 1 65  ? -2.164  -15.700 -21.322 1.00 110.26 ? 756 LYS A CG  1 
ATOM 476  C CD  . LYS A 1 65  ? -2.090  -17.224 -21.277 1.00 111.26 ? 756 LYS A CD  1 
ATOM 477  C CE  . LYS A 1 65  ? -3.441  -17.865 -20.997 1.00 110.41 ? 756 LYS A CE  1 
ATOM 478  N NZ  . LYS A 1 65  ? -4.340  -17.816 -22.182 1.00 109.76 ? 756 LYS A NZ  1 
ATOM 479  N N   . ALA A 1 66  ? -2.001  -11.843 -20.322 1.00 96.21  ? 757 ALA A N   1 
ATOM 480  C CA  . ALA A 1 66  ? -2.612  -11.125 -19.206 1.00 96.29  ? 757 ALA A CA  1 
ATOM 481  C C   . ALA A 1 66  ? -3.857  -11.843 -18.690 1.00 97.32  ? 757 ALA A C   1 
ATOM 482  O O   . ALA A 1 66  ? -4.843  -11.969 -19.415 1.00 102.32 ? 757 ALA A O   1 
ATOM 483  C CB  . ALA A 1 66  ? -2.967  -9.708  -19.634 1.00 94.81  ? 757 ALA A CB  1 
ATOM 484  N N   . GLU A 1 67  ? -3.810  -12.306 -17.440 1.00 98.52  ? 758 GLU A N   1 
ATOM 485  C CA  . GLU A 1 67  ? -4.948  -12.991 -16.812 1.00 99.98  ? 758 GLU A CA  1 
ATOM 486  C C   . GLU A 1 67  ? -5.107  -12.585 -15.343 1.00 97.88  ? 758 GLU A C   1 
ATOM 487  O O   . GLU A 1 67  ? -4.124  -12.284 -14.668 1.00 95.95  ? 758 GLU A O   1 
ATOM 488  C CB  . GLU A 1 67  ? -4.779  -14.511 -16.929 1.00 104.50 ? 758 GLU A CB  1 
ATOM 489  C CG  . GLU A 1 67  ? -6.017  -15.337 -16.584 1.00 107.07 ? 758 GLU A CG  1 
ATOM 490  C CD  . GLU A 1 67  ? -7.232  -14.999 -17.438 1.00 107.08 ? 758 GLU A CD  1 
ATOM 491  O OE1 . GLU A 1 67  ? -7.082  -14.823 -18.667 1.00 103.19 ? 758 GLU A OE1 1 
ATOM 492  O OE2 . GLU A 1 67  ? -8.347  -14.915 -16.876 1.00 108.28 ? 758 GLU A OE2 1 
ATOM 493  N N   . ILE A 1 68  ? -6.349  -12.598 -14.859 1.00 97.62  ? 759 ILE A N   1 
ATOM 494  C CA  . ILE A 1 68  ? -6.687  -12.129 -13.507 1.00 96.69  ? 759 ILE A CA  1 
ATOM 495  C C   . ILE A 1 68  ? -5.828  -12.804 -12.436 1.00 97.97  ? 759 ILE A C   1 
ATOM 496  O O   . ILE A 1 68  ? -5.664  -14.022 -12.442 1.00 98.16  ? 759 ILE A O   1 
ATOM 497  C CB  . ILE A 1 68  ? -8.176  -12.382 -13.163 1.00 95.54  ? 759 ILE A CB  1 
ATOM 498  C CG1 . ILE A 1 68  ? -9.110  -11.671 -14.151 1.00 95.71  ? 759 ILE A CG1 1 
ATOM 499  C CG2 . ILE A 1 68  ? -8.491  -11.924 -11.745 1.00 92.59  ? 759 ILE A CG2 1 
ATOM 500  C CD1 . ILE A 1 68  ? -8.843  -10.191 -14.304 1.00 96.12  ? 759 ILE A CD1 1 
ATOM 501  N N   . GLY A 1 69  ? -5.278  -11.998 -11.529 1.00 97.45  ? 760 GLY A N   1 
ATOM 502  C CA  . GLY A 1 69  ? -4.470  -12.500 -10.420 1.00 97.34  ? 760 GLY A CA  1 
ATOM 503  C C   . GLY A 1 69  ? -3.081  -13.002 -10.790 1.00 100.03 ? 760 GLY A C   1 
ATOM 504  O O   . GLY A 1 69  ? -2.424  -13.649 -9.971  1.00 96.81  ? 760 GLY A O   1 
ATOM 505  N N   . ARG A 1 70  ? -2.627  -12.707 -12.010 1.00 102.54 ? 761 ARG A N   1 
ATOM 506  C CA  . ARG A 1 70  ? -1.297  -13.120 -12.462 1.00 104.07 ? 761 ARG A CA  1 
ATOM 507  C C   . ARG A 1 70  ? -0.281  -12.000 -12.190 1.00 99.21  ? 761 ARG A C   1 
ATOM 508  O O   . ARG A 1 70  ? -0.552  -10.836 -12.501 1.00 92.72  ? 761 ARG A O   1 
ATOM 509  C CB  . ARG A 1 70  ? -1.311  -13.482 -13.953 1.00 109.28 ? 761 ARG A CB  1 
ATOM 510  C CG  . ARG A 1 70  ? -0.210  -14.454 -14.356 1.00 116.37 ? 761 ARG A CG  1 
ATOM 511  C CD  . ARG A 1 70  ? -0.245  -14.802 -15.840 1.00 124.50 ? 761 ARG A CD  1 
ATOM 512  N NE  . ARG A 1 70  ? -1.457  -15.521 -16.254 1.00 130.09 ? 761 ARG A NE  1 
ATOM 513  C CZ  . ARG A 1 70  ? -1.714  -16.809 -16.000 1.00 130.80 ? 761 ARG A CZ  1 
ATOM 514  N NH1 . ARG A 1 70  ? -0.854  -17.560 -15.314 1.00 132.74 ? 761 ARG A NH1 1 
ATOM 515  N NH2 . ARG A 1 70  ? -2.849  -17.354 -16.433 1.00 128.58 ? 761 ARG A NH2 1 
ATOM 516  N N   . PRO A 1 71  ? 0.883   -12.343 -11.597 1.00 95.75  ? 762 PRO A N   1 
ATOM 517  C CA  . PRO A 1 71  ? 1.915   -11.327 -11.348 1.00 92.30  ? 762 PRO A CA  1 
ATOM 518  C C   . PRO A 1 71  ? 2.606   -10.867 -12.634 1.00 88.41  ? 762 PRO A C   1 
ATOM 519  O O   . PRO A 1 71  ? 2.736   -11.648 -13.581 1.00 88.59  ? 762 PRO A O   1 
ATOM 520  C CB  . PRO A 1 71  ? 2.920   -12.043 -10.428 1.00 94.98  ? 762 PRO A CB  1 
ATOM 521  C CG  . PRO A 1 71  ? 2.276   -13.330 -10.024 1.00 96.47  ? 762 PRO A CG  1 
ATOM 522  C CD  . PRO A 1 71  ? 1.298   -13.668 -11.100 1.00 95.20  ? 762 PRO A CD  1 
ATOM 523  N N   . CYS A 1 72  ? 3.049   -9.615  -12.660 1.00 83.20  ? 763 CYS A N   1 
ATOM 524  C CA  . CYS A 1 72  ? 3.627   -9.033  -13.869 1.00 81.62  ? 763 CYS A CA  1 
ATOM 525  C C   . CYS A 1 72  ? 4.431   -7.764  -13.592 1.00 81.75  ? 763 CYS A C   1 
ATOM 526  O O   . CYS A 1 72  ? 4.404   -7.222  -12.482 1.00 83.24  ? 763 CYS A O   1 
ATOM 527  C CB  . CYS A 1 72  ? 2.508   -8.689  -14.849 1.00 81.64  ? 763 CYS A CB  1 
ATOM 528  S SG  . CYS A 1 72  ? 1.395   -7.401  -14.240 1.00 80.55  ? 763 CYS A SG  1 
ATOM 529  N N   . CYS A 1 73  ? 5.137   -7.303  -14.622 1.00 78.17  ? 764 CYS A N   1 
ATOM 530  C CA  . CYS A 1 73  ? 5.809   -6.013  -14.601 1.00 76.22  ? 764 CYS A CA  1 
ATOM 531  C C   . CYS A 1 73  ? 4.986   -5.037  -15.415 1.00 74.28  ? 764 CYS A C   1 
ATOM 532  O O   . CYS A 1 73  ? 4.880   -5.184  -16.631 1.00 73.59  ? 764 CYS A O   1 
ATOM 533  C CB  . CYS A 1 73  ? 7.203   -6.119  -15.205 1.00 77.93  ? 764 CYS A CB  1 
ATOM 534  S SG  . CYS A 1 73  ? 8.337   -7.157  -14.265 1.00 81.93  ? 764 CYS A SG  1 
ATOM 535  N N   . ALA A 1 74  ? 4.407   -4.047  -14.742 1.00 73.11  ? 765 ALA A N   1 
ATOM 536  C CA  . ALA A 1 74  ? 3.604   -3.023  -15.398 1.00 72.17  ? 765 ALA A CA  1 
ATOM 537  C C   . ALA A 1 74  ? 4.402   -1.739  -15.483 1.00 72.65  ? 765 ALA A C   1 
ATOM 538  O O   . ALA A 1 74  ? 5.236   -1.469  -14.621 1.00 68.81  ? 765 ALA A O   1 
ATOM 539  C CB  . ALA A 1 74  ? 2.316   -2.784  -14.632 1.00 72.88  ? 765 ALA A CB  1 
ATOM 540  N N   . PHE A 1 75  ? 4.130   -0.951  -16.520 1.00 74.08  ? 766 PHE A N   1 
ATOM 541  C CA  . PHE A 1 75  ? 4.814   0.319   -16.747 1.00 75.49  ? 766 PHE A CA  1 
ATOM 542  C C   . PHE A 1 75  ? 3.940   1.480   -16.266 1.00 74.70  ? 766 PHE A C   1 
ATOM 543  O O   . PHE A 1 75  ? 2.849   1.708   -16.789 1.00 74.28  ? 766 PHE A O   1 
ATOM 544  C CB  . PHE A 1 75  ? 5.156   0.469   -18.236 1.00 75.99  ? 766 PHE A CB  1 
ATOM 545  C CG  . PHE A 1 75  ? 5.698   1.822   -18.607 1.00 73.25  ? 766 PHE A CG  1 
ATOM 546  C CD1 . PHE A 1 75  ? 4.837   2.857   -18.964 1.00 73.85  ? 766 PHE A CD1 1 
ATOM 547  C CD2 . PHE A 1 75  ? 7.064   2.056   -18.616 1.00 72.65  ? 766 PHE A CD2 1 
ATOM 548  C CE1 . PHE A 1 75  ? 5.329   4.104   -19.307 1.00 73.98  ? 766 PHE A CE1 1 
ATOM 549  C CE2 . PHE A 1 75  ? 7.565   3.299   -18.958 1.00 74.59  ? 766 PHE A CE2 1 
ATOM 550  C CZ  . PHE A 1 75  ? 6.696   4.324   -19.308 1.00 74.73  ? 766 PHE A CZ  1 
ATOM 551  N N   . PHE A 1 76  ? 4.433   2.207   -15.270 1.00 76.50  ? 767 PHE A N   1 
ATOM 552  C CA  . PHE A 1 76  ? 3.722   3.355   -14.710 1.00 78.87  ? 767 PHE A CA  1 
ATOM 553  C C   . PHE A 1 76  ? 4.073   4.588   -15.530 1.00 78.75  ? 767 PHE A C   1 
ATOM 554  O O   . PHE A 1 76  ? 5.234   4.991   -15.591 1.00 77.53  ? 767 PHE A O   1 
ATOM 555  C CB  . PHE A 1 76  ? 4.106   3.543   -13.232 1.00 78.23  ? 767 PHE A CB  1 
ATOM 556  C CG  . PHE A 1 76  ? 3.412   4.696   -12.549 1.00 80.42  ? 767 PHE A CG  1 
ATOM 557  C CD1 . PHE A 1 76  ? 2.026   4.806   -12.564 1.00 80.77  ? 767 PHE A CD1 1 
ATOM 558  C CD2 . PHE A 1 76  ? 4.148   5.661   -11.860 1.00 82.43  ? 767 PHE A CD2 1 
ATOM 559  C CE1 . PHE A 1 76  ? 1.391   5.863   -11.925 1.00 80.17  ? 767 PHE A CE1 1 
ATOM 560  C CE2 . PHE A 1 76  ? 3.516   6.718   -11.219 1.00 80.25  ? 767 PHE A CE2 1 
ATOM 561  C CZ  . PHE A 1 76  ? 2.138   6.819   -11.251 1.00 79.50  ? 767 PHE A CZ  1 
ATOM 562  N N   . SER A 1 77  ? 3.068   5.176   -16.171 1.00 81.85  ? 768 SER A N   1 
ATOM 563  C CA  . SER A 1 77  ? 3.276   6.359   -17.006 1.00 84.25  ? 768 SER A CA  1 
ATOM 564  C C   . SER A 1 77  ? 3.555   7.621   -16.185 1.00 82.01  ? 768 SER A C   1 
ATOM 565  O O   . SER A 1 77  ? 4.222   8.536   -16.669 1.00 83.59  ? 768 SER A O   1 
ATOM 566  C CB  . SER A 1 77  ? 2.063   6.596   -17.906 1.00 85.05  ? 768 SER A CB  1 
ATOM 567  O OG  . SER A 1 77  ? 0.924   6.927   -17.134 1.00 84.49  ? 768 SER A OG  1 
ATOM 568  N N   . GLY A 1 78  ? 3.050   7.662   -14.951 1.00 80.14  ? 769 GLY A N   1 
ATOM 569  C CA  . GLY A 1 78  ? 3.213   8.818   -14.061 1.00 79.05  ? 769 GLY A CA  1 
ATOM 570  C C   . GLY A 1 78  ? 4.649   9.235   -13.769 1.00 79.84  ? 769 GLY A C   1 
ATOM 571  O O   . GLY A 1 78  ? 4.890   10.375  -13.373 1.00 80.64  ? 769 GLY A O   1 
ATOM 572  N N   . ASP A 1 79  ? 5.599   8.312   -13.923 1.00 77.64  ? 770 ASP A N   1 
ATOM 573  C CA  . ASP A 1 79  ? 7.023   8.664   -13.905 1.00 76.55  ? 770 ASP A CA  1 
ATOM 574  C C   . ASP A 1 79  ? 7.883   7.857   -14.889 1.00 75.52  ? 770 ASP A C   1 
ATOM 575  O O   . ASP A 1 79  ? 9.099   8.043   -14.940 1.00 77.56  ? 770 ASP A O   1 
ATOM 576  C CB  . ASP A 1 79  ? 7.588   8.540   -12.484 1.00 78.57  ? 770 ASP A CB  1 
ATOM 577  C CG  . ASP A 1 79  ? 7.729   7.098   -12.022 1.00 82.34  ? 770 ASP A CG  1 
ATOM 578  O OD1 . ASP A 1 79  ? 7.425   6.171   -12.807 1.00 85.03  ? 770 ASP A OD1 1 
ATOM 579  O OD2 . ASP A 1 79  ? 8.155   6.892   -10.864 1.00 82.91  ? 770 ASP A OD2 1 
ATOM 580  N N   . GLY A 1 80  ? 7.264   6.960   -15.652 1.00 72.08  ? 771 GLY A N   1 
ATOM 581  C CA  . GLY A 1 80  ? 7.962   6.235   -16.710 1.00 70.45  ? 771 GLY A CA  1 
ATOM 582  C C   . GLY A 1 80  ? 8.899   5.138   -16.238 1.00 69.66  ? 771 GLY A C   1 
ATOM 583  O O   . GLY A 1 80  ? 10.018  5.014   -16.743 1.00 67.01  ? 771 GLY A O   1 
ATOM 584  N N   . ASN A 1 81  ? 8.446   4.336   -15.276 1.00 67.41  ? 772 ASN A N   1 
ATOM 585  C CA  . ASN A 1 81  ? 9.232   3.197   -14.797 1.00 64.52  ? 772 ASN A CA  1 
ATOM 586  C C   . ASN A 1 81  ? 8.388   1.950   -14.656 1.00 63.53  ? 772 ASN A C   1 
ATOM 587  O O   . ASN A 1 81  ? 7.158   2.023   -14.594 1.00 62.56  ? 772 ASN A O   1 
ATOM 588  C CB  . ASN A 1 81  ? 9.889   3.515   -13.456 1.00 63.76  ? 772 ASN A CB  1 
ATOM 589  C CG  . ASN A 1 81  ? 10.904  4.632   -13.554 1.00 63.44  ? 772 ASN A CG  1 
ATOM 590  O OD1 . ASN A 1 81  ? 10.807  5.637   -12.847 1.00 66.88  ? 772 ASN A OD1 1 
ATOM 591  N ND2 . ASN A 1 81  ? 11.879  4.470   -14.435 1.00 62.51  ? 772 ASN A ND2 1 
ATOM 592  N N   . TRP A 1 82  ? 9.070   0.807   -14.609 1.00 63.55  ? 773 TRP A N   1 
ATOM 593  C CA  . TRP A 1 82  ? 8.429   -0.493  -14.452 1.00 61.55  ? 773 TRP A CA  1 
ATOM 594  C C   . TRP A 1 82  ? 8.416   -0.890  -13.007 1.00 59.65  ? 773 TRP A C   1 
ATOM 595  O O   . TRP A 1 82  ? 9.442   -0.828  -12.337 1.00 61.59  ? 773 TRP A O   1 
ATOM 596  C CB  . TRP A 1 82  ? 9.173   -1.545  -15.265 1.00 64.22  ? 773 TRP A CB  1 
ATOM 597  C CG  . TRP A 1 82  ? 9.117   -1.293  -16.753 1.00 66.78  ? 773 TRP A CG  1 
ATOM 598  C CD1 . TRP A 1 82  ? 9.940   -0.463  -17.508 1.00 67.19  ? 773 TRP A CD1 1 
ATOM 599  C CD2 . TRP A 1 82  ? 8.170   -1.867  -17.718 1.00 67.15  ? 773 TRP A CD2 1 
ATOM 600  N NE1 . TRP A 1 82  ? 9.574   -0.482  -18.830 1.00 66.67  ? 773 TRP A NE1 1 
ATOM 601  C CE2 . TRP A 1 82  ? 8.521   -1.302  -19.023 1.00 66.86  ? 773 TRP A CE2 1 
ATOM 602  C CE3 . TRP A 1 82  ? 7.108   -2.757  -17.633 1.00 67.97  ? 773 TRP A CE3 1 
ATOM 603  C CZ2 . TRP A 1 82  ? 7.827   -1.628  -20.176 1.00 67.72  ? 773 TRP A CZ2 1 
ATOM 604  C CZ3 . TRP A 1 82  ? 6.412   -3.077  -18.804 1.00 70.39  ? 773 TRP A CZ3 1 
ATOM 605  C CH2 . TRP A 1 82  ? 6.767   -2.528  -20.046 1.00 68.24  ? 773 TRP A CH2 1 
ATOM 606  N N   . TYR A 1 83  ? 7.249   -1.298  -12.517 1.00 60.08  ? 774 TYR A N   1 
ATOM 607  C CA  . TYR A 1 83  ? 7.080   -1.748  -11.135 1.00 60.48  ? 774 TYR A CA  1 
ATOM 608  C C   . TYR A 1 83  ? 6.300   -3.060  -11.095 1.00 61.15  ? 774 TYR A C   1 
ATOM 609  O O   . TYR A 1 83  ? 5.691   -3.459  -12.091 1.00 62.94  ? 774 TYR A O   1 
ATOM 610  C CB  . TYR A 1 83  ? 6.324   -0.692  -10.323 1.00 62.28  ? 774 TYR A CB  1 
ATOM 611  C CG  . TYR A 1 83  ? 7.009   0.661   -10.236 1.00 63.25  ? 774 TYR A CG  1 
ATOM 612  C CD1 . TYR A 1 83  ? 8.101   0.863   -9.387  1.00 63.91  ? 774 TYR A CD1 1 
ATOM 613  C CD2 . TYR A 1 83  ? 6.559   1.743   -10.991 1.00 61.68  ? 774 TYR A CD2 1 
ATOM 614  C CE1 . TYR A 1 83  ? 8.727   2.100   -9.303  1.00 63.39  ? 774 TYR A CE1 1 
ATOM 615  C CE2 . TYR A 1 83  ? 7.176   2.982   -10.909 1.00 62.85  ? 774 TYR A CE2 1 
ATOM 616  C CZ  . TYR A 1 83  ? 8.258   3.157   -10.064 1.00 63.33  ? 774 TYR A CZ  1 
ATOM 617  O OH  . TYR A 1 83  ? 8.874   4.384   -9.985  1.00 64.15  ? 774 TYR A OH  1 
ATOM 618  N N   . ARG A 1 84  ? 6.316   -3.723  -9.940  1.00 62.10  ? 775 ARG A N   1 
ATOM 619  C CA  . ARG A 1 84  ? 5.603   -4.991  -9.755  1.00 59.04  ? 775 ARG A CA  1 
ATOM 620  C C   . ARG A 1 84  ? 4.093   -4.753  -9.729  1.00 59.35  ? 775 ARG A C   1 
ATOM 621  O O   . ARG A 1 84  ? 3.632   -3.722  -9.225  1.00 55.09  ? 775 ARG A O   1 
ATOM 622  C CB  . ARG A 1 84  ? 6.053   -5.702  -8.470  1.00 55.85  ? 775 ARG A CB  1 
ATOM 623  C CG  . ARG A 1 84  ? 7.520   -6.116  -8.480  1.00 57.25  ? 775 ARG A CG  1 
ATOM 624  C CD  . ARG A 1 84  ? 7.865   -7.184  -7.437  1.00 56.34  ? 775 ARG A CD  1 
ATOM 625  N NE  . ARG A 1 84  ? 7.766   -6.706  -6.057  1.00 54.43  ? 775 ARG A NE  1 
ATOM 626  C CZ  . ARG A 1 84  ? 7.975   -7.454  -4.975  1.00 53.54  ? 775 ARG A CZ  1 
ATOM 627  N NH1 . ARG A 1 84  ? 8.309   -8.732  -5.087  1.00 53.49  ? 775 ARG A NH1 1 
ATOM 628  N NH2 . ARG A 1 84  ? 7.854   -6.919  -3.765  1.00 54.42  ? 775 ARG A NH2 1 
ATOM 629  N N   . ALA A 1 85  ? 3.340   -5.710  -10.275 1.00 60.65  ? 776 ALA A N   1 
ATOM 630  C CA  . ALA A 1 85  ? 1.890   -5.567  -10.404 1.00 62.98  ? 776 ALA A CA  1 
ATOM 631  C C   . ALA A 1 85  ? 1.136   -6.895  -10.440 1.00 64.25  ? 776 ALA A C   1 
ATOM 632  O O   . ALA A 1 85  ? 1.706   -7.949  -10.716 1.00 66.53  ? 776 ALA A O   1 
ATOM 633  C CB  . ALA A 1 85  ? 1.558   -4.751  -11.643 1.00 60.78  ? 776 ALA A CB  1 
ATOM 634  N N   . LEU A 1 86  ? -0.158  -6.810  -10.142 1.00 68.16  ? 777 LEU A N   1 
ATOM 635  C CA  . LEU A 1 86  ? -1.098  -7.923  -10.248 1.00 71.54  ? 777 LEU A CA  1 
ATOM 636  C C   . LEU A 1 86  ? -2.225  -7.498  -11.185 1.00 74.36  ? 777 LEU A C   1 
ATOM 637  O O   . LEU A 1 86  ? -2.788  -6.407  -11.028 1.00 74.51  ? 777 LEU A O   1 
ATOM 638  C CB  . LEU A 1 86  ? -1.711  -8.246  -8.880  1.00 71.79  ? 777 LEU A CB  1 
ATOM 639  C CG  . LEU A 1 86  ? -0.934  -9.105  -7.883  1.00 71.99  ? 777 LEU A CG  1 
ATOM 640  C CD1 . LEU A 1 86  ? -1.527  -8.940  -6.493  1.00 71.12  ? 777 LEU A CD1 1 
ATOM 641  C CD2 . LEU A 1 86  ? -0.936  -10.569 -8.299  1.00 72.07  ? 777 LEU A CD2 1 
ATOM 642  N N   . VAL A 1 87  ? -2.559  -8.352  -12.146 1.00 76.29  ? 778 VAL A N   1 
ATOM 643  C CA  . VAL A 1 87  ? -3.660  -8.061  -13.058 1.00 80.51  ? 778 VAL A CA  1 
ATOM 644  C C   . VAL A 1 87  ? -4.970  -8.064  -12.278 1.00 83.35  ? 778 VAL A C   1 
ATOM 645  O O   . VAL A 1 87  ? -5.301  -9.056  -11.626 1.00 82.98  ? 778 VAL A O   1 
ATOM 646  C CB  . VAL A 1 87  ? -3.762  -9.092  -14.195 1.00 79.48  ? 778 VAL A CB  1 
ATOM 647  C CG1 . VAL A 1 87  ? -4.889  -8.710  -15.140 1.00 82.33  ? 778 VAL A CG1 1 
ATOM 648  C CG2 . VAL A 1 87  ? -2.447  -9.200  -14.951 1.00 80.51  ? 778 VAL A CG2 1 
ATOM 649  N N   . LYS A 1 88  ? -5.703  -6.955  -12.338 1.00 88.78  ? 779 LYS A N   1 
ATOM 650  C CA  . LYS A 1 88  ? -6.971  -6.828  -11.621 1.00 94.75  ? 779 LYS A CA  1 
ATOM 651  C C   . LYS A 1 88  ? -8.151  -7.188  -12.535 1.00 100.10 ? 779 LYS A C   1 
ATOM 652  O O   . LYS A 1 88  ? -8.926  -8.096  -12.220 1.00 97.73  ? 779 LYS A O   1 
ATOM 653  C CB  . LYS A 1 88  ? -7.134  -5.411  -11.056 1.00 94.37  ? 779 LYS A CB  1 
ATOM 654  C CG  . LYS A 1 88  ? -7.951  -5.352  -9.774  1.00 95.83  ? 779 LYS A CG  1 
ATOM 655  C CD  . LYS A 1 88  ? -7.117  -5.733  -8.556  1.00 98.46  ? 779 LYS A CD  1 
ATOM 656  C CE  . LYS A 1 88  ? -7.982  -6.201  -7.391  1.00 100.02 ? 779 LYS A CE  1 
ATOM 657  N NZ  . LYS A 1 88  ? -9.086  -5.256  -7.056  1.00 96.12  ? 779 LYS A NZ  1 
ATOM 658  N N   . GLU A 1 89  ? -8.269  -6.482  -13.661 1.00 105.91 ? 780 GLU A N   1 
ATOM 659  C CA  . GLU A 1 89  ? -9.373  -6.673  -14.616 1.00 108.07 ? 780 GLU A CA  1 
ATOM 660  C C   . GLU A 1 89  ? -8.912  -6.539  -16.066 1.00 108.58 ? 780 GLU A C   1 
ATOM 661  O O   . GLU A 1 89  ? -7.947  -5.830  -16.349 1.00 111.37 ? 780 GLU A O   1 
ATOM 662  C CB  . GLU A 1 89  ? -10.482 -5.646  -14.362 1.00 109.15 ? 780 GLU A CB  1 
ATOM 663  C CG  . GLU A 1 89  ? -11.284 -5.883  -13.092 1.00 109.87 ? 780 GLU A CG  1 
ATOM 664  C CD  . GLU A 1 89  ? -12.412 -4.883  -12.906 1.00 110.12 ? 780 GLU A CD  1 
ATOM 665  O OE1 . GLU A 1 89  ? -12.572 -3.980  -13.760 1.00 105.31 ? 780 GLU A OE1 1 
ATOM 666  O OE2 . GLU A 1 89  ? -13.142 -5.003  -11.897 1.00 111.54 ? 780 GLU A OE2 1 
ATOM 667  N N   . ILE A 1 90  ? -9.611  -7.219  -16.975 1.00 108.71 ? 781 ILE A N   1 
ATOM 668  C CA  . ILE A 1 90  ? -9.404  -7.050  -18.415 1.00 108.98 ? 781 ILE A CA  1 
ATOM 669  C C   . ILE A 1 90  ? -10.614 -6.321  -18.992 1.00 109.20 ? 781 ILE A C   1 
ATOM 670  O O   . ILE A 1 90  ? -11.746 -6.777  -18.844 1.00 108.87 ? 781 ILE A O   1 
ATOM 671  C CB  . ILE A 1 90  ? -9.221  -8.397  -19.145 1.00 107.83 ? 781 ILE A CB  1 
ATOM 672  C CG1 . ILE A 1 90  ? -8.044  -9.178  -18.548 1.00 107.91 ? 781 ILE A CG1 1 
ATOM 673  C CG2 . ILE A 1 90  ? -8.993  -8.165  -20.634 1.00 105.10 ? 781 ILE A CG2 1 
ATOM 674  C CD1 . ILE A 1 90  ? -7.839  -10.547 -19.163 1.00 105.08 ? 781 ILE A CD1 1 
ATOM 675  N N   . LEU A 1 91  ? -10.367 -5.189  -19.643 1.00 111.74 ? 782 LEU A N   1 
ATOM 676  C CA  . LEU A 1 91  ? -11.434 -4.335  -20.165 1.00 115.47 ? 782 LEU A CA  1 
ATOM 677  C C   . LEU A 1 91  ? -11.945 -4.840  -21.523 1.00 115.80 ? 782 LEU A C   1 
ATOM 678  O O   . LEU A 1 91  ? -11.337 -5.734  -22.116 1.00 113.30 ? 782 LEU A O   1 
ATOM 679  C CB  . LEU A 1 91  ? -10.921 -2.892  -20.286 1.00 115.80 ? 782 LEU A CB  1 
ATOM 680  C CG  . LEU A 1 91  ? -10.568 -2.212  -18.958 1.00 114.13 ? 782 LEU A CG  1 
ATOM 681  C CD1 . LEU A 1 91  ? -9.756  -0.947  -19.197 1.00 111.77 ? 782 LEU A CD1 1 
ATOM 682  C CD2 . LEU A 1 91  ? -11.826 -1.909  -18.156 1.00 111.17 ? 782 LEU A CD2 1 
ATOM 683  N N   . PRO A 1 92  ? -13.080 -4.285  -22.007 1.00 115.10 ? 783 PRO A N   1 
ATOM 684  C CA  . PRO A 1 92  ? -13.543 -4.562  -23.374 1.00 115.06 ? 783 PRO A CA  1 
ATOM 685  C C   . PRO A 1 92  ? -12.500 -4.245  -24.449 1.00 113.85 ? 783 PRO A C   1 
ATOM 686  O O   . PRO A 1 92  ? -12.429 -4.942  -25.462 1.00 112.32 ? 783 PRO A O   1 
ATOM 687  C CB  . PRO A 1 92  ? -14.767 -3.639  -23.532 1.00 115.53 ? 783 PRO A CB  1 
ATOM 688  C CG  . PRO A 1 92  ? -14.759 -2.731  -22.344 1.00 114.93 ? 783 PRO A CG  1 
ATOM 689  C CD  . PRO A 1 92  ? -14.079 -3.503  -21.260 1.00 113.96 ? 783 PRO A CD  1 
ATOM 690  N N   . SER A 1 93  ? -11.706 -3.199  -24.221 1.00 112.12 ? 784 SER A N   1 
ATOM 691  C CA  . SER A 1 93  ? -10.577 -2.869  -25.089 1.00 111.47 ? 784 SER A CA  1 
ATOM 692  C C   . SER A 1 93  ? -9.473  -3.917  -24.922 1.00 114.41 ? 784 SER A C   1 
ATOM 693  O O   . SER A 1 93  ? -9.662  -4.928  -24.244 1.00 117.33 ? 784 SER A O   1 
ATOM 694  C CB  . SER A 1 93  ? -10.023 -1.482  -24.732 1.00 110.16 ? 784 SER A CB  1 
ATOM 695  O OG  . SER A 1 93  ? -11.048 -0.613  -24.283 1.00 107.20 ? 784 SER A OG  1 
ATOM 696  N N   . GLY A 1 94  ? -8.317  -3.670  -25.533 1.00 115.73 ? 785 GLY A N   1 
ATOM 697  C CA  . GLY A 1 94  ? -7.125  -4.489  -25.292 1.00 115.48 ? 785 GLY A CA  1 
ATOM 698  C C   . GLY A 1 94  ? -6.330  -4.030  -24.077 1.00 114.76 ? 785 GLY A C   1 
ATOM 699  O O   . GLY A 1 94  ? -5.155  -4.369  -23.935 1.00 115.34 ? 785 GLY A O   1 
ATOM 700  N N   . ASN A 1 95  ? -6.976  -3.262  -23.198 1.00 111.84 ? 786 ASN A N   1 
ATOM 701  C CA  . ASN A 1 95  ? -6.333  -2.686  -22.023 1.00 110.83 ? 786 ASN A CA  1 
ATOM 702  C C   . ASN A 1 95  ? -6.684  -3.462  -20.754 1.00 114.44 ? 786 ASN A C   1 
ATOM 703  O O   . ASN A 1 95  ? -7.716  -4.138  -20.691 1.00 117.98 ? 786 ASN A O   1 
ATOM 704  C CB  . ASN A 1 95  ? -6.731  -1.213  -21.868 1.00 106.19 ? 786 ASN A CB  1 
ATOM 705  C CG  . ASN A 1 95  ? -6.118  -0.322  -22.936 1.00 102.37 ? 786 ASN A CG  1 
ATOM 706  O OD1 . ASN A 1 95  ? -5.383  -0.783  -23.812 1.00 95.98  ? 786 ASN A OD1 1 
ATOM 707  N ND2 . ASN A 1 95  ? -6.416  0.970   -22.861 1.00 98.52  ? 786 ASN A ND2 1 
ATOM 708  N N   . VAL A 1 96  ? -5.813  -3.348  -19.751 1.00 113.37 ? 787 VAL A N   1 
ATOM 709  C CA  . VAL A 1 96  ? -5.923  -4.101  -18.501 1.00 110.69 ? 787 VAL A CA  1 
ATOM 710  C C   . VAL A 1 96  ? -5.736  -3.176  -17.296 1.00 108.90 ? 787 VAL A C   1 
ATOM 711  O O   . VAL A 1 96  ? -4.871  -2.295  -17.311 1.00 106.36 ? 787 VAL A O   1 
ATOM 712  C CB  . VAL A 1 96  ? -4.851  -5.215  -18.440 1.00 111.72 ? 787 VAL A CB  1 
ATOM 713  C CG1 . VAL A 1 96  ? -4.911  -5.958  -17.114 1.00 112.22 ? 787 VAL A CG1 1 
ATOM 714  C CG2 . VAL A 1 96  ? -5.012  -6.183  -19.606 1.00 113.66 ? 787 VAL A CG2 1 
ATOM 715  N N   . LYS A 1 97  ? -6.551  -3.374  -16.260 1.00 107.98 ? 788 LYS A N   1 
ATOM 716  C CA  . LYS A 1 97  ? -6.361  -2.685  -14.981 1.00 104.72 ? 788 LYS A CA  1 
ATOM 717  C C   . LYS A 1 97  ? -5.424  -3.508  -14.107 1.00 99.51  ? 788 LYS A C   1 
ATOM 718  O O   . LYS A 1 97  ? -5.578  -4.725  -13.993 1.00 100.45 ? 788 LYS A O   1 
ATOM 719  C CB  . LYS A 1 97  ? -7.694  -2.461  -14.256 1.00 109.28 ? 788 LYS A CB  1 
ATOM 720  C CG  . LYS A 1 97  ? -8.556  -1.372  -14.875 1.00 114.53 ? 788 LYS A CG  1 
ATOM 721  C CD  . LYS A 1 97  ? -9.786  -1.063  -14.031 1.00 115.90 ? 788 LYS A CD  1 
ATOM 722  C CE  . LYS A 1 97  ? -9.466  -0.142  -12.863 1.00 116.17 ? 788 LYS A CE  1 
ATOM 723  N NZ  . LYS A 1 97  ? -9.032  1.210   -13.314 1.00 115.97 ? 788 LYS A NZ  1 
ATOM 724  N N   . VAL A 1 98  ? -4.454  -2.838  -13.493 1.00 93.10  ? 789 VAL A N   1 
ATOM 725  C CA  . VAL A 1 98  ? -3.461  -3.503  -12.656 1.00 87.00  ? 789 VAL A CA  1 
ATOM 726  C C   . VAL A 1 98  ? -3.337  -2.807  -11.307 1.00 84.49  ? 789 VAL A C   1 
ATOM 727  O O   . VAL A 1 98  ? -3.606  -1.609  -11.185 1.00 82.55  ? 789 VAL A O   1 
ATOM 728  C CB  . VAL A 1 98  ? -2.072  -3.537  -13.328 1.00 84.94  ? 789 VAL A CB  1 
ATOM 729  C CG1 . VAL A 1 98  ? -2.055  -4.551  -14.458 1.00 84.00  ? 789 VAL A CG1 1 
ATOM 730  C CG2 . VAL A 1 98  ? -1.679  -2.155  -13.832 1.00 86.13  ? 789 VAL A CG2 1 
ATOM 731  N N   . HIS A 1 99  ? -2.930  -3.579  -10.306 1.00 79.58  ? 790 HIS A N   1 
ATOM 732  C CA  . HIS A 1 99  ? -2.657  -3.070  -8.976  1.00 76.85  ? 790 HIS A CA  1 
ATOM 733  C C   . HIS A 1 99  ? -1.173  -3.097  -8.779  1.00 71.00  ? 790 HIS A C   1 
ATOM 734  O O   . HIS A 1 99  ? -0.551  -4.138  -8.958  1.00 69.56  ? 790 HIS A O   1 
ATOM 735  C CB  . HIS A 1 99  ? -3.339  -3.953  -7.940  1.00 81.84  ? 790 HIS A CB  1 
ATOM 736  C CG  . HIS A 1 99  ? -3.139  -3.495  -6.516  1.00 87.42  ? 790 HIS A CG  1 
ATOM 737  N ND1 . HIS A 1 99  ? -3.917  -2.556  -5.939  1.00 91.91  ? 790 HIS A ND1 1 
ATOM 738  C CD2 . HIS A 1 99  ? -2.212  -3.885  -5.554  1.00 87.74  ? 790 HIS A CD2 1 
ATOM 739  C CE1 . HIS A 1 99  ? -3.508  -2.356  -4.672  1.00 90.78  ? 790 HIS A CE1 1 
ATOM 740  N NE2 . HIS A 1 99  ? -2.463  -3.166  -4.439  1.00 90.60  ? 790 HIS A NE2 1 
ATOM 741  N N   . PHE A 1 100 ? -0.582  -1.960  -8.425  1.00 65.28  ? 791 PHE A N   1 
ATOM 742  C CA  . PHE A 1 100 ? 0.853   -1.913  -8.136  1.00 61.38  ? 791 PHE A CA  1 
ATOM 743  C C   . PHE A 1 100 ? 1.113   -2.345  -6.696  1.00 58.38  ? 791 PHE A C   1 
ATOM 744  O O   . PHE A 1 100 ? 0.908   -1.585  -5.752  1.00 53.34  ? 791 PHE A O   1 
ATOM 745  C CB  . PHE A 1 100 ? 1.423   -0.526  -8.417  1.00 61.37  ? 791 PHE A CB  1 
ATOM 746  C CG  . PHE A 1 100 ? 1.536   -0.220  -9.879  1.00 61.84  ? 791 PHE A CG  1 
ATOM 747  C CD1 . PHE A 1 100 ? 2.673   -0.576  -10.585 1.00 62.58  ? 791 PHE A CD1 1 
ATOM 748  C CD2 . PHE A 1 100 ? 0.493   0.395   -10.560 1.00 63.85  ? 791 PHE A CD2 1 
ATOM 749  C CE1 . PHE A 1 100 ? 2.779   -0.311  -11.941 1.00 62.31  ? 791 PHE A CE1 1 
ATOM 750  C CE2 . PHE A 1 100 ? 0.590   0.663   -11.915 1.00 61.99  ? 791 PHE A CE2 1 
ATOM 751  C CZ  . PHE A 1 100 ? 1.735   0.311   -12.606 1.00 62.35  ? 791 PHE A CZ  1 
ATOM 752  N N   . VAL A 1 101 ? 1.579   -3.580  -6.552  1.00 56.81  ? 792 VAL A N   1 
ATOM 753  C CA  . VAL A 1 101 ? 1.596   -4.263  -5.264  1.00 56.06  ? 792 VAL A CA  1 
ATOM 754  C C   . VAL A 1 101 ? 2.493   -3.627  -4.204  1.00 55.91  ? 792 VAL A C   1 
ATOM 755  O O   . VAL A 1 101 ? 2.250   -3.806  -3.019  1.00 59.53  ? 792 VAL A O   1 
ATOM 756  C CB  . VAL A 1 101 ? 1.984   -5.750  -5.419  1.00 56.89  ? 792 VAL A CB  1 
ATOM 757  C CG1 . VAL A 1 101 ? 0.989   -6.467  -6.316  1.00 57.65  ? 792 VAL A CG1 1 
ATOM 758  C CG2 . VAL A 1 101 ? 3.397   -5.907  -5.966  1.00 55.41  ? 792 VAL A CG2 1 
ATOM 759  N N   . ASP A 1 102 ? 3.522   -2.893  -4.616  1.00 55.54  ? 793 ASP A N   1 
ATOM 760  C CA  . ASP A 1 102 ? 4.431   -2.254  -3.660  1.00 53.42  ? 793 ASP A CA  1 
ATOM 761  C C   . ASP A 1 102 ? 3.961   -0.852  -3.228  1.00 51.90  ? 793 ASP A C   1 
ATOM 762  O O   . ASP A 1 102 ? 4.584   -0.224  -2.367  1.00 48.81  ? 793 ASP A O   1 
ATOM 763  C CB  . ASP A 1 102 ? 5.848   -2.185  -4.250  1.00 54.79  ? 793 ASP A CB  1 
ATOM 764  C CG  . ASP A 1 102 ? 6.460   -3.574  -4.504  1.00 56.48  ? 793 ASP A CG  1 
ATOM 765  O OD1 . ASP A 1 102 ? 6.443   -4.424  -3.585  1.00 55.19  ? 793 ASP A OD1 1 
ATOM 766  O OD2 . ASP A 1 102 ? 6.973   -3.810  -5.624  1.00 58.56  ? 793 ASP A OD2 1 
ATOM 767  N N   . TYR A 1 103 ? 2.870   -0.363  -3.820  1.00 52.67  ? 794 TYR A N   1 
ATOM 768  C CA  . TYR A 1 103 ? 2.406   1.015   -3.587  1.00 55.23  ? 794 TYR A CA  1 
ATOM 769  C C   . TYR A 1 103 ? 0.887   1.177   -3.411  1.00 58.65  ? 794 TYR A C   1 
ATOM 770  O O   . TYR A 1 103 ? 0.431   2.210   -2.936  1.00 63.82  ? 794 TYR A O   1 
ATOM 771  C CB  . TYR A 1 103 ? 2.908   1.930   -4.719  1.00 54.52  ? 794 TYR A CB  1 
ATOM 772  C CG  . TYR A 1 103 ? 4.423   1.924   -4.854  1.00 54.70  ? 794 TYR A CG  1 
ATOM 773  C CD1 . TYR A 1 103 ? 5.226   2.608   -3.946  1.00 54.34  ? 794 TYR A CD1 1 
ATOM 774  C CD2 . TYR A 1 103 ? 5.051   1.203   -5.862  1.00 54.81  ? 794 TYR A CD2 1 
ATOM 775  C CE1 . TYR A 1 103 ? 6.608   2.590   -4.048  1.00 53.88  ? 794 TYR A CE1 1 
ATOM 776  C CE2 . TYR A 1 103 ? 6.436   1.176   -5.970  1.00 55.62  ? 794 TYR A CE2 1 
ATOM 777  C CZ  . TYR A 1 103 ? 7.213   1.875   -5.062  1.00 55.28  ? 794 TYR A CZ  1 
ATOM 778  O OH  . TYR A 1 103 ? 8.595   1.859   -5.162  1.00 53.56  ? 794 TYR A OH  1 
ATOM 779  N N   . GLY A 1 104 ? 0.100   0.183   -3.805  1.00 61.91  ? 795 GLY A N   1 
ATOM 780  C CA  . GLY A 1 104 ? -1.332  0.206   -3.546  1.00 66.23  ? 795 GLY A CA  1 
ATOM 781  C C   . GLY A 1 104 ? -2.212  0.912   -4.566  1.00 70.06  ? 795 GLY A C   1 
ATOM 782  O O   . GLY A 1 104 ? -3.439  0.811   -4.488  1.00 75.88  ? 795 GLY A O   1 
ATOM 783  N N   . ASN A 1 105 ? -1.619  1.628   -5.518  1.00 69.53  ? 796 ASN A N   1 
ATOM 784  C CA  . ASN A 1 105 ? -2.414  2.309   -6.542  1.00 70.54  ? 796 ASN A CA  1 
ATOM 785  C C   . ASN A 1 105 ? -2.823  1.350   -7.665  1.00 72.17  ? 796 ASN A C   1 
ATOM 786  O O   . ASN A 1 105 ? -2.169  0.328   -7.888  1.00 73.55  ? 796 ASN A O   1 
ATOM 787  C CB  . ASN A 1 105 ? -1.687  3.549   -7.094  1.00 70.39  ? 796 ASN A CB  1 
ATOM 788  C CG  . ASN A 1 105 ? -0.370  3.215   -7.769  1.00 72.11  ? 796 ASN A CG  1 
ATOM 789  O OD1 . ASN A 1 105 ? 0.627   2.917   -7.110  1.00 71.13  ? 796 ASN A OD1 1 
ATOM 790  N ND2 . ASN A 1 105 ? -0.356  3.284   -9.094  1.00 74.21  ? 796 ASN A ND2 1 
ATOM 791  N N   . VAL A 1 106 ? -3.921  1.677   -8.344  1.00 74.06  ? 797 VAL A N   1 
ATOM 792  C CA  . VAL A 1 106 ? -4.416  0.892   -9.480  1.00 75.14  ? 797 VAL A CA  1 
ATOM 793  C C   . VAL A 1 106 ? -4.509  1.785   -10.711 1.00 76.95  ? 797 VAL A C   1 
ATOM 794  O O   . VAL A 1 106 ? -4.999  2.911   -10.621 1.00 77.53  ? 797 VAL A O   1 
ATOM 795  C CB  . VAL A 1 106 ? -5.815  0.304   -9.197  1.00 74.46  ? 797 VAL A CB  1 
ATOM 796  C CG1 . VAL A 1 106 ? -6.339  -0.453  -10.410 1.00 73.17  ? 797 VAL A CG1 1 
ATOM 797  C CG2 . VAL A 1 106 ? -5.781  -0.597  -7.972  1.00 74.00  ? 797 VAL A CG2 1 
ATOM 798  N N   . GLU A 1 107 ? -4.041  1.289   -11.854 1.00 79.39  ? 798 GLU A N   1 
ATOM 799  C CA  . GLU A 1 107 ? -4.042  2.082   -13.089 1.00 85.79  ? 798 GLU A CA  1 
ATOM 800  C C   . GLU A 1 107 ? -4.538  1.290   -14.296 1.00 87.16  ? 798 GLU A C   1 
ATOM 801  O O   . GLU A 1 107 ? -4.716  0.076   -14.226 1.00 87.46  ? 798 GLU A O   1 
ATOM 802  C CB  . GLU A 1 107 ? -2.638  2.626   -13.388 1.00 87.58  ? 798 GLU A CB  1 
ATOM 803  C CG  . GLU A 1 107 ? -2.017  3.480   -12.285 1.00 92.23  ? 798 GLU A CG  1 
ATOM 804  C CD  . GLU A 1 107 ? -2.799  4.750   -11.962 1.00 95.52  ? 798 GLU A CD  1 
ATOM 805  O OE1 . GLU A 1 107 ? -3.568  5.236   -12.823 1.00 97.22  ? 798 GLU A OE1 1 
ATOM 806  O OE2 . GLU A 1 107 ? -2.637  5.268   -10.834 1.00 94.97  ? 798 GLU A OE2 1 
ATOM 807  N N   . GLU A 1 108 ? -4.762  2.004   -15.395 1.00 89.69  ? 799 GLU A N   1 
ATOM 808  C CA  . GLU A 1 108 ? -5.120  1.408   -16.679 1.00 91.73  ? 799 GLU A CA  1 
ATOM 809  C C   . GLU A 1 108 ? -3.912  1.485   -17.616 1.00 88.46  ? 799 GLU A C   1 
ATOM 810  O O   . GLU A 1 108 ? -3.263  2.531   -17.714 1.00 86.41  ? 799 GLU A O   1 
ATOM 811  C CB  . GLU A 1 108 ? -6.312  2.151   -17.292 1.00 96.17  ? 799 GLU A CB  1 
ATOM 812  C CG  . GLU A 1 108 ? -6.935  1.465   -18.504 1.00 101.53 ? 799 GLU A CG  1 
ATOM 813  C CD  . GLU A 1 108 ? -7.780  2.402   -19.359 1.00 107.05 ? 799 GLU A CD  1 
ATOM 814  O OE1 . GLU A 1 108 ? -8.381  3.352   -18.808 1.00 107.64 ? 799 GLU A OE1 1 
ATOM 815  O OE2 . GLU A 1 108 ? -7.842  2.186   -20.590 1.00 109.26 ? 799 GLU A OE2 1 
ATOM 816  N N   . VAL A 1 109 ? -3.620  0.382   -18.306 1.00 85.69  ? 800 VAL A N   1 
ATOM 817  C CA  . VAL A 1 109 ? -2.463  0.302   -19.208 1.00 83.58  ? 800 VAL A CA  1 
ATOM 818  C C   . VAL A 1 109 ? -2.730  -0.584  -20.432 1.00 82.19  ? 800 VAL A C   1 
ATOM 819  O O   . VAL A 1 109 ? -3.567  -1.482  -20.388 1.00 81.71  ? 800 VAL A O   1 
ATOM 820  C CB  . VAL A 1 109 ? -1.220  -0.241  -18.470 1.00 82.29  ? 800 VAL A CB  1 
ATOM 821  C CG1 . VAL A 1 109 ? -0.575  0.850   -17.628 1.00 80.81  ? 800 VAL A CG1 1 
ATOM 822  C CG2 . VAL A 1 109 ? -1.589  -1.449  -17.622 1.00 79.62  ? 800 VAL A CG2 1 
ATOM 823  N N   . THR A 1 110 ? -2.002  -0.332  -21.517 1.00 81.13  ? 801 THR A N   1 
ATOM 824  C CA  . THR A 1 110 ? -2.126  -1.137  -22.733 1.00 82.06  ? 801 THR A CA  1 
ATOM 825  C C   . THR A 1 110 ? -1.317  -2.425  -22.569 1.00 85.93  ? 801 THR A C   1 
ATOM 826  O O   . THR A 1 110 ? -0.480  -2.514  -21.671 1.00 89.18  ? 801 THR A O   1 
ATOM 827  C CB  . THR A 1 110 ? -1.643  -0.352  -23.970 1.00 81.11  ? 801 THR A CB  1 
ATOM 828  O OG1 . THR A 1 110 ? -0.219  -0.197  -23.927 1.00 79.73  ? 801 THR A OG1 1 
ATOM 829  C CG2 . THR A 1 110 ? -2.299  1.026   -24.016 1.00 77.79  ? 801 THR A CG2 1 
ATOM 830  N N   . THR A 1 111 ? -1.560  -3.423  -23.421 1.00 88.87  ? 802 THR A N   1 
ATOM 831  C CA  . THR A 1 111 ? -0.866  -4.720  -23.302 1.00 88.86  ? 802 THR A CA  1 
ATOM 832  C C   . THR A 1 111 ? 0.637   -4.628  -23.584 1.00 88.60  ? 802 THR A C   1 
ATOM 833  O O   . THR A 1 111 ? 1.405   -5.478  -23.133 1.00 87.42  ? 802 THR A O   1 
ATOM 834  C CB  . THR A 1 111 ? -1.473  -5.813  -24.213 1.00 88.70  ? 802 THR A CB  1 
ATOM 835  O OG1 . THR A 1 111 ? -1.565  -5.333  -25.558 1.00 88.31  ? 802 THR A OG1 1 
ATOM 836  C CG2 . THR A 1 111 ? -2.852  -6.230  -23.715 1.00 85.77  ? 802 THR A CG2 1 
ATOM 837  N N   . ASP A 1 112 ? 1.048   -3.602  -24.327 1.00 89.85  ? 803 ASP A N   1 
ATOM 838  C CA  . ASP A 1 112 ? 2.470   -3.326  -24.546 1.00 93.54  ? 803 ASP A CA  1 
ATOM 839  C C   . ASP A 1 112 ? 3.147   -2.766  -23.297 1.00 89.95  ? 803 ASP A C   1 
ATOM 840  O O   . ASP A 1 112 ? 4.372   -2.773  -23.199 1.00 86.65  ? 803 ASP A O   1 
ATOM 841  C CB  . ASP A 1 112 ? 2.659   -2.350  -25.711 1.00 99.99  ? 803 ASP A CB  1 
ATOM 842  C CG  . ASP A 1 112 ? 2.309   -2.966  -27.055 1.00 107.02 ? 803 ASP A CG  1 
ATOM 843  O OD1 . ASP A 1 112 ? 2.697   -4.130  -27.304 1.00 111.36 ? 803 ASP A OD1 1 
ATOM 844  O OD2 . ASP A 1 112 ? 1.653   -2.282  -27.868 1.00 111.38 ? 803 ASP A OD2 1 
ATOM 845  N N   . GLN A 1 113 ? 2.344   -2.276  -22.352 1.00 89.41  ? 804 GLN A N   1 
ATOM 846  C CA  . GLN A 1 113 ? 2.842   -1.791  -21.065 1.00 85.97  ? 804 GLN A CA  1 
ATOM 847  C C   . GLN A 1 113 ? 2.834   -2.880  -19.981 1.00 84.55  ? 804 GLN A C   1 
ATOM 848  O O   . GLN A 1 113 ? 2.851   -2.566  -18.790 1.00 85.23  ? 804 GLN A O   1 
ATOM 849  C CB  . GLN A 1 113 ? 2.011   -0.591  -20.602 1.00 84.61  ? 804 GLN A CB  1 
ATOM 850  C CG  . GLN A 1 113 ? 2.145   0.635   -21.485 1.00 84.70  ? 804 GLN A CG  1 
ATOM 851  C CD  . GLN A 1 113 ? 1.253   1.781   -21.037 1.00 84.14  ? 804 GLN A CD  1 
ATOM 852  O OE1 . GLN A 1 113 ? 0.086   1.582   -20.696 1.00 82.09  ? 804 GLN A OE1 1 
ATOM 853  N NE2 . GLN A 1 113 ? 1.799   2.990   -21.046 1.00 82.47  ? 804 GLN A NE2 1 
ATOM 854  N N   . LEU A 1 114 ? 2.814   -4.149  -20.392 1.00 81.27  ? 805 LEU A N   1 
ATOM 855  C CA  . LEU A 1 114 ? 2.906   -5.275  -19.462 1.00 78.76  ? 805 LEU A CA  1 
ATOM 856  C C   . LEU A 1 114 ? 4.011   -6.239  -19.874 1.00 78.42  ? 805 LEU A C   1 
ATOM 857  O O   . LEU A 1 114 ? 4.351   -6.330  -21.051 1.00 81.17  ? 805 LEU A O   1 
ATOM 858  C CB  . LEU A 1 114 ? 1.576   -6.020  -19.403 1.00 79.32  ? 805 LEU A CB  1 
ATOM 859  C CG  . LEU A 1 114 ? 0.390   -5.241  -18.839 1.00 81.50  ? 805 LEU A CG  1 
ATOM 860  C CD1 . LEU A 1 114 ? -0.833  -6.141  -18.754 1.00 82.07  ? 805 LEU A CD1 1 
ATOM 861  C CD2 . LEU A 1 114 ? 0.715   -4.660  -17.471 1.00 82.34  ? 805 LEU A CD2 1 
ATOM 862  N N   . GLN A 1 115 ? 4.570   -6.955  -18.902 1.00 77.41  ? 806 GLN A N   1 
ATOM 863  C CA  . GLN A 1 115 ? 5.633   -7.928  -19.161 1.00 77.33  ? 806 GLN A CA  1 
ATOM 864  C C   . GLN A 1 115 ? 5.538   -9.104  -18.204 1.00 76.27  ? 806 GLN A C   1 
ATOM 865  O O   . GLN A 1 115 ? 4.868   -9.027  -17.180 1.00 76.60  ? 806 GLN A O   1 
ATOM 866  C CB  . GLN A 1 115 ? 7.015   -7.280  -19.014 1.00 79.55  ? 806 GLN A CB  1 
ATOM 867  C CG  . GLN A 1 115 ? 7.426   -6.357  -20.153 1.00 82.15  ? 806 GLN A CG  1 
ATOM 868  C CD  . GLN A 1 115 ? 8.919   -6.044  -20.155 1.00 84.70  ? 806 GLN A CD  1 
ATOM 869  O OE1 . GLN A 1 115 ? 9.754   -6.921  -19.905 1.00 86.29  ? 806 GLN A OE1 1 
ATOM 870  N NE2 . GLN A 1 115 ? 9.262   -4.793  -20.448 1.00 83.34  ? 806 GLN A NE2 1 
ATOM 871  N N   . ALA A 1 116 ? 6.221   -10.192 -18.543 1.00 80.36  ? 807 ALA A N   1 
ATOM 872  C CA  . ALA A 1 116 ? 6.320   -11.353 -17.656 1.00 80.70  ? 807 ALA A CA  1 
ATOM 873  C C   . ALA A 1 116 ? 7.328   -11.067 -16.543 1.00 80.48  ? 807 ALA A C   1 
ATOM 874  O O   . ALA A 1 116 ? 8.332   -10.385 -16.770 1.00 81.07  ? 807 ALA A O   1 
ATOM 875  C CB  . ALA A 1 116 ? 6.732   -12.591 -18.442 1.00 77.23  ? 807 ALA A CB  1 
ATOM 876  N N   . ILE A 1 117 ? 7.061   -11.589 -15.348 1.00 78.12  ? 808 ILE A N   1 
ATOM 877  C CA  . ILE A 1 117 ? 7.927   -11.354 -14.196 1.00 77.86  ? 808 ILE A CA  1 
ATOM 878  C C   . ILE A 1 117 ? 8.685   -12.622 -13.819 1.00 79.46  ? 808 ILE A C   1 
ATOM 879  O O   . ILE A 1 117 ? 8.095   -13.691 -13.674 1.00 84.33  ? 808 ILE A O   1 
ATOM 880  C CB  . ILE A 1 117 ? 7.126   -10.832 -12.980 1.00 77.65  ? 808 ILE A CB  1 
ATOM 881  C CG1 . ILE A 1 117 ? 8.067   -10.204 -11.943 1.00 76.71  ? 808 ILE A CG1 1 
ATOM 882  C CG2 . ILE A 1 117 ? 6.290   -11.943 -12.356 1.00 76.00  ? 808 ILE A CG2 1 
ATOM 883  C CD1 . ILE A 1 117 ? 7.376   -9.275  -10.970 1.00 75.29  ? 808 ILE A CD1 1 
ATOM 884  N N   . LEU A 1 118 ? 9.998   -12.500 -13.664 1.00 79.83  ? 809 LEU A N   1 
ATOM 885  C CA  . LEU A 1 118 ? 10.808  -13.638 -13.267 1.00 81.35  ? 809 LEU A CA  1 
ATOM 886  C C   . LEU A 1 118 ? 10.617  -13.929 -11.773 1.00 83.12  ? 809 LEU A C   1 
ATOM 887  O O   . LEU A 1 118 ? 10.431  -13.002 -10.976 1.00 82.12  ? 809 LEU A O   1 
ATOM 888  C CB  . LEU A 1 118 ? 12.286  -13.396 -13.585 1.00 84.11  ? 809 LEU A CB  1 
ATOM 889  C CG  . LEU A 1 118 ? 12.658  -13.193 -15.061 1.00 86.42  ? 809 LEU A CG  1 
ATOM 890  C CD1 . LEU A 1 118 ? 14.163  -12.994 -15.202 1.00 84.55  ? 809 LEU A CD1 1 
ATOM 891  C CD2 . LEU A 1 118 ? 12.189  -14.355 -15.930 1.00 83.99  ? 809 LEU A CD2 1 
ATOM 892  N N   . PRO A 1 119 ? 10.646  -15.223 -11.395 1.00 81.15  ? 810 PRO A N   1 
ATOM 893  C CA  . PRO A 1 119 ? 10.514  -15.701 -10.017 1.00 78.97  ? 810 PRO A CA  1 
ATOM 894  C C   . PRO A 1 119 ? 11.387  -15.027 -8.953  1.00 76.49  ? 810 PRO A C   1 
ATOM 895  O O   . PRO A 1 119 ? 10.935  -14.891 -7.817  1.00 76.45  ? 810 PRO A O   1 
ATOM 896  C CB  . PRO A 1 119 ? 10.902  -17.174 -10.132 1.00 79.18  ? 810 PRO A CB  1 
ATOM 897  C CG  . PRO A 1 119 ? 10.445  -17.560 -11.488 1.00 80.05  ? 810 PRO A CG  1 
ATOM 898  C CD  . PRO A 1 119 ? 10.583  -16.341 -12.356 1.00 79.77  ? 810 PRO A CD  1 
ATOM 899  N N   . GLN A 1 120 ? 12.615  -14.632 -9.289  1.00 75.84  ? 811 GLN A N   1 
ATOM 900  C CA  . GLN A 1 120 ? 13.510  -14.049 -8.273  1.00 77.87  ? 811 GLN A CA  1 
ATOM 901  C C   . GLN A 1 120 ? 13.136  -12.608 -7.901  1.00 74.71  ? 811 GLN A C   1 
ATOM 902  O O   . GLN A 1 120 ? 13.594  -12.090 -6.877  1.00 71.09  ? 811 GLN A O   1 
ATOM 903  C CB  . GLN A 1 120 ? 14.992  -14.149 -8.668  1.00 81.28  ? 811 GLN A CB  1 
ATOM 904  C CG  . GLN A 1 120 ? 15.496  -13.105 -9.654  1.00 85.10  ? 811 GLN A CG  1 
ATOM 905  C CD  . GLN A 1 120 ? 15.294  -13.507 -11.098 1.00 89.83  ? 811 GLN A CD  1 
ATOM 906  O OE1 . GLN A 1 120 ? 14.510  -14.406 -11.407 1.00 95.35  ? 811 GLN A OE1 1 
ATOM 907  N NE2 . GLN A 1 120 ? 16.010  -12.843 -11.996 1.00 92.89  ? 811 GLN A NE2 1 
ATOM 908  N N   . PHE A 1 121 ? 12.297  -11.975 -8.721  1.00 69.32  ? 812 PHE A N   1 
ATOM 909  C CA  . PHE A 1 121 ? 11.718  -10.682 -8.371  1.00 65.88  ? 812 PHE A CA  1 
ATOM 910  C C   . PHE A 1 121 ? 10.435  -10.815 -7.555  1.00 63.88  ? 812 PHE A C   1 
ATOM 911  O O   . PHE A 1 121 ? 9.780   -9.810  -7.289  1.00 64.16  ? 812 PHE A O   1 
ATOM 912  C CB  . PHE A 1 121 ? 11.432  -9.858  -9.629  1.00 67.18  ? 812 PHE A CB  1 
ATOM 913  C CG  . PHE A 1 121 ? 12.636  -9.635  -10.503 1.00 68.93  ? 812 PHE A CG  1 
ATOM 914  C CD1 . PHE A 1 121 ? 13.877  -9.320  -9.950  1.00 69.11  ? 812 PHE A CD1 1 
ATOM 915  C CD2 . PHE A 1 121 ? 12.522  -9.714  -11.886 1.00 67.65  ? 812 PHE A CD2 1 
ATOM 916  C CE1 . PHE A 1 121 ? 14.979  -9.113  -10.758 1.00 70.22  ? 812 PHE A CE1 1 
ATOM 917  C CE2 . PHE A 1 121 ? 13.621  -9.503  -12.699 1.00 69.11  ? 812 PHE A CE2 1 
ATOM 918  C CZ  . PHE A 1 121 ? 14.851  -9.202  -12.136 1.00 70.21  ? 812 PHE A CZ  1 
ATOM 919  N N   . LEU A 1 122 ? 10.069  -12.038 -7.167  1.00 59.39  ? 813 LEU A N   1 
ATOM 920  C CA  . LEU A 1 122 ? 8.922   -12.262 -6.284  1.00 57.39  ? 813 LEU A CA  1 
ATOM 921  C C   . LEU A 1 122 ? 9.328   -12.718 -4.879  1.00 56.14  ? 813 LEU A C   1 
ATOM 922  O O   . LEU A 1 122 ? 8.471   -12.873 -4.006  1.00 56.82  ? 813 LEU A O   1 
ATOM 923  C CB  . LEU A 1 122 ? 7.976   -13.293 -6.899  1.00 57.94  ? 813 LEU A CB  1 
ATOM 924  C CG  . LEU A 1 122 ? 7.270   -12.893 -8.193  1.00 57.16  ? 813 LEU A CG  1 
ATOM 925  C CD1 . LEU A 1 122 ? 6.521   -14.089 -8.759  1.00 56.66  ? 813 LEU A CD1 1 
ATOM 926  C CD2 . LEU A 1 122 ? 6.325   -11.726 -7.960  1.00 53.19  ? 813 LEU A CD2 1 
ATOM 927  N N   . LEU A 1 123 ? 10.625  -12.921 -4.661  1.00 56.59  ? 814 LEU A N   1 
ATOM 928  C CA  . LEU A 1 123 ? 11.128  -13.412 -3.375  1.00 58.06  ? 814 LEU A CA  1 
ATOM 929  C C   . LEU A 1 123 ? 10.852  -12.415 -2.257  1.00 57.79  ? 814 LEU A C   1 
ATOM 930  O O   . LEU A 1 123 ? 10.568  -12.808 -1.126  1.00 62.97  ? 814 LEU A O   1 
ATOM 931  C CB  . LEU A 1 123 ? 12.637  -13.701 -3.449  1.00 61.35  ? 814 LEU A CB  1 
ATOM 932  C CG  . LEU A 1 123 ? 13.126  -14.750 -4.465  1.00 62.39  ? 814 LEU A CG  1 
ATOM 933  C CD1 . LEU A 1 123 ? 14.613  -14.559 -4.761  1.00 62.62  ? 814 LEU A CD1 1 
ATOM 934  C CD2 . LEU A 1 123 ? 12.847  -16.170 -3.989  1.00 59.10  ? 814 LEU A CD2 1 
ATOM 935  N N   . LEU A 1 124 ? 10.944  -11.126 -2.582  1.00 55.97  ? 815 LEU A N   1 
ATOM 936  C CA  . LEU A 1 124 ? 10.614  -10.047 -1.649  1.00 52.07  ? 815 LEU A CA  1 
ATOM 937  C C   . LEU A 1 124 ? 9.105   -9.951  -1.490  1.00 49.79  ? 815 LEU A C   1 
ATOM 938  O O   . LEU A 1 124 ? 8.396   -9.855  -2.489  1.00 50.84  ? 815 LEU A O   1 
ATOM 939  C CB  . LEU A 1 124 ? 11.135  -8.709  -2.182  1.00 50.93  ? 815 LEU A CB  1 
ATOM 940  C CG  . LEU A 1 124 ? 10.962  -7.469  -1.300  1.00 50.42  ? 815 LEU A CG  1 
ATOM 941  C CD1 . LEU A 1 124 ? 11.873  -7.539  -0.082  1.00 48.72  ? 815 LEU A CD1 1 
ATOM 942  C CD2 . LEU A 1 124 ? 11.224  -6.203  -2.103  1.00 47.44  ? 815 LEU A CD2 1 
ATOM 943  N N   . PRO A 1 125 ? 8.603   -9.965  -0.242  1.00 48.67  ? 816 PRO A N   1 
ATOM 944  C CA  . PRO A 1 125 ? 7.162   -9.768  -0.048  1.00 48.30  ? 816 PRO A CA  1 
ATOM 945  C C   . PRO A 1 125 ? 6.659   -8.509  -0.748  1.00 47.43  ? 816 PRO A C   1 
ATOM 946  O O   . PRO A 1 125 ? 7.416   -7.565  -0.921  1.00 47.72  ? 816 PRO A O   1 
ATOM 947  C CB  . PRO A 1 125 ? 7.021   -9.621  1.476   1.00 48.40  ? 816 PRO A CB  1 
ATOM 948  C CG  . PRO A 1 125 ? 8.229   -10.274 2.065   1.00 46.80  ? 816 PRO A CG  1 
ATOM 949  C CD  . PRO A 1 125 ? 9.307   -10.275 1.019   1.00 47.94  ? 816 PRO A CD  1 
ATOM 950  N N   . PHE A 1 126 ? 5.397   -8.496  -1.159  1.00 49.66  ? 817 PHE A N   1 
ATOM 951  C CA  . PHE A 1 126 ? 4.794   -7.277  -1.698  1.00 49.22  ? 817 PHE A CA  1 
ATOM 952  C C   . PHE A 1 126 ? 4.583   -6.307  -0.545  1.00 48.27  ? 817 PHE A C   1 
ATOM 953  O O   . PHE A 1 126 ? 4.165   -6.722  0.527   1.00 47.80  ? 817 PHE A O   1 
ATOM 954  C CB  . PHE A 1 126 ? 3.465   -7.579  -2.390  1.00 50.93  ? 817 PHE A CB  1 
ATOM 955  C CG  . PHE A 1 126 ? 3.589   -8.376  -3.670  1.00 52.59  ? 817 PHE A CG  1 
ATOM 956  C CD1 . PHE A 1 126 ? 4.826   -8.731  -4.202  1.00 53.09  ? 817 PHE A CD1 1 
ATOM 957  C CD2 . PHE A 1 126 ? 2.440   -8.746  -4.367  1.00 53.80  ? 817 PHE A CD2 1 
ATOM 958  C CE1 . PHE A 1 126 ? 4.908   -9.453  -5.380  1.00 54.20  ? 817 PHE A CE1 1 
ATOM 959  C CE2 . PHE A 1 126 ? 2.519   -9.465  -5.547  1.00 53.40  ? 817 PHE A CE2 1 
ATOM 960  C CZ  . PHE A 1 126 ? 3.754   -9.821  -6.053  1.00 53.94  ? 817 PHE A CZ  1 
ATOM 961  N N   . GLN A 1 127 ? 4.872   -5.024  -0.764  1.00 49.14  ? 818 GLN A N   1 
ATOM 962  C CA  . GLN A 1 127 ? 5.020   -4.054  0.341   1.00 49.31  ? 818 GLN A CA  1 
ATOM 963  C C   . GLN A 1 127 ? 3.914   -3.014  0.473   1.00 47.98  ? 818 GLN A C   1 
ATOM 964  O O   . GLN A 1 127 ? 3.895   -2.270  1.448   1.00 48.64  ? 818 GLN A O   1 
ATOM 965  C CB  . GLN A 1 127 ? 6.348   -3.310  0.196   1.00 50.62  ? 818 GLN A CB  1 
ATOM 966  C CG  . GLN A 1 127 ? 7.555   -4.213  0.030   1.00 51.69  ? 818 GLN A CG  1 
ATOM 967  C CD  . GLN A 1 127 ? 7.891   -4.967  1.294   1.00 50.75  ? 818 GLN A CD  1 
ATOM 968  O OE1 . GLN A 1 127 ? 8.165   -4.369  2.326   1.00 55.10  ? 818 GLN A OE1 1 
ATOM 969  N NE2 . GLN A 1 127 ? 7.878   -6.284  1.218   1.00 51.57  ? 818 GLN A NE2 1 
ATOM 970  N N   . GLY A 1 128 ? 3.011   -2.943  -0.498  1.00 47.83  ? 819 GLY A N   1 
ATOM 971  C CA  . GLY A 1 128 ? 1.893   -2.008  -0.433  1.00 48.42  ? 819 GLY A CA  1 
ATOM 972  C C   . GLY A 1 128 ? 0.791   -2.563  0.443   1.00 51.26  ? 819 GLY A C   1 
ATOM 973  O O   . GLY A 1 128 ? -0.226  -3.042  -0.061  1.00 53.69  ? 819 GLY A O   1 
ATOM 974  N N   . MET A 1 129 ? 1.002   -2.500  1.758   1.00 51.57  ? 820 MET A N   1 
ATOM 975  C CA  . MET A 1 129 ? 0.075   -3.066  2.738   1.00 52.05  ? 820 MET A CA  1 
ATOM 976  C C   . MET A 1 129 ? -1.180  -2.215  2.950   1.00 51.16  ? 820 MET A C   1 
ATOM 977  O O   . MET A 1 129 ? -1.104  -1.115  3.503   1.00 49.70  ? 820 MET A O   1 
ATOM 978  C CB  . MET A 1 129 ? 0.767   -3.200  4.094   1.00 55.63  ? 820 MET A CB  1 
ATOM 979  C CG  . MET A 1 129 ? 1.634   -4.425  4.273   1.00 59.06  ? 820 MET A CG  1 
ATOM 980  S SD  . MET A 1 129 ? 0.718   -5.957  4.027   1.00 62.17  ? 820 MET A SD  1 
ATOM 981  C CE  . MET A 1 129 ? 1.627   -6.525  2.603   1.00 57.85  ? 820 MET A CE  1 
ATOM 982  N N   . GLN A 1 130 ? -2.335  -2.743  2.555   1.00 48.59  ? 821 GLN A N   1 
ATOM 983  C CA  . GLN A 1 130 ? -3.604  -2.087  2.817   1.00 48.17  ? 821 GLN A CA  1 
ATOM 984  C C   . GLN A 1 130 ? -3.857  -2.015  4.317   1.00 47.85  ? 821 GLN A C   1 
ATOM 985  O O   . GLN A 1 130 ? -3.707  -3.009  5.026   1.00 46.80  ? 821 GLN A O   1 
ATOM 986  C CB  . GLN A 1 130 ? -4.749  -2.829  2.132   1.00 50.66  ? 821 GLN A CB  1 
ATOM 987  C CG  . GLN A 1 130 ? -6.125  -2.267  2.463   1.00 52.25  ? 821 GLN A CG  1 
ATOM 988  C CD  . GLN A 1 130 ? -7.163  -2.578  1.406   1.00 55.16  ? 821 GLN A CD  1 
ATOM 989  O OE1 . GLN A 1 130 ? -6.830  -2.954  0.283   1.00 59.79  ? 821 GLN A OE1 1 
ATOM 990  N NE2 . GLN A 1 130 ? -8.432  -2.415  1.761   1.00 56.84  ? 821 GLN A NE2 1 
ATOM 991  N N   . CYS A 1 131 ? -4.247  -0.832  4.790   1.00 46.77  ? 822 CYS A N   1 
ATOM 992  C CA  . CYS A 1 131 ? -4.420  -0.585  6.215   1.00 45.98  ? 822 CYS A CA  1 
ATOM 993  C C   . CYS A 1 131 ? -5.681  0.214   6.498   1.00 45.66  ? 822 CYS A C   1 
ATOM 994  O O   . CYS A 1 131 ? -6.271  0.804   5.593   1.00 43.84  ? 822 CYS A O   1 
ATOM 995  C CB  . CYS A 1 131 ? -3.221  0.177   6.778   1.00 46.00  ? 822 CYS A CB  1 
ATOM 996  S SG  . CYS A 1 131 ? -1.649  -0.697  6.653   1.00 49.44  ? 822 CYS A SG  1 
ATOM 997  N N   . TRP A 1 132 ? -6.078  0.210   7.770   1.00 45.17  ? 823 TRP A N   1 
ATOM 998  C CA  . TRP A 1 132 ? -7.158  1.040   8.269   1.00 46.54  ? 823 TRP A CA  1 
ATOM 999  C C   . TRP A 1 132 ? -6.977  1.261   9.747   1.00 47.83  ? 823 TRP A C   1 
ATOM 1000 O O   . TRP A 1 132 ? -6.388  0.427   10.429  1.00 50.89  ? 823 TRP A O   1 
ATOM 1001 C CB  . TRP A 1 132 ? -8.508  0.392   7.973   1.00 46.46  ? 823 TRP A CB  1 
ATOM 1002 C CG  . TRP A 1 132 ? -8.704  -0.970  8.588   1.00 45.83  ? 823 TRP A CG  1 
ATOM 1003 C CD1 . TRP A 1 132 ? -9.142  -1.266  9.879   1.00 45.22  ? 823 TRP A CD1 1 
ATOM 1004 C CD2 . TRP A 1 132 ? -8.496  -2.275  7.945   1.00 45.20  ? 823 TRP A CD2 1 
ATOM 1005 N NE1 . TRP A 1 132 ? -9.202  -2.625  10.072  1.00 46.11  ? 823 TRP A NE1 1 
ATOM 1006 C CE2 . TRP A 1 132 ? -8.822  -3.285  8.953   1.00 45.06  ? 823 TRP A CE2 1 
ATOM 1007 C CE3 . TRP A 1 132 ? -8.079  -2.690  6.687   1.00 45.75  ? 823 TRP A CE3 1 
ATOM 1008 C CZ2 . TRP A 1 132 ? -8.727  -4.639  8.688   1.00 44.57  ? 823 TRP A CZ2 1 
ATOM 1009 C CZ3 . TRP A 1 132 ? -7.984  -4.064  6.434   1.00 45.19  ? 823 TRP A CZ3 1 
ATOM 1010 C CH2 . TRP A 1 132 ? -8.304  -5.012  7.412   1.00 44.54  ? 823 TRP A CH2 1 
ATOM 1011 N N   . LEU A 1 133 ? -7.459  2.387   10.261  1.00 49.23  ? 824 LEU A N   1 
ATOM 1012 C CA  . LEU A 1 133 ? -7.446  2.621   11.704  1.00 52.07  ? 824 LEU A CA  1 
ATOM 1013 C C   . LEU A 1 133 ? -8.546  1.793   12.369  1.00 55.08  ? 824 LEU A C   1 
ATOM 1014 O O   . LEU A 1 133 ? -9.679  1.783   11.896  1.00 57.34  ? 824 LEU A O   1 
ATOM 1015 C CB  . LEU A 1 133 ? -7.671  4.096   12.019  1.00 52.53  ? 824 LEU A CB  1 
ATOM 1016 C CG  . LEU A 1 133 ? -6.605  5.078   11.538  1.00 53.45  ? 824 LEU A CG  1 
ATOM 1017 C CD1 . LEU A 1 133 ? -7.096  6.500   11.767  1.00 53.24  ? 824 LEU A CD1 1 
ATOM 1018 C CD2 . LEU A 1 133 ? -5.275  4.831   12.235  1.00 51.48  ? 824 LEU A CD2 1 
ATOM 1019 N N   . VAL A 1 134 ? -8.209  1.103   13.457  1.00 56.22  ? 825 VAL A N   1 
ATOM 1020 C CA  . VAL A 1 134 ? -9.179  0.279   14.177  1.00 59.39  ? 825 VAL A CA  1 
ATOM 1021 C C   . VAL A 1 134 ? -10.022 1.113   15.138  1.00 67.09  ? 825 VAL A C   1 
ATOM 1022 O O   . VAL A 1 134 ? -9.640  2.224   15.525  1.00 67.72  ? 825 VAL A O   1 
ATOM 1023 C CB  . VAL A 1 134 ? -8.492  -0.836  14.996  1.00 56.90  ? 825 VAL A CB  1 
ATOM 1024 C CG1 . VAL A 1 134 ? -7.666  -1.730  14.089  1.00 56.52  ? 825 VAL A CG1 1 
ATOM 1025 C CG2 . VAL A 1 134 ? -7.630  -0.245  16.103  1.00 53.57  ? 825 VAL A CG2 1 
ATOM 1026 N N   . ASP A 1 135 ? -11.167 0.556   15.523  1.00 74.24  ? 826 ASP A N   1 
ATOM 1027 C CA  . ASP A 1 135 ? -12.026 1.138   16.564  1.00 79.48  ? 826 ASP A CA  1 
ATOM 1028 C C   . ASP A 1 135 ? -12.469 2.584   16.274  1.00 76.34  ? 826 ASP A C   1 
ATOM 1029 O O   . ASP A 1 135 ? -12.541 3.420   17.183  1.00 78.35  ? 826 ASP A O   1 
ATOM 1030 C CB  . ASP A 1 135 ? -11.354 1.027   17.951  1.00 84.48  ? 826 ASP A CB  1 
ATOM 1031 C CG  . ASP A 1 135 ? -11.133 -0.430  18.396  1.00 89.75  ? 826 ASP A CG  1 
ATOM 1032 O OD1 . ASP A 1 135 ? -11.630 -1.364  17.721  1.00 92.49  ? 826 ASP A OD1 1 
ATOM 1033 O OD2 . ASP A 1 135 ? -10.463 -0.641  19.433  1.00 89.91  ? 826 ASP A OD2 1 
ATOM 1034 N N   . ILE A 1 136 ? -12.764 2.863   15.004  1.00 70.43  ? 827 ILE A N   1 
ATOM 1035 C CA  . ILE A 1 136 ? -13.428 4.107   14.608  1.00 67.25  ? 827 ILE A CA  1 
ATOM 1036 C C   . ILE A 1 136 ? -14.371 3.844   13.434  1.00 66.55  ? 827 ILE A C   1 
ATOM 1037 O O   . ILE A 1 136 ? -14.227 2.843   12.733  1.00 65.68  ? 827 ILE A O   1 
ATOM 1038 C CB  . ILE A 1 136 ? -12.434 5.239   14.240  1.00 65.00  ? 827 ILE A CB  1 
ATOM 1039 C CG1 . ILE A 1 136 ? -11.600 4.881   13.012  1.00 63.32  ? 827 ILE A CG1 1 
ATOM 1040 C CG2 . ILE A 1 136 ? -11.511 5.567   15.408  1.00 64.41  ? 827 ILE A CG2 1 
ATOM 1041 C CD1 . ILE A 1 136 ? -10.899 6.077   12.404  1.00 64.17  ? 827 ILE A CD1 1 
ATOM 1042 N N   . GLN A 1 137 ? -15.325 4.747   13.223  1.00 67.49  ? 828 GLN A N   1 
ATOM 1043 C CA  . GLN A 1 137 ? -16.303 4.617   12.134  1.00 66.32  ? 828 GLN A CA  1 
ATOM 1044 C C   . GLN A 1 137 ? -16.735 5.992   11.595  1.00 64.19  ? 828 GLN A C   1 
ATOM 1045 O O   . GLN A 1 137 ? -16.498 7.013   12.233  1.00 59.73  ? 828 GLN A O   1 
ATOM 1046 C CB  . GLN A 1 137 ? -17.524 3.832   12.623  1.00 67.18  ? 828 GLN A CB  1 
ATOM 1047 C CG  . GLN A 1 137 ? -18.224 4.466   13.818  1.00 71.01  ? 828 GLN A CG  1 
ATOM 1048 C CD  . GLN A 1 137 ? -19.349 3.608   14.379  1.00 73.97  ? 828 GLN A CD  1 
ATOM 1049 O OE1 . GLN A 1 137 ? -20.273 3.221   13.659  1.00 72.51  ? 828 GLN A OE1 1 
ATOM 1050 N NE2 . GLN A 1 137 ? -19.284 3.323   15.679  1.00 72.77  ? 828 GLN A NE2 1 
ATOM 1051 N N   . PRO A 1 138 ? -17.362 6.022   10.407  1.00 64.92  ? 829 PRO A N   1 
ATOM 1052 C CA  . PRO A 1 138 ? -17.882 7.292   9.891   1.00 66.47  ? 829 PRO A CA  1 
ATOM 1053 C C   . PRO A 1 138 ? -19.031 7.840   10.742  1.00 68.48  ? 829 PRO A C   1 
ATOM 1054 O O   . PRO A 1 138 ? -19.943 7.084   11.090  1.00 69.25  ? 829 PRO A O   1 
ATOM 1055 C CB  . PRO A 1 138 ? -18.394 6.923   8.490   1.00 66.55  ? 829 PRO A CB  1 
ATOM 1056 C CG  . PRO A 1 138 ? -17.712 5.645   8.141   1.00 64.48  ? 829 PRO A CG  1 
ATOM 1057 C CD  . PRO A 1 138 ? -17.524 4.926   9.435   1.00 64.37  ? 829 PRO A CD  1 
ATOM 1058 N N   . PRO A 1 139 ? -19.001 9.148   11.067  1.00 72.97  ? 830 PRO A N   1 
ATOM 1059 C CA  . PRO A 1 139 ? -20.046 9.691   11.941  1.00 77.09  ? 830 PRO A CA  1 
ATOM 1060 C C   . PRO A 1 139 ? -21.409 9.645   11.269  1.00 81.18  ? 830 PRO A C   1 
ATOM 1061 O O   . PRO A 1 139 ? -22.379 9.178   11.868  1.00 85.64  ? 830 PRO A O   1 
ATOM 1062 C CB  . PRO A 1 139 ? -19.597 11.136  12.192  1.00 75.27  ? 830 PRO A CB  1 
ATOM 1063 C CG  . PRO A 1 139 ? -18.705 11.480  11.054  1.00 75.70  ? 830 PRO A CG  1 
ATOM 1064 C CD  . PRO A 1 139 ? -18.134 10.200  10.506  1.00 75.71  ? 830 PRO A CD  1 
ATOM 1065 N N   . ASN A 1 140 ? -21.467 10.112  10.025  1.00 86.93  ? 831 ASN A N   1 
ATOM 1066 C CA  . ASN A 1 140 ? -22.655 9.971   9.200   1.00 88.53  ? 831 ASN A CA  1 
ATOM 1067 C C   . ASN A 1 140 ? -22.722 8.513   8.763   1.00 92.61  ? 831 ASN A C   1 
ATOM 1068 O O   . ASN A 1 140 ? -23.037 7.651   9.587   1.00 95.31  ? 831 ASN A O   1 
ATOM 1069 C CB  . ASN A 1 140 ? -22.601 10.947  8.019   1.00 86.48  ? 831 ASN A CB  1 
ATOM 1070 C CG  . ASN A 1 140 ? -22.579 12.398  8.469   1.00 85.24  ? 831 ASN A CG  1 
ATOM 1071 O OD1 . ASN A 1 140 ? -23.306 12.782  9.388   1.00 80.06  ? 831 ASN A OD1 1 
ATOM 1072 N ND2 . ASN A 1 140 ? -21.739 13.209  7.829   1.00 82.82  ? 831 ASN A ND2 1 
ATOM 1073 N N   . LYS A 1 141 ? -22.434 8.227   7.494   1.00 94.98  ? 832 LYS A N   1 
ATOM 1074 C CA  . LYS A 1 141 ? -22.250 6.843   7.044   1.00 100.41 ? 832 LYS A CA  1 
ATOM 1075 C C   . LYS A 1 141 ? -21.127 6.686   6.005   1.00 95.32  ? 832 LYS A C   1 
ATOM 1076 O O   . LYS A 1 141 ? -20.641 5.573   5.787   1.00 91.69  ? 832 LYS A O   1 
ATOM 1077 C CB  . LYS A 1 141 ? -23.582 6.251   6.552   1.00 109.33 ? 832 LYS A CB  1 
ATOM 1078 C CG  . LYS A 1 141 ? -24.590 6.060   7.688   1.00 115.69 ? 832 LYS A CG  1 
ATOM 1079 C CD  . LYS A 1 141 ? -25.860 5.321   7.298   1.00 119.46 ? 832 LYS A CD  1 
ATOM 1080 C CE  . LYS A 1 141 ? -26.827 5.284   8.476   1.00 118.63 ? 832 LYS A CE  1 
ATOM 1081 N NZ  . LYS A 1 141 ? -28.164 4.750   8.104   1.00 117.72 ? 832 LYS A NZ  1 
ATOM 1082 N N   . HIS A 1 142 ? -20.717 7.789   5.380   1.00 89.53  ? 833 HIS A N   1 
ATOM 1083 C CA  . HIS A 1 142 ? -19.480 7.839   4.598   1.00 88.02  ? 833 HIS A CA  1 
ATOM 1084 C C   . HIS A 1 142 ? -18.498 8.775   5.253   1.00 79.72  ? 833 HIS A C   1 
ATOM 1085 O O   . HIS A 1 142 ? -18.893 9.634   6.044   1.00 79.26  ? 833 HIS A O   1 
ATOM 1086 C CB  . HIS A 1 142 ? -19.781 8.271   3.172   1.00 93.13  ? 833 HIS A CB  1 
ATOM 1087 C CG  . HIS A 1 142 ? -20.651 7.290   2.416   1.00 101.52 ? 833 HIS A CG  1 
ATOM 1088 N ND1 . HIS A 1 142 ? -20.196 6.566   1.374   1.00 102.95 ? 833 HIS A ND1 1 
ATOM 1089 C CD2 . HIS A 1 142 ? -21.985 6.915   2.602   1.00 103.35 ? 833 HIS A CD2 1 
ATOM 1090 C CE1 . HIS A 1 142 ? -21.185 5.778   0.908   1.00 102.03 ? 833 HIS A CE1 1 
ATOM 1091 N NE2 . HIS A 1 142 ? -22.278 5.992   1.662   1.00 102.94 ? 833 HIS A NE2 1 
ATOM 1092 N N   . TRP A 1 143 ? -17.208 8.594   4.958   1.00 73.41  ? 834 TRP A N   1 
ATOM 1093 C CA  . TRP A 1 143 ? -16.146 9.440   5.526   1.00 68.84  ? 834 TRP A CA  1 
ATOM 1094 C C   . TRP A 1 143 ? -16.244 10.830  4.969   1.00 67.86  ? 834 TRP A C   1 
ATOM 1095 O O   . TRP A 1 143 ? -16.383 10.998  3.759   1.00 66.60  ? 834 TRP A O   1 
ATOM 1096 C CB  . TRP A 1 143 ? -14.749 8.901   5.200   1.00 65.09  ? 834 TRP A CB  1 
ATOM 1097 C CG  . TRP A 1 143 ? -14.426 7.543   5.776   1.00 64.23  ? 834 TRP A CG  1 
ATOM 1098 C CD1 . TRP A 1 143 ? -14.255 6.352   5.083   1.00 62.50  ? 834 TRP A CD1 1 
ATOM 1099 C CD2 . TRP A 1 143 ? -14.206 7.188   7.195   1.00 64.87  ? 834 TRP A CD2 1 
ATOM 1100 N NE1 . TRP A 1 143 ? -13.967 5.317   5.941   1.00 62.34  ? 834 TRP A NE1 1 
ATOM 1101 C CE2 . TRP A 1 143 ? -13.923 5.749   7.218   1.00 61.96  ? 834 TRP A CE2 1 
ATOM 1102 C CE3 . TRP A 1 143 ? -14.224 7.889   8.397   1.00 64.19  ? 834 TRP A CE3 1 
ATOM 1103 C CZ2 . TRP A 1 143 ? -13.673 5.067   8.399   1.00 63.32  ? 834 TRP A CZ2 1 
ATOM 1104 C CZ3 . TRP A 1 143 ? -13.966 7.185   9.583   1.00 64.95  ? 834 TRP A CZ3 1 
ATOM 1105 C CH2 . TRP A 1 143 ? -13.699 5.808   9.581   1.00 64.11  ? 834 TRP A CH2 1 
ATOM 1106 N N   . THR A 1 144 ? -16.161 11.838  5.836   1.00 67.22  ? 835 THR A N   1 
ATOM 1107 C CA  . THR A 1 144 ? -16.054 13.225  5.380   1.00 67.44  ? 835 THR A CA  1 
ATOM 1108 C C   . THR A 1 144 ? -14.650 13.456  4.825   1.00 70.83  ? 835 THR A C   1 
ATOM 1109 O O   . THR A 1 144 ? -13.705 12.748  5.186   1.00 71.33  ? 835 THR A O   1 
ATOM 1110 C CB  . THR A 1 144 ? -16.303 14.239  6.512   1.00 65.38  ? 835 THR A CB  1 
ATOM 1111 O OG1 . THR A 1 144 ? -15.271 14.121  7.502   1.00 66.00  ? 835 THR A OG1 1 
ATOM 1112 C CG2 . THR A 1 144 ? -17.666 14.010  7.156   1.00 63.83  ? 835 THR A CG2 1 
ATOM 1113 N N   . LYS A 1 145 ? -14.512 14.440  3.946   1.00 74.39  ? 836 LYS A N   1 
ATOM 1114 C CA  . LYS A 1 145 ? -13.197 14.783  3.413   1.00 76.38  ? 836 LYS A CA  1 
ATOM 1115 C C   . LYS A 1 145 ? -12.421 15.638  4.414   1.00 74.17  ? 836 LYS A C   1 
ATOM 1116 O O   . LYS A 1 145 ? -11.192 15.728  4.333   1.00 75.03  ? 836 LYS A O   1 
ATOM 1117 C CB  . LYS A 1 145 ? -13.301 15.460  2.036   1.00 79.04  ? 836 LYS A CB  1 
ATOM 1118 C CG  . LYS A 1 145 ? -13.819 14.528  0.938   1.00 81.28  ? 836 LYS A CG  1 
ATOM 1119 C CD  . LYS A 1 145 ? -13.944 15.212  -0.422  1.00 83.01  ? 836 LYS A CD  1 
ATOM 1120 C CE  . LYS A 1 145 ? -14.437 14.255  -1.494  1.00 83.93  ? 836 LYS A CE  1 
ATOM 1121 N NZ  . LYS A 1 145 ? -14.584 14.916  -2.819  1.00 83.46  ? 836 LYS A NZ  1 
ATOM 1122 N N   . GLU A 1 146 ? -13.127 16.240  5.370   1.00 69.66  ? 837 GLU A N   1 
ATOM 1123 C CA  . GLU A 1 146 ? -12.452 16.953  6.450   1.00 72.19  ? 837 GLU A CA  1 
ATOM 1124 C C   . GLU A 1 146 ? -11.729 15.981  7.391   1.00 68.08  ? 837 GLU A C   1 
ATOM 1125 O O   . GLU A 1 146 ? -10.678 16.317  7.944   1.00 67.90  ? 837 GLU A O   1 
ATOM 1126 C CB  . GLU A 1 146 ? -13.416 17.849  7.243   1.00 76.02  ? 837 GLU A CB  1 
ATOM 1127 C CG  . GLU A 1 146 ? -12.707 19.080  7.808   1.00 83.73  ? 837 GLU A CG  1 
ATOM 1128 C CD  . GLU A 1 146 ? -13.403 19.718  9.004   1.00 90.96  ? 837 GLU A CD  1 
ATOM 1129 O OE1 . GLU A 1 146 ? -14.605 19.446  9.223   1.00 97.85  ? 837 GLU A OE1 1 
ATOM 1130 O OE2 . GLU A 1 146 ? -12.739 20.505  9.726   1.00 89.64  ? 837 GLU A OE2 1 
ATOM 1131 N N   . ALA A 1 147 ? -12.294 14.786  7.570   1.00 64.63  ? 838 ALA A N   1 
ATOM 1132 C CA  . ALA A 1 147 ? -11.655 13.723  8.361   1.00 62.16  ? 838 ALA A CA  1 
ATOM 1133 C C   . ALA A 1 147 ? -10.432 13.154  7.640   1.00 58.81  ? 838 ALA A C   1 
ATOM 1134 O O   . ALA A 1 147 ? -9.384  12.941  8.247   1.00 53.95  ? 838 ALA A O   1 
ATOM 1135 C CB  . ALA A 1 147 ? -12.649 12.612  8.660   1.00 60.87  ? 838 ALA A CB  1 
ATOM 1136 N N   . THR A 1 148 ? -10.582 12.909  6.341   1.00 58.36  ? 839 THR A N   1 
ATOM 1137 C CA  . THR A 1 148 ? -9.473  12.484  5.488   1.00 56.79  ? 839 THR A CA  1 
ATOM 1138 C C   . THR A 1 148 ? -8.334  13.515  5.484   1.00 55.35  ? 839 THR A C   1 
ATOM 1139 O O   . THR A 1 148 ? -7.160  13.148  5.531   1.00 55.00  ? 839 THR A O   1 
ATOM 1140 C CB  . THR A 1 148 ? -9.959  12.243  4.044   1.00 55.81  ? 839 THR A CB  1 
ATOM 1141 O OG1 . THR A 1 148 ? -11.108 11.385  4.064   1.00 56.21  ? 839 THR A OG1 1 
ATOM 1142 C CG2 . THR A 1 148 ? -8.869  11.604  3.192   1.00 53.62  ? 839 THR A CG2 1 
ATOM 1143 N N   . ALA A 1 149 ? -8.695  14.798  5.449   1.00 55.83  ? 840 ALA A N   1 
ATOM 1144 C CA  . ALA A 1 149 ? -7.725  15.889  5.332   1.00 54.69  ? 840 ALA A CA  1 
ATOM 1145 C C   . ALA A 1 149 ? -6.851  16.061  6.576   1.00 56.62  ? 840 ALA A C   1 
ATOM 1146 O O   . ALA A 1 149 ? -5.664  16.371  6.455   1.00 60.77  ? 840 ALA A O   1 
ATOM 1147 C CB  . ALA A 1 149 ? -8.437  17.191  5.006   1.00 51.77  ? 840 ALA A CB  1 
ATOM 1148 N N   . ARG A 1 150 ? -7.420  15.869  7.766   1.00 55.75  ? 841 ARG A N   1 
ATOM 1149 C CA  . ARG A 1 150 ? -6.626  15.961  8.997   1.00 54.95  ? 841 ARG A CA  1 
ATOM 1150 C C   . ARG A 1 150 ? -5.787  14.714  9.202   1.00 54.03  ? 841 ARG A C   1 
ATOM 1151 O O   . ARG A 1 150 ? -4.672  14.781  9.723   1.00 54.63  ? 841 ARG A O   1 
ATOM 1152 C CB  . ARG A 1 150 ? -7.504  16.202  10.225  1.00 56.23  ? 841 ARG A CB  1 
ATOM 1153 C CG  . ARG A 1 150 ? -6.785  15.915  11.543  1.00 60.46  ? 841 ARG A CG  1 
ATOM 1154 C CD  . ARG A 1 150 ? -6.948  17.011  12.581  1.00 62.23  ? 841 ARG A CD  1 
ATOM 1155 N NE  . ARG A 1 150 ? -5.821  17.946  12.576  1.00 62.99  ? 841 ARG A NE  1 
ATOM 1156 C CZ  . ARG A 1 150 ? -5.029  18.213  13.618  1.00 65.07  ? 841 ARG A CZ  1 
ATOM 1157 N NH1 . ARG A 1 150 ? -5.209  17.636  14.804  1.00 64.47  ? 841 ARG A NH1 1 
ATOM 1158 N NH2 . ARG A 1 150 ? -4.043  19.088  13.478  1.00 67.26  ? 841 ARG A NH2 1 
ATOM 1159 N N   . PHE A 1 151 ? -6.337  13.569  8.817   1.00 53.29  ? 842 PHE A N   1 
ATOM 1160 C CA  . PHE A 1 151 ? -5.586  12.332  8.835   1.00 50.62  ? 842 PHE A CA  1 
ATOM 1161 C C   . PHE A 1 151 ? -4.362  12.481  7.929   1.00 50.31  ? 842 PHE A C   1 
ATOM 1162 O O   . PHE A 1 151 ? -3.255  12.099  8.311   1.00 48.18  ? 842 PHE A O   1 
ATOM 1163 C CB  . PHE A 1 151 ? -6.480  11.171  8.395   1.00 51.17  ? 842 PHE A CB  1 
ATOM 1164 C CG  . PHE A 1 151 ? -5.792  9.830   8.389   1.00 50.79  ? 842 PHE A CG  1 
ATOM 1165 C CD1 . PHE A 1 151 ? -5.023  9.416   9.465   1.00 50.85  ? 842 PHE A CD1 1 
ATOM 1166 C CD2 . PHE A 1 151 ? -5.938  8.975   7.316   1.00 50.27  ? 842 PHE A CD2 1 
ATOM 1167 C CE1 . PHE A 1 151 ? -4.394  8.185   9.454   1.00 51.60  ? 842 PHE A CE1 1 
ATOM 1168 C CE2 . PHE A 1 151 ? -5.320  7.741   7.301   1.00 52.33  ? 842 PHE A CE2 1 
ATOM 1169 C CZ  . PHE A 1 151 ? -4.546  7.343   8.372   1.00 51.38  ? 842 PHE A CZ  1 
ATOM 1170 N N   . GLN A 1 152 ? -4.558  13.061  6.746   1.00 51.14  ? 843 GLN A N   1 
ATOM 1171 C CA  . GLN A 1 152 ? -3.439  13.376  5.859   1.00 53.67  ? 843 GLN A CA  1 
ATOM 1172 C C   . GLN A 1 152 ? -2.500  14.361  6.555   1.00 53.93  ? 843 GLN A C   1 
ATOM 1173 O O   . GLN A 1 152 ? -1.294  14.133  6.629   1.00 54.50  ? 843 GLN A O   1 
ATOM 1174 C CB  . GLN A 1 152 ? -3.933  13.951  4.525   1.00 54.30  ? 843 GLN A CB  1 
ATOM 1175 C CG  . GLN A 1 152 ? -2.835  14.253  3.510   1.00 55.81  ? 843 GLN A CG  1 
ATOM 1176 C CD  . GLN A 1 152 ? -2.103  13.007  3.041   1.00 60.72  ? 843 GLN A CD  1 
ATOM 1177 O OE1 . GLN A 1 152 ? -0.971  12.713  3.668   1.00 63.66  ? 843 GLN A OE1 1 
ATOM 1178 N NE2 . GLN A 1 152 ? -2.545  12.323  2.119   1.00 64.77  ? 843 GLN A NE2 1 
ATOM 1179 N N   . ALA A 1 153 ? -3.061  15.446  7.082   1.00 54.82  ? 844 ALA A N   1 
ATOM 1180 C CA  . ALA A 1 153 ? -2.270  16.457  7.792   1.00 53.42  ? 844 ALA A CA  1 
ATOM 1181 C C   . ALA A 1 153 ? -1.352  15.817  8.831   1.00 52.42  ? 844 ALA A C   1 
ATOM 1182 O O   . ALA A 1 153 ? -0.172  16.147  8.909   1.00 53.03  ? 844 ALA A O   1 
ATOM 1183 C CB  . ALA A 1 153 ? -3.184  17.484  8.455   1.00 50.53  ? 844 ALA A CB  1 
ATOM 1184 N N   . CYS A 1 154 ? -1.892  14.883  9.606   1.00 51.67  ? 845 CYS A N   1 
ATOM 1185 C CA  . CYS A 1 154 ? -1.146  14.295  10.717  1.00 53.92  ? 845 CYS A CA  1 
ATOM 1186 C C   . CYS A 1 154 ? -0.157  13.185  10.320  1.00 52.72  ? 845 CYS A C   1 
ATOM 1187 O O   . CYS A 1 154 ? 0.625   12.746  11.155  1.00 50.40  ? 845 CYS A O   1 
ATOM 1188 C CB  . CYS A 1 154 ? -2.118  13.765  11.775  1.00 55.50  ? 845 CYS A CB  1 
ATOM 1189 S SG  . CYS A 1 154 ? -3.122  15.045  12.556  1.00 58.28  ? 845 CYS A SG  1 
ATOM 1190 N N   . VAL A 1 155 ? -0.178  12.739  9.066   1.00 52.42  ? 846 VAL A N   1 
ATOM 1191 C CA  . VAL A 1 155 ? 0.666   11.614  8.651   1.00 52.71  ? 846 VAL A CA  1 
ATOM 1192 C C   . VAL A 1 155 ? 1.667   11.925  7.540   1.00 55.65  ? 846 VAL A C   1 
ATOM 1193 O O   . VAL A 1 155 ? 2.676   11.231  7.433   1.00 59.49  ? 846 VAL A O   1 
ATOM 1194 C CB  . VAL A 1 155 ? -0.187  10.396  8.220   1.00 51.43  ? 846 VAL A CB  1 
ATOM 1195 C CG1 . VAL A 1 155 ? -1.265  10.115  9.258   1.00 47.64  ? 846 VAL A CG1 1 
ATOM 1196 C CG2 . VAL A 1 155 ? -0.799  10.611  6.840   1.00 50.28  ? 846 VAL A CG2 1 
ATOM 1197 N N   . VAL A 1 156 ? 1.403   12.952  6.729   1.00 58.44  ? 847 VAL A N   1 
ATOM 1198 C CA  . VAL A 1 156 ? 2.213   13.240  5.526   1.00 60.26  ? 847 VAL A CA  1 
ATOM 1199 C C   . VAL A 1 156 ? 3.696   13.479  5.836   1.00 62.34  ? 847 VAL A C   1 
ATOM 1200 O O   . VAL A 1 156 ? 4.039   14.190  6.780   1.00 64.45  ? 847 VAL A O   1 
ATOM 1201 C CB  . VAL A 1 156 ? 1.663   14.456  4.740   1.00 61.05  ? 847 VAL A CB  1 
ATOM 1202 C CG1 . VAL A 1 156 ? 1.933   15.765  5.482   1.00 58.31  ? 847 VAL A CG1 1 
ATOM 1203 C CG2 . VAL A 1 156 ? 2.256   14.484  3.337   1.00 61.15  ? 847 VAL A CG2 1 
ATOM 1204 N N   . GLY A 1 157 ? 4.568   12.873  5.034   1.00 65.10  ? 848 GLY A N   1 
ATOM 1205 C CA  . GLY A 1 157 ? 6.014   12.959  5.239   1.00 65.44  ? 848 GLY A CA  1 
ATOM 1206 C C   . GLY A 1 157 ? 6.422   12.774  6.688   1.00 64.61  ? 848 GLY A C   1 
ATOM 1207 O O   . GLY A 1 157 ? 7.157   13.591  7.237   1.00 67.35  ? 848 GLY A O   1 
ATOM 1208 N N   . LEU A 1 158 ? 5.941   11.702  7.308   1.00 64.14  ? 849 LEU A N   1 
ATOM 1209 C CA  . LEU A 1 158 ? 6.186   11.450  8.727   1.00 62.78  ? 849 LEU A CA  1 
ATOM 1210 C C   . LEU A 1 158 ? 6.321   9.951   8.987   1.00 60.55  ? 849 LEU A C   1 
ATOM 1211 O O   . LEU A 1 158 ? 5.636   9.144   8.366   1.00 60.30  ? 849 LEU A O   1 
ATOM 1212 C CB  . LEU A 1 158 ? 5.048   12.036  9.570   1.00 65.85  ? 849 LEU A CB  1 
ATOM 1213 C CG  . LEU A 1 158 ? 5.449   12.722  10.879  1.00 67.08  ? 849 LEU A CG  1 
ATOM 1214 C CD1 . LEU A 1 158 ? 6.128   14.050  10.584  1.00 66.31  ? 849 LEU A CD1 1 
ATOM 1215 C CD2 . LEU A 1 158 ? 4.239   12.934  11.782  1.00 67.24  ? 849 LEU A CD2 1 
ATOM 1216 N N   . LYS A 1 159 ? 7.213   9.597   9.907   1.00 60.50  ? 850 LYS A N   1 
ATOM 1217 C CA  . LYS A 1 159 ? 7.505   8.211   10.251  1.00 57.96  ? 850 LYS A CA  1 
ATOM 1218 C C   . LYS A 1 159 ? 6.821   7.907   11.581  1.00 57.65  ? 850 LYS A C   1 
ATOM 1219 O O   . LYS A 1 159 ? 7.311   8.284   12.653  1.00 58.06  ? 850 LYS A O   1 
ATOM 1220 C CB  . LYS A 1 159 ? 9.019   8.011   10.339  1.00 59.62  ? 850 LYS A CB  1 
ATOM 1221 C CG  . LYS A 1 159 ? 9.495   6.654   10.844  1.00 62.51  ? 850 LYS A CG  1 
ATOM 1222 C CD  . LYS A 1 159 ? 11.011  6.659   10.984  1.00 64.60  ? 850 LYS A CD  1 
ATOM 1223 C CE  . LYS A 1 159 ? 11.543  5.379   11.602  1.00 69.79  ? 850 LYS A CE  1 
ATOM 1224 N NZ  . LYS A 1 159 ? 13.025  5.255   11.444  1.00 72.16  ? 850 LYS A NZ  1 
ATOM 1225 N N   . LEU A 1 160 ? 5.674   7.236   11.507  1.00 55.61  ? 851 LEU A N   1 
ATOM 1226 C CA  . LEU A 1 160 ? 4.872   6.962   12.693  1.00 52.88  ? 851 LEU A CA  1 
ATOM 1227 C C   . LEU A 1 160 ? 5.111   5.546   13.181  1.00 47.95  ? 851 LEU A C   1 
ATOM 1228 O O   . LEU A 1 160 ? 5.552   4.691   12.419  1.00 45.83  ? 851 LEU A O   1 
ATOM 1229 C CB  . LEU A 1 160 ? 3.384   7.177   12.401  1.00 54.24  ? 851 LEU A CB  1 
ATOM 1230 C CG  . LEU A 1 160 ? 3.053   8.420   11.568  1.00 56.03  ? 851 LEU A CG  1 
ATOM 1231 C CD1 . LEU A 1 160 ? 2.652   8.026   10.153  1.00 57.32  ? 851 LEU A CD1 1 
ATOM 1232 C CD2 . LEU A 1 160 ? 1.947   9.228   12.219  1.00 58.85  ? 851 LEU A CD2 1 
ATOM 1233 N N   . GLN A 1 161 ? 4.831   5.319   14.458  1.00 45.86  ? 852 GLN A N   1 
ATOM 1234 C CA  . GLN A 1 161 ? 4.851   3.984   15.030  1.00 45.44  ? 852 GLN A CA  1 
ATOM 1235 C C   . GLN A 1 161 ? 3.496   3.349   14.810  1.00 44.74  ? 852 GLN A C   1 
ATOM 1236 O O   . GLN A 1 161 ? 2.472   3.941   15.152  1.00 41.90  ? 852 GLN A O   1 
ATOM 1237 C CB  . GLN A 1 161 ? 5.120   4.049   16.523  1.00 45.71  ? 852 GLN A CB  1 
ATOM 1238 C CG  . GLN A 1 161 ? 5.546   2.726   17.131  1.00 46.84  ? 852 GLN A CG  1 
ATOM 1239 C CD  . GLN A 1 161 ? 5.473   2.748   18.643  1.00 47.77  ? 852 GLN A CD  1 
ATOM 1240 O OE1 . GLN A 1 161 ? 4.420   3.030   19.212  1.00 48.02  ? 852 GLN A OE1 1 
ATOM 1241 N NE2 . GLN A 1 161 ? 6.589   2.452   19.301  1.00 47.38  ? 852 GLN A NE2 1 
ATOM 1242 N N   . ALA A 1 162 ? 3.496   2.147   14.240  1.00 45.72  ? 853 ALA A N   1 
ATOM 1243 C CA  . ALA A 1 162 ? 2.267   1.381   14.027  1.00 46.53  ? 853 ALA A CA  1 
ATOM 1244 C C   . ALA A 1 162 ? 2.210   0.200   14.989  1.00 45.61  ? 853 ALA A C   1 
ATOM 1245 O O   . ALA A 1 162 ? 3.224   -0.428  15.248  1.00 46.92  ? 853 ALA A O   1 
ATOM 1246 C CB  . ALA A 1 162 ? 2.201   0.895   12.584  1.00 45.06  ? 853 ALA A CB  1 
ATOM 1247 N N   . ARG A 1 163 ? 1.027   -0.076  15.531  1.00 47.49  ? 854 ARG A N   1 
ATOM 1248 C CA  . ARG A 1 163 ? 0.764   -1.313  16.277  1.00 48.44  ? 854 ARG A CA  1 
ATOM 1249 C C   . ARG A 1 163 ? -0.267  -2.129  15.504  1.00 47.55  ? 854 ARG A C   1 
ATOM 1250 O O   . ARG A 1 163 ? -1.365  -1.651  15.236  1.00 44.94  ? 854 ARG A O   1 
ATOM 1251 C CB  . ARG A 1 163 ? 0.231   -1.012  17.677  1.00 50.47  ? 854 ARG A CB  1 
ATOM 1252 C CG  . ARG A 1 163 ? -0.215  -2.249  18.447  1.00 54.79  ? 854 ARG A CG  1 
ATOM 1253 C CD  . ARG A 1 163 ? -0.148  -2.046  19.958  1.00 59.18  ? 854 ARG A CD  1 
ATOM 1254 N NE  . ARG A 1 163 ? -1.078  -1.011  20.413  1.00 64.25  ? 854 ARG A NE  1 
ATOM 1255 C CZ  . ARG A 1 163 ? -2.384  -1.195  20.625  1.00 68.98  ? 854 ARG A CZ  1 
ATOM 1256 N NH1 . ARG A 1 163 ? -2.947  -2.388  20.428  1.00 71.67  ? 854 ARG A NH1 1 
ATOM 1257 N NH2 . ARG A 1 163 ? -3.138  -0.174  21.034  1.00 69.80  ? 854 ARG A NH2 1 
ATOM 1258 N N   . VAL A 1 164 ? 0.092   -3.355  15.138  1.00 46.98  ? 855 VAL A N   1 
ATOM 1259 C CA  . VAL A 1 164 ? -0.793  -4.205  14.348  1.00 46.47  ? 855 VAL A CA  1 
ATOM 1260 C C   . VAL A 1 164 ? -1.799  -4.865  15.279  1.00 48.25  ? 855 VAL A C   1 
ATOM 1261 O O   . VAL A 1 164 ? -1.462  -5.781  16.037  1.00 49.93  ? 855 VAL A O   1 
ATOM 1262 C CB  . VAL A 1 164 ? -0.006  -5.264  13.550  1.00 46.09  ? 855 VAL A CB  1 
ATOM 1263 C CG1 . VAL A 1 164 ? -0.964  -6.216  12.845  1.00 43.53  ? 855 VAL A CG1 1 
ATOM 1264 C CG2 . VAL A 1 164 ? 0.929   -4.582  12.551  1.00 42.65  ? 855 VAL A CG2 1 
ATOM 1265 N N   . VAL A 1 165 ? -3.038  -4.383  15.209  1.00 49.28  ? 856 VAL A N   1 
ATOM 1266 C CA  . VAL A 1 165 ? -4.089  -4.751  16.149  1.00 46.28  ? 856 VAL A CA  1 
ATOM 1267 C C   . VAL A 1 165 ? -4.992  -5.850  15.601  1.00 44.34  ? 856 VAL A C   1 
ATOM 1268 O O   . VAL A 1 165 ? -5.603  -6.588  16.372  1.00 47.08  ? 856 VAL A O   1 
ATOM 1269 C CB  . VAL A 1 165 ? -4.924  -3.508  16.526  1.00 45.42  ? 856 VAL A CB  1 
ATOM 1270 C CG1 . VAL A 1 165 ? -6.071  -3.869  17.463  1.00 45.87  ? 856 VAL A CG1 1 
ATOM 1271 C CG2 . VAL A 1 165 ? -4.029  -2.482  17.184  1.00 44.13  ? 856 VAL A CG2 1 
ATOM 1272 N N   . GLU A 1 166 ? -5.092  -5.956  14.284  1.00 44.56  ? 857 GLU A N   1 
ATOM 1273 C CA  . GLU A 1 166 ? -5.853  -7.047  13.683  1.00 47.81  ? 857 GLU A CA  1 
ATOM 1274 C C   . GLU A 1 166 ? -5.372  -7.407  12.291  1.00 45.54  ? 857 GLU A C   1 
ATOM 1275 O O   . GLU A 1 166 ? -5.216  -6.548  11.434  1.00 44.89  ? 857 GLU A O   1 
ATOM 1276 C CB  . GLU A 1 166 ? -7.354  -6.743  13.663  1.00 52.01  ? 857 GLU A CB  1 
ATOM 1277 C CG  . GLU A 1 166 ? -7.758  -5.462  12.962  1.00 56.48  ? 857 GLU A CG  1 
ATOM 1278 C CD  . GLU A 1 166 ? -9.257  -5.203  13.062  1.00 63.44  ? 857 GLU A CD  1 
ATOM 1279 O OE1 . GLU A 1 166 ? -10.027 -6.106  12.674  1.00 70.45  ? 857 GLU A OE1 1 
ATOM 1280 O OE2 . GLU A 1 166 ? -9.668  -4.110  13.524  1.00 63.28  ? 857 GLU A OE2 1 
ATOM 1281 N N   . ILE A 1 167 ? -5.160  -8.700  12.080  1.00 45.82  ? 858 ILE A N   1 
ATOM 1282 C CA  . ILE A 1 167 ? -4.618  -9.217  10.832  1.00 46.95  ? 858 ILE A CA  1 
ATOM 1283 C C   . ILE A 1 167 ? -5.705  -9.926  10.021  1.00 46.84  ? 858 ILE A C   1 
ATOM 1284 O O   . ILE A 1 167 ? -6.530  -10.635 10.590  1.00 45.54  ? 858 ILE A O   1 
ATOM 1285 C CB  . ILE A 1 167 ? -3.470  -10.203 11.126  1.00 46.85  ? 858 ILE A CB  1 
ATOM 1286 C CG1 . ILE A 1 167 ? -2.429  -9.527  12.033  1.00 46.39  ? 858 ILE A CG1 1 
ATOM 1287 C CG2 . ILE A 1 167 ? -2.855  -10.709 9.825   1.00 46.98  ? 858 ILE A CG2 1 
ATOM 1288 C CD1 . ILE A 1 167 ? -1.170  -10.333 12.253  1.00 47.78  ? 858 ILE A CD1 1 
ATOM 1289 N N   . THR A 1 168 ? -5.709  -9.705  8.703   1.00 47.32  ? 859 THR A N   1 
ATOM 1290 C CA  . THR A 1 168 ? -6.535  -10.471 7.758   1.00 47.71  ? 859 THR A CA  1 
ATOM 1291 C C   . THR A 1 168 ? -5.639  -10.966 6.638   1.00 49.53  ? 859 THR A C   1 
ATOM 1292 O O   . THR A 1 168 ? -4.434  -10.766 6.684   1.00 52.89  ? 859 THR A O   1 
ATOM 1293 C CB  . THR A 1 168 ? -7.646  -9.621  7.110   1.00 47.38  ? 859 THR A CB  1 
ATOM 1294 O OG1 . THR A 1 168 ? -7.078  -8.794  6.080   1.00 45.65  ? 859 THR A OG1 1 
ATOM 1295 C CG2 . THR A 1 168 ? -8.367  -8.775  8.137   1.00 44.27  ? 859 THR A CG2 1 
ATOM 1296 N N   . ALA A 1 169 ? -6.222  -11.609 5.628   1.00 53.06  ? 860 ALA A N   1 
ATOM 1297 C CA  . ALA A 1 169 ? -5.456  -12.020 4.445   1.00 53.68  ? 860 ALA A CA  1 
ATOM 1298 C C   . ALA A 1 169 ? -5.228  -10.834 3.514   1.00 54.66  ? 860 ALA A C   1 
ATOM 1299 O O   . ALA A 1 169 ? -4.244  -10.800 2.781   1.00 57.20  ? 860 ALA A O   1 
ATOM 1300 C CB  . ALA A 1 169 ? -6.171  -13.140 3.707   1.00 52.06  ? 860 ALA A CB  1 
ATOM 1301 N N   . ASN A 1 170 ? -6.135  -9.862  3.568   1.00 56.75  ? 861 ASN A N   1 
ATOM 1302 C CA  . ASN A 1 170 ? -6.139  -8.722  2.655   1.00 55.90  ? 861 ASN A CA  1 
ATOM 1303 C C   . ASN A 1 170 ? -6.044  -7.396  3.408   1.00 53.41  ? 861 ASN A C   1 
ATOM 1304 O O   . ASN A 1 170 ? -6.931  -6.552  3.301   1.00 56.33  ? 861 ASN A O   1 
ATOM 1305 C CB  . ASN A 1 170 ? -7.424  -8.748  1.815   1.00 58.38  ? 861 ASN A CB  1 
ATOM 1306 C CG  . ASN A 1 170 ? -7.570  -10.027 1.010   1.00 60.65  ? 861 ASN A CG  1 
ATOM 1307 O OD1 . ASN A 1 170 ? -7.965  -11.111 1.677   1.00 63.06  ? 861 ASN A OD1 1 
ATOM 1308 N ND2 . ASN A 1 170 ? -7.318  -10.043 -0.196  1.00 60.40  ? 861 ASN A ND2 1 
ATOM 1309 N N   . GLY A 1 171 ? -4.975  -7.228  4.183   1.00 51.07  ? 862 GLY A N   1 
ATOM 1310 C CA  . GLY A 1 171 ? -4.717  -5.980  4.904   1.00 49.24  ? 862 GLY A CA  1 
ATOM 1311 C C   . GLY A 1 171 ? -4.675  -6.152  6.409   1.00 48.16  ? 862 GLY A C   1 
ATOM 1312 O O   . GLY A 1 171 ? -5.031  -7.207  6.923   1.00 49.49  ? 862 GLY A O   1 
ATOM 1313 N N   . VAL A 1 172 ? -4.235  -5.106  7.112   1.00 45.82  ? 863 VAL A N   1 
ATOM 1314 C CA  . VAL A 1 172 ? -4.162  -5.116  8.574   1.00 45.64  ? 863 VAL A CA  1 
ATOM 1315 C C   . VAL A 1 172 ? -4.839  -3.879  9.180   1.00 46.52  ? 863 VAL A C   1 
ATOM 1316 O O   . VAL A 1 172 ? -4.915  -2.830  8.547   1.00 45.96  ? 863 VAL A O   1 
ATOM 1317 C CB  . VAL A 1 172 ? -2.701  -5.184  9.070   1.00 44.83  ? 863 VAL A CB  1 
ATOM 1318 C CG1 . VAL A 1 172 ? -2.051  -6.480  8.626   1.00 44.97  ? 863 VAL A CG1 1 
ATOM 1319 C CG2 . VAL A 1 172 ? -1.905  -3.993  8.561   1.00 44.78  ? 863 VAL A CG2 1 
ATOM 1320 N N   . GLY A 1 173 ? -5.340  -4.021  10.406  1.00 46.00  ? 864 GLY A N   1 
ATOM 1321 C CA  . GLY A 1 173 ? -5.910  -2.909  11.154  1.00 44.41  ? 864 GLY A CA  1 
ATOM 1322 C C   . GLY A 1 173 ? -4.868  -2.422  12.132  1.00 43.86  ? 864 GLY A C   1 
ATOM 1323 O O   . GLY A 1 173 ? -4.314  -3.214  12.884  1.00 43.49  ? 864 GLY A O   1 
ATOM 1324 N N   . VAL A 1 174 ? -4.594  -1.122  12.124  1.00 43.97  ? 865 VAL A N   1 
ATOM 1325 C CA  . VAL A 1 174 ? -3.492  -0.581  12.908  1.00 44.22  ? 865 VAL A CA  1 
ATOM 1326 C C   . VAL A 1 174 ? -3.914  0.561   13.811  1.00 45.80  ? 865 VAL A C   1 
ATOM 1327 O O   . VAL A 1 174 ? -4.967  1.165   13.622  1.00 45.65  ? 865 VAL A O   1 
ATOM 1328 C CB  . VAL A 1 174 ? -2.370  -0.047  11.999  1.00 42.96  ? 865 VAL A CB  1 
ATOM 1329 C CG1 . VAL A 1 174 ? -1.856  -1.149  11.094  1.00 42.95  ? 865 VAL A CG1 1 
ATOM 1330 C CG2 . VAL A 1 174 ? -2.852  1.154   11.190  1.00 42.47  ? 865 VAL A CG2 1 
ATOM 1331 N N   . GLU A 1 175 ? -3.064  0.841   14.792  1.00 48.76  ? 866 GLU A N   1 
ATOM 1332 C CA  . GLU A 1 175 ? -3.162  2.040   15.596  1.00 52.35  ? 866 GLU A CA  1 
ATOM 1333 C C   . GLU A 1 175 ? -1.880  2.847   15.405  1.00 51.08  ? 866 GLU A C   1 
ATOM 1334 O O   . GLU A 1 175 ? -0.810  2.419   15.839  1.00 52.84  ? 866 GLU A O   1 
ATOM 1335 C CB  . GLU A 1 175 ? -3.359  1.683   17.069  1.00 56.19  ? 866 GLU A CB  1 
ATOM 1336 C CG  . GLU A 1 175 ? -3.599  2.901   17.949  1.00 63.08  ? 866 GLU A CG  1 
ATOM 1337 C CD  . GLU A 1 175 ? -4.747  3.772   17.446  1.00 69.62  ? 866 GLU A CD  1 
ATOM 1338 O OE1 . GLU A 1 175 ? -5.921  3.425   17.732  1.00 73.00  ? 866 GLU A OE1 1 
ATOM 1339 O OE2 . GLU A 1 175 ? -4.476  4.797   16.763  1.00 71.32  ? 866 GLU A OE2 1 
ATOM 1340 N N   . LEU A 1 176 ? -1.992  4.003   14.747  1.00 49.31  ? 867 LEU A N   1 
ATOM 1341 C CA  . LEU A 1 176 ? -0.833  4.848   14.433  1.00 47.24  ? 867 LEU A CA  1 
ATOM 1342 C C   . LEU A 1 176 ? -0.544  5.868   15.536  1.00 48.21  ? 867 LEU A C   1 
ATOM 1343 O O   . LEU A 1 176 ? -1.457  6.523   16.042  1.00 49.38  ? 867 LEU A O   1 
ATOM 1344 C CB  . LEU A 1 176 ? -1.061  5.610   13.132  1.00 45.84  ? 867 LEU A CB  1 
ATOM 1345 C CG  . LEU A 1 176 ? -1.361  4.813   11.867  1.00 45.67  ? 867 LEU A CG  1 
ATOM 1346 C CD1 . LEU A 1 176 ? -1.498  5.763   10.689  1.00 42.34  ? 867 LEU A CD1 1 
ATOM 1347 C CD2 . LEU A 1 176 ? -0.281  3.773   11.603  1.00 47.76  ? 867 LEU A CD2 1 
ATOM 1348 N N   . THR A 1 177 ? 0.732   6.011   15.879  1.00 49.18  ? 868 THR A N   1 
ATOM 1349 C CA  . THR A 1 177 ? 1.174   6.996   16.863  1.00 51.38  ? 868 THR A CA  1 
ATOM 1350 C C   . THR A 1 177 ? 2.343   7.814   16.325  1.00 52.33  ? 868 THR A C   1 
ATOM 1351 O O   . THR A 1 177 ? 3.332   7.254   15.863  1.00 50.18  ? 868 THR A O   1 
ATOM 1352 C CB  . THR A 1 177 ? 1.627   6.311   18.163  1.00 51.90  ? 868 THR A CB  1 
ATOM 1353 O OG1 . THR A 1 177 ? 0.536   5.568   18.720  1.00 54.03  ? 868 THR A OG1 1 
ATOM 1354 C CG2 . THR A 1 177 ? 2.101   7.336   19.172  1.00 52.30  ? 868 THR A CG2 1 
ATOM 1355 N N   . ASP A 1 178 ? 2.208   9.139   16.383  1.00 57.11  ? 869 ASP A N   1 
ATOM 1356 C CA  . ASP A 1 178 ? 3.293   10.069  16.055  1.00 58.82  ? 869 ASP A CA  1 
ATOM 1357 C C   . ASP A 1 178 ? 4.088   10.346  17.329  1.00 57.27  ? 869 ASP A C   1 
ATOM 1358 O O   . ASP A 1 178 ? 3.553   10.858  18.306  1.00 57.22  ? 869 ASP A O   1 
ATOM 1359 C CB  . ASP A 1 178 ? 2.727   11.374  15.468  1.00 62.30  ? 869 ASP A CB  1 
ATOM 1360 C CG  . ASP A 1 178 ? 3.795   12.449  15.234  1.00 64.40  ? 869 ASP A CG  1 
ATOM 1361 O OD1 . ASP A 1 178 ? 5.006   12.137  15.247  1.00 66.18  ? 869 ASP A OD1 1 
ATOM 1362 O OD2 . ASP A 1 178 ? 3.409   13.622  15.026  1.00 65.76  ? 869 ASP A OD2 1 
ATOM 1363 N N   . LEU A 1 179 ? 5.364   9.986   17.304  1.00 59.22  ? 870 LEU A N   1 
ATOM 1364 C CA  . LEU A 1 179 ? 6.247   10.156  18.446  1.00 61.79  ? 870 LEU A CA  1 
ATOM 1365 C C   . LEU A 1 179 ? 7.311   11.217  18.158  1.00 62.16  ? 870 LEU A C   1 
ATOM 1366 O O   . LEU A 1 179 ? 8.440   11.104  18.627  1.00 63.90  ? 870 LEU A O   1 
ATOM 1367 C CB  . LEU A 1 179 ? 6.923   8.821   18.774  1.00 61.77  ? 870 LEU A CB  1 
ATOM 1368 C CG  . LEU A 1 179 ? 5.993   7.675   19.165  1.00 62.69  ? 870 LEU A CG  1 
ATOM 1369 C CD1 . LEU A 1 179 ? 6.691   6.340   18.953  1.00 62.04  ? 870 LEU A CD1 1 
ATOM 1370 C CD2 . LEU A 1 179 ? 5.522   7.821   20.605  1.00 63.03  ? 870 LEU A CD2 1 
ATOM 1371 N N   . SER A 1 180 ? 6.953   12.249  17.395  1.00 62.36  ? 871 SER A N   1 
ATOM 1372 C CA  . SER A 1 180 ? 7.901   13.329  17.094  1.00 63.95  ? 871 SER A CA  1 
ATOM 1373 C C   . SER A 1 180 ? 8.076   14.311  18.263  1.00 64.72  ? 871 SER A C   1 
ATOM 1374 O O   . SER A 1 180 ? 8.965   15.160  18.219  1.00 67.23  ? 871 SER A O   1 
ATOM 1375 C CB  . SER A 1 180 ? 7.486   14.087  15.833  1.00 63.97  ? 871 SER A CB  1 
ATOM 1376 O OG  . SER A 1 180 ? 6.276   14.787  16.036  1.00 65.66  ? 871 SER A OG  1 
ATOM 1377 N N   . THR A 1 181 ? 7.228   14.201  19.288  1.00 63.61  ? 872 THR A N   1 
ATOM 1378 C CA  . THR A 1 181 ? 7.394   14.964  20.534  1.00 63.69  ? 872 THR A CA  1 
ATOM 1379 C C   . THR A 1 181 ? 7.249   14.029  21.747  1.00 63.85  ? 872 THR A C   1 
ATOM 1380 O O   . THR A 1 181 ? 6.935   12.849  21.575  1.00 64.60  ? 872 THR A O   1 
ATOM 1381 C CB  . THR A 1 181 ? 6.380   16.134  20.638  1.00 62.63  ? 872 THR A CB  1 
ATOM 1382 O OG1 . THR A 1 181 ? 5.168   15.687  21.259  1.00 61.52  ? 872 THR A OG1 1 
ATOM 1383 C CG2 . THR A 1 181 ? 6.071   16.734  19.264  1.00 61.09  ? 872 THR A CG2 1 
ATOM 1384 N N   . PRO A 1 182 ? 7.497   14.545  22.975  1.00 67.03  ? 873 PRO A N   1 
ATOM 1385 C CA  . PRO A 1 182 ? 7.252   13.772  24.212  1.00 67.58  ? 873 PRO A CA  1 
ATOM 1386 C C   . PRO A 1 182 ? 5.773   13.558  24.544  1.00 68.40  ? 873 PRO A C   1 
ATOM 1387 O O   . PRO A 1 182 ? 5.466   12.822  25.479  1.00 68.32  ? 873 PRO A O   1 
ATOM 1388 C CB  . PRO A 1 182 ? 7.894   14.635  25.313  1.00 67.16  ? 873 PRO A CB  1 
ATOM 1389 C CG  . PRO A 1 182 ? 8.784   15.596  24.611  1.00 67.67  ? 873 PRO A CG  1 
ATOM 1390 C CD  . PRO A 1 182 ? 8.174   15.823  23.262  1.00 67.74  ? 873 PRO A CD  1 
ATOM 1391 N N   . TYR A 1 183 ? 4.890   14.244  23.817  1.00 71.66  ? 874 TYR A N   1 
ATOM 1392 C CA  . TYR A 1 183 ? 3.440   14.058  23.899  1.00 72.32  ? 874 TYR A CA  1 
ATOM 1393 C C   . TYR A 1 183 ? 3.037   13.140  22.739  1.00 66.63  ? 874 TYR A C   1 
ATOM 1394 O O   . TYR A 1 183 ? 2.987   13.582  21.586  1.00 62.63  ? 874 TYR A O   1 
ATOM 1395 C CB  . TYR A 1 183 ? 2.742   15.429  23.805  1.00 78.90  ? 874 TYR A CB  1 
ATOM 1396 C CG  . TYR A 1 183 ? 1.221   15.444  23.927  1.00 85.44  ? 874 TYR A CG  1 
ATOM 1397 C CD1 . TYR A 1 183 ? 0.549   14.631  24.845  1.00 89.29  ? 874 TYR A CD1 1 
ATOM 1398 C CD2 . TYR A 1 183 ? 0.456   16.315  23.147  1.00 89.18  ? 874 TYR A CD2 1 
ATOM 1399 C CE1 . TYR A 1 183 ? -0.836  14.664  24.956  1.00 88.92  ? 874 TYR A CE1 1 
ATOM 1400 C CE2 . TYR A 1 183 ? -0.927  16.353  23.249  1.00 91.29  ? 874 TYR A CE2 1 
ATOM 1401 C CZ  . TYR A 1 183 ? -1.567  15.529  24.156  1.00 90.23  ? 874 TYR A CZ  1 
ATOM 1402 O OH  . TYR A 1 183 ? -2.937  15.579  24.256  1.00 89.57  ? 874 TYR A OH  1 
ATOM 1403 N N   . PRO A 1 184 ? 2.777   11.854  23.030  1.00 63.19  ? 875 PRO A N   1 
ATOM 1404 C CA  . PRO A 1 184 ? 2.468   10.909  21.951  1.00 61.60  ? 875 PRO A CA  1 
ATOM 1405 C C   . PRO A 1 184 ? 1.096   11.168  21.337  1.00 55.46  ? 875 PRO A C   1 
ATOM 1406 O O   . PRO A 1 184 ? 0.093   11.152  22.051  1.00 53.83  ? 875 PRO A O   1 
ATOM 1407 C CB  . PRO A 1 184 ? 2.498   9.537   22.650  1.00 64.43  ? 875 PRO A CB  1 
ATOM 1408 C CG  . PRO A 1 184 ? 2.967   9.785   24.048  1.00 65.86  ? 875 PRO A CG  1 
ATOM 1409 C CD  . PRO A 1 184 ? 2.678   11.216  24.351  1.00 64.62  ? 875 PRO A CD  1 
ATOM 1410 N N   . LYS A 1 185 ? 1.070   11.399  20.027  1.00 50.22  ? 876 LYS A N   1 
ATOM 1411 C CA  . LYS A 1 185 ? -0.142  11.775  19.304  1.00 48.69  ? 876 LYS A CA  1 
ATOM 1412 C C   . LYS A 1 185 ? -0.741  10.556  18.587  1.00 49.43  ? 876 LYS A C   1 
ATOM 1413 O O   . LYS A 1 185 ? -0.375  10.237  17.450  1.00 49.51  ? 876 LYS A O   1 
ATOM 1414 C CB  . LYS A 1 185 ? 0.181   12.888  18.299  1.00 48.06  ? 876 LYS A CB  1 
ATOM 1415 C CG  . LYS A 1 185 ? -1.025  13.475  17.560  1.00 48.33  ? 876 LYS A CG  1 
ATOM 1416 C CD  . LYS A 1 185 ? -0.603  14.339  16.372  1.00 45.72  ? 876 LYS A CD  1 
ATOM 1417 C CE  . LYS A 1 185 ? -1.805  14.886  15.625  1.00 45.38  ? 876 LYS A CE  1 
ATOM 1418 N NZ  . LYS A 1 185 ? -1.438  15.744  14.461  1.00 44.15  ? 876 LYS A NZ  1 
ATOM 1419 N N   . ILE A 1 186 ? -1.668  9.886   19.264  1.00 48.36  ? 877 ILE A N   1 
ATOM 1420 C CA  . ILE A 1 186 ? -2.327  8.701   18.730  1.00 47.36  ? 877 ILE A CA  1 
ATOM 1421 C C   . ILE A 1 186 ? -3.421  9.171   17.776  1.00 48.65  ? 877 ILE A C   1 
ATOM 1422 O O   . ILE A 1 186 ? -4.388  9.791   18.212  1.00 49.89  ? 877 ILE A O   1 
ATOM 1423 C CB  . ILE A 1 186 ? -2.969  7.864   19.854  1.00 46.58  ? 877 ILE A CB  1 
ATOM 1424 C CG1 . ILE A 1 186 ? -1.929  7.498   20.926  1.00 45.27  ? 877 ILE A CG1 1 
ATOM 1425 C CG2 . ILE A 1 186 ? -3.616  6.614   19.273  1.00 45.96  ? 877 ILE A CG2 1 
ATOM 1426 C CD1 . ILE A 1 186 ? -2.522  6.914   22.188  1.00 42.30  ? 877 ILE A CD1 1 
ATOM 1427 N N   . ILE A 1 187 ? -3.273  8.875   16.486  1.00 48.45  ? 878 ILE A N   1 
ATOM 1428 C CA  . ILE A 1 187 ? -4.121  9.491   15.462  1.00 49.91  ? 878 ILE A CA  1 
ATOM 1429 C C   . ILE A 1 187 ? -5.614  9.277   15.689  1.00 52.32  ? 878 ILE A C   1 
ATOM 1430 O O   . ILE A 1 187 ? -6.380  10.229  15.653  1.00 56.63  ? 878 ILE A O   1 
ATOM 1431 C CB  . ILE A 1 187 ? -3.778  8.991   14.044  1.00 52.53  ? 878 ILE A CB  1 
ATOM 1432 C CG1 . ILE A 1 187 ? -2.342  9.379   13.654  1.00 53.54  ? 878 ILE A CG1 1 
ATOM 1433 C CG2 . ILE A 1 187 ? -4.782  9.535   13.034  1.00 49.28  ? 878 ILE A CG2 1 
ATOM 1434 C CD1 . ILE A 1 187 ? -2.039  10.858  13.793  1.00 54.37  ? 878 ILE A CD1 1 
ATOM 1435 N N   . SER A 1 188 ? -6.024  8.034   15.924  1.00 54.09  ? 879 SER A N   1 
ATOM 1436 C CA  . SER A 1 188 ? -7.441  7.719   16.111  1.00 53.58  ? 879 SER A CA  1 
ATOM 1437 C C   . SER A 1 188 ? -8.075  8.509   17.264  1.00 53.23  ? 879 SER A C   1 
ATOM 1438 O O   . SER A 1 188 ? -9.175  9.038   17.121  1.00 50.64  ? 879 SER A O   1 
ATOM 1439 C CB  . SER A 1 188 ? -7.625  6.224   16.354  1.00 54.70  ? 879 SER A CB  1 
ATOM 1440 O OG  . SER A 1 188 ? -7.132  5.870   17.631  1.00 56.60  ? 879 SER A OG  1 
ATOM 1441 N N   . ASP A 1 189 ? -7.386  8.589   18.401  1.00 54.96  ? 880 ASP A N   1 
ATOM 1442 C CA  . ASP A 1 189 ? -7.884  9.382   19.533  1.00 57.81  ? 880 ASP A CA  1 
ATOM 1443 C C   . ASP A 1 189 ? -8.029  10.850  19.144  1.00 58.11  ? 880 ASP A C   1 
ATOM 1444 O O   . ASP A 1 189 ? -8.962  11.516  19.584  1.00 60.34  ? 880 ASP A O   1 
ATOM 1445 C CB  . ASP A 1 189 ? -6.972  9.257   20.760  1.00 60.98  ? 880 ASP A CB  1 
ATOM 1446 C CG  . ASP A 1 189 ? -7.091  7.895   21.463  1.00 66.92  ? 880 ASP A CG  1 
ATOM 1447 O OD1 . ASP A 1 189 ? -8.135  7.216   21.308  1.00 72.34  ? 880 ASP A OD1 1 
ATOM 1448 O OD2 . ASP A 1 189 ? -6.138  7.511   22.189  1.00 66.99  ? 880 ASP A OD2 1 
ATOM 1449 N N   . VAL A 1 190 ? -7.116  11.337  18.306  1.00 55.57  ? 881 VAL A N   1 
ATOM 1450 C CA  . VAL A 1 190 ? -7.148  12.719  17.840  1.00 54.22  ? 881 VAL A CA  1 
ATOM 1451 C C   . VAL A 1 190 ? -8.366  12.988  16.957  1.00 53.83  ? 881 VAL A C   1 
ATOM 1452 O O   . VAL A 1 190 ? -8.986  14.046  17.054  1.00 55.90  ? 881 VAL A O   1 
ATOM 1453 C CB  . VAL A 1 190 ? -5.843  13.084  17.092  1.00 53.58  ? 881 VAL A CB  1 
ATOM 1454 C CG1 . VAL A 1 190 ? -5.972  14.418  16.371  1.00 52.63  ? 881 VAL A CG1 1 
ATOM 1455 C CG2 . VAL A 1 190 ? -4.686  13.127  18.076  1.00 53.86  ? 881 VAL A CG2 1 
ATOM 1456 N N   . LEU A 1 191 ? -8.708  12.032  16.101  1.00 53.06  ? 882 LEU A N   1 
ATOM 1457 C CA  . LEU A 1 191 ? -9.881  12.154  15.235  1.00 52.45  ? 882 LEU A CA  1 
ATOM 1458 C C   . LEU A 1 191 ? -11.204 12.017  16.013  1.00 51.97  ? 882 LEU A C   1 
ATOM 1459 O O   . LEU A 1 191 ? -12.220 12.580  15.612  1.00 52.49  ? 882 LEU A O   1 
ATOM 1460 C CB  . LEU A 1 191 ? -9.822  11.110  14.113  1.00 52.21  ? 882 LEU A CB  1 
ATOM 1461 C CG  . LEU A 1 191 ? -8.661  11.210  13.114  1.00 52.54  ? 882 LEU A CG  1 
ATOM 1462 C CD1 . LEU A 1 191 ? -8.666  10.013  12.173  1.00 52.28  ? 882 LEU A CD1 1 
ATOM 1463 C CD2 . LEU A 1 191 ? -8.723  12.503  12.310  1.00 51.33  ? 882 LEU A CD2 1 
ATOM 1464 N N   . ILE A 1 192 ? -11.189 11.266  17.112  1.00 50.11  ? 883 ILE A N   1 
ATOM 1465 C CA  . ILE A 1 192 ? -12.366 11.118  17.964  1.00 52.25  ? 883 ILE A CA  1 
ATOM 1466 C C   . ILE A 1 192 ? -12.524 12.343  18.860  1.00 55.09  ? 883 ILE A C   1 
ATOM 1467 O O   . ILE A 1 192 ? -13.613 12.906  18.971  1.00 57.03  ? 883 ILE A O   1 
ATOM 1468 C CB  . ILE A 1 192 ? -12.273 9.862   18.856  1.00 51.82  ? 883 ILE A CB  1 
ATOM 1469 C CG1 . ILE A 1 192 ? -12.365 8.588   18.008  1.00 52.40  ? 883 ILE A CG1 1 
ATOM 1470 C CG2 . ILE A 1 192 ? -13.374 9.866   19.903  1.00 48.50  ? 883 ILE A CG2 1 
ATOM 1471 C CD1 . ILE A 1 192 ? -11.698 7.386   18.644  1.00 51.12  ? 883 ILE A CD1 1 
ATOM 1472 N N   . ARG A 1 193 ? -11.430 12.752  19.497  1.00 57.45  ? 884 ARG A N   1 
ATOM 1473 C CA  . ARG A 1 193 ? -11.427 13.936  20.361  1.00 59.50  ? 884 ARG A CA  1 
ATOM 1474 C C   . ARG A 1 193 ? -11.840 15.200  19.600  1.00 56.16  ? 884 ARG A C   1 
ATOM 1475 O O   . ARG A 1 193 ? -12.455 16.090  20.168  1.00 56.43  ? 884 ARG A O   1 
ATOM 1476 C CB  . ARG A 1 193 ? -10.039 14.139  20.998  1.00 64.70  ? 884 ARG A CB  1 
ATOM 1477 C CG  . ARG A 1 193 ? -10.051 14.936  22.297  1.00 68.24  ? 884 ARG A CG  1 
ATOM 1478 C CD  . ARG A 1 193 ? -8.655  15.381  22.726  1.00 71.83  ? 884 ARG A CD  1 
ATOM 1479 N NE  . ARG A 1 193 ? -7.662  14.298  22.705  1.00 71.98  ? 884 ARG A NE  1 
ATOM 1480 C CZ  . ARG A 1 193 ? -6.660  14.180  21.830  1.00 76.30  ? 884 ARG A CZ  1 
ATOM 1481 N NH1 . ARG A 1 193 ? -6.471  15.072  20.860  1.00 78.20  ? 884 ARG A NH1 1 
ATOM 1482 N NH2 . ARG A 1 193 ? -5.828  13.153  21.929  1.00 78.88  ? 884 ARG A NH2 1 
ATOM 1483 N N   . GLU A 1 194 ? -11.510 15.270  18.316  1.00 54.60  ? 885 GLU A N   1 
ATOM 1484 C CA  . GLU A 1 194 ? -11.874 16.416  17.491  1.00 55.45  ? 885 GLU A CA  1 
ATOM 1485 C C   . GLU A 1 194 ? -13.217 16.231  16.804  1.00 54.83  ? 885 GLU A C   1 
ATOM 1486 O O   . GLU A 1 194 ? -13.566 17.000  15.907  1.00 55.00  ? 885 GLU A O   1 
ATOM 1487 C CB  . GLU A 1 194 ? -10.784 16.675  16.456  1.00 57.97  ? 885 GLU A CB  1 
ATOM 1488 C CG  . GLU A 1 194 ? -9.520  17.229  17.094  1.00 61.57  ? 885 GLU A CG  1 
ATOM 1489 C CD  . GLU A 1 194 ? -8.294  17.085  16.230  1.00 63.05  ? 885 GLU A CD  1 
ATOM 1490 O OE1 . GLU A 1 194 ? -8.382  16.465  15.152  1.00 64.55  ? 885 GLU A OE1 1 
ATOM 1491 O OE2 . GLU A 1 194 ? -7.232  17.596  16.640  1.00 64.98  ? 885 GLU A OE2 1 
ATOM 1492 N N   . GLN A 1 195 ? -13.957 15.206  17.222  1.00 51.97  ? 886 GLN A N   1 
ATOM 1493 C CA  . GLN A 1 195 ? -15.318 14.961  16.751  1.00 51.89  ? 886 GLN A CA  1 
ATOM 1494 C C   . GLN A 1 195 ? -15.429 14.720  15.243  1.00 52.00  ? 886 GLN A C   1 
ATOM 1495 O O   . GLN A 1 195 ? -16.487 14.948  14.663  1.00 52.96  ? 886 GLN A O   1 
ATOM 1496 C CB  . GLN A 1 195 ? -16.251 16.109  17.184  1.00 50.14  ? 886 GLN A CB  1 
ATOM 1497 C CG  . GLN A 1 195 ? -16.294 16.353  18.694  1.00 50.02  ? 886 GLN A CG  1 
ATOM 1498 C CD  . GLN A 1 195 ? -16.960 15.223  19.476  1.00 51.90  ? 886 GLN A CD  1 
ATOM 1499 O OE1 . GLN A 1 195 ? -16.449 14.778  20.511  1.00 48.85  ? 886 GLN A OE1 1 
ATOM 1500 N NE2 . GLN A 1 195 ? -18.108 14.751  18.984  1.00 53.17  ? 886 GLN A NE2 1 
ATOM 1501 N N   . LEU A 1 196 ? -14.357 14.236  14.618  1.00 53.31  ? 887 LEU A N   1 
ATOM 1502 C CA  . LEU A 1 196 ? -14.357 13.974  13.168  1.00 54.51  ? 887 LEU A CA  1 
ATOM 1503 C C   . LEU A 1 196 ? -14.741 12.526  12.831  1.00 55.37  ? 887 LEU A C   1 
ATOM 1504 O O   . LEU A 1 196 ? -15.111 12.229  11.691  1.00 59.93  ? 887 LEU A O   1 
ATOM 1505 C CB  . LEU A 1 196 ? -12.987 14.291  12.559  1.00 54.17  ? 887 LEU A CB  1 
ATOM 1506 C CG  . LEU A 1 196 ? -12.523 15.748  12.570  1.00 53.59  ? 887 LEU A CG  1 
ATOM 1507 C CD1 . LEU A 1 196 ? -11.001 15.815  12.497  1.00 52.81  ? 887 LEU A CD1 1 
ATOM 1508 C CD2 . LEU A 1 196 ? -13.150 16.536  11.430  1.00 51.76  ? 887 LEU A CD2 1 
ATOM 1509 N N   . VAL A 1 197 ? -14.622 11.625  13.805  1.00 53.07  ? 888 VAL A N   1 
ATOM 1510 C CA  . VAL A 1 197 ? -15.101 10.250  13.656  1.00 53.23  ? 888 VAL A CA  1 
ATOM 1511 C C   . VAL A 1 197 ? -15.609 9.742   14.991  1.00 55.44  ? 888 VAL A C   1 
ATOM 1512 O O   . VAL A 1 197 ? -15.318 10.323  16.038  1.00 58.93  ? 888 VAL A O   1 
ATOM 1513 C CB  . VAL A 1 197 ? -13.995 9.290   13.170  1.00 53.68  ? 888 VAL A CB  1 
ATOM 1514 C CG1 . VAL A 1 197 ? -13.424 9.761   11.841  1.00 53.71  ? 888 VAL A CG1 1 
ATOM 1515 C CG2 . VAL A 1 197 ? -12.895 9.151   14.217  1.00 52.61  ? 888 VAL A CG2 1 
ATOM 1516 N N   . LEU A 1 198 ? -16.353 8.644   14.952  1.00 59.89  ? 889 LEU A N   1 
ATOM 1517 C CA  . LEU A 1 198 ? -16.917 8.054   16.162  1.00 63.32  ? 889 LEU A CA  1 
ATOM 1518 C C   . LEU A 1 198 ? -16.122 6.830   16.571  1.00 66.32  ? 889 LEU A C   1 
ATOM 1519 O O   . LEU A 1 198 ? -15.569 6.126   15.725  1.00 62.92  ? 889 LEU A O   1 
ATOM 1520 C CB  . LEU A 1 198 ? -18.384 7.669   15.939  1.00 64.18  ? 889 LEU A CB  1 
ATOM 1521 C CG  . LEU A 1 198 ? -19.340 8.820   15.604  1.00 63.24  ? 889 LEU A CG  1 
ATOM 1522 C CD1 . LEU A 1 198 ? -20.707 8.270   15.225  1.00 59.93  ? 889 LEU A CD1 1 
ATOM 1523 C CD2 . LEU A 1 198 ? -19.437 9.802   16.766  1.00 60.44  ? 889 LEU A CD2 1 
ATOM 1524 N N   . ARG A 1 199 ? -16.071 6.584   17.875  1.00 74.07  ? 890 ARG A N   1 
ATOM 1525 C CA  . ARG A 1 199 ? -15.399 5.408   18.411  1.00 82.88  ? 890 ARG A CA  1 
ATOM 1526 C C   . ARG A 1 199 ? -16.274 4.198   18.115  1.00 85.56  ? 890 ARG A C   1 
ATOM 1527 O O   . ARG A 1 199 ? -17.473 4.335   17.871  1.00 82.34  ? 890 ARG A O   1 
ATOM 1528 C CB  . ARG A 1 199 ? -15.180 5.558   19.921  1.00 88.60  ? 890 ARG A CB  1 
ATOM 1529 C CG  . ARG A 1 199 ? -13.862 4.997   20.438  1.00 93.71  ? 890 ARG A CG  1 
ATOM 1530 C CD  . ARG A 1 199 ? -13.646 5.411   21.888  1.00 102.13 ? 890 ARG A CD  1 
ATOM 1531 N NE  . ARG A 1 199 ? -12.235 5.463   22.274  1.00 109.08 ? 890 ARG A NE  1 
ATOM 1532 C CZ  . ARG A 1 199 ? -11.793 5.834   23.479  1.00 114.68 ? 890 ARG A CZ  1 
ATOM 1533 N NH1 . ARG A 1 199 ? -12.645 6.191   24.440  1.00 118.78 ? 890 ARG A NH1 1 
ATOM 1534 N NH2 . ARG A 1 199 ? -10.488 5.848   23.728  1.00 114.11 ? 890 ARG A NH2 1 
ATOM 1535 N N   . CYS A 1 200 ? -15.679 3.013   18.137  1.00 91.29  ? 891 CYS A N   1 
ATOM 1536 C CA  . CYS A 1 200 ? -16.429 1.798   17.857  1.00 95.61  ? 891 CYS A CA  1 
ATOM 1537 C C   . CYS A 1 200 ? -16.815 1.135   19.183  1.00 101.83 ? 891 CYS A C   1 
ATOM 1538 O O   . CYS A 1 200 ? -16.579 -0.057  19.394  1.00 107.81 ? 891 CYS A O   1 
ATOM 1539 C CB  . CYS A 1 200 ? -15.613 0.872   16.951  1.00 95.53  ? 891 CYS A CB  1 
ATOM 1540 S SG  . CYS A 1 200 ? -16.529 0.265   15.522  1.00 97.41  ? 891 CYS A SG  1 
ATOM 1541 N N   . GLY A 1 201 ? -17.421 1.931   20.069  1.00 99.75  ? 892 GLY A N   1 
ATOM 1542 C CA  . GLY A 1 201 ? -17.838 1.467   21.387  1.00 98.63  ? 892 GLY A CA  1 
ATOM 1543 C C   . GLY A 1 201 ? -19.148 0.709   21.318  1.00 97.40  ? 892 GLY A C   1 
ATOM 1544 O O   . GLY A 1 201 ? -19.267 -0.380  21.876  1.00 100.74 ? 892 GLY A O   1 
# 
loop_
_pdbx_poly_seq_scheme.asym_id 
_pdbx_poly_seq_scheme.entity_id 
_pdbx_poly_seq_scheme.seq_id 
_pdbx_poly_seq_scheme.mon_id 
_pdbx_poly_seq_scheme.ndb_seq_num 
_pdbx_poly_seq_scheme.pdb_seq_num 
_pdbx_poly_seq_scheme.auth_seq_num 
_pdbx_poly_seq_scheme.pdb_mon_id 
_pdbx_poly_seq_scheme.auth_mon_id 
_pdbx_poly_seq_scheme.pdb_strand_id 
_pdbx_poly_seq_scheme.pdb_ins_code 
_pdbx_poly_seq_scheme.hetero 
A 1 1   GLY 1   692 ?   ?   ?   A . n 
A 1 2   PRO 2   693 ?   ?   ?   A . n 
A 1 3   ALA 3   694 ?   ?   ?   A . n 
A 1 4   GLU 4   695 ?   ?   ?   A . n 
A 1 5   ALA 5   696 ?   ?   ?   A . n 
A 1 6   LEU 6   697 697 LEU LEU A . n 
A 1 7   GLU 7   698 698 GLU GLU A . n 
A 1 8   TRP 8   699 699 TRP TRP A . n 
A 1 9   THR 9   700 700 THR THR A . n 
A 1 10  TRP 10  701 701 TRP TRP A . n 
A 1 11  VAL 11  702 702 VAL VAL A . n 
A 1 12  GLU 12  703 703 GLU GLU A . n 
A 1 13  PHE 13  704 704 PHE PHE A . n 
A 1 14  THR 14  705 705 THR THR A . n 
A 1 15  VAL 15  706 706 VAL VAL A . n 
A 1 16  ASP 16  707 707 ASP ASP A . n 
A 1 17  GLU 17  708 708 GLU GLU A . n 
A 1 18  THR 18  709 709 THR THR A . n 
A 1 19  VAL 19  710 710 VAL VAL A . n 
A 1 20  ASP 20  711 711 ASP ASP A . n 
A 1 21  VAL 21  712 712 VAL VAL A . n 
A 1 22  VAL 22  713 713 VAL VAL A . n 
A 1 23  VAL 23  714 714 VAL VAL A . n 
A 1 24  CYS 24  715 715 CYS CYS A . n 
A 1 25  MET 25  716 716 MET MET A . n 
A 1 26  MET 26  717 717 MET MET A . n 
A 1 27  TYR 27  718 718 TYR TYR A . n 
A 1 28  SER 28  719 719 SER SER A . n 
A 1 29  PRO 29  720 720 PRO PRO A . n 
A 1 30  GLY 30  721 721 GLY GLY A . n 
A 1 31  GLU 31  722 722 GLU GLU A . n 
A 1 32  PHE 32  723 723 PHE PHE A . n 
A 1 33  TYR 33  724 724 TYR TYR A . n 
A 1 34  CYS 34  725 725 CYS CYS A . n 
A 1 35  HIS 35  726 726 HIS HIS A . n 
A 1 36  PHE 36  727 727 PHE PHE A . n 
A 1 37  LEU 37  728 728 LEU LEU A . n 
A 1 38  LYS 38  729 729 LYS LYS A . n 
A 1 39  ASP 39  730 730 ASP ASP A . n 
A 1 40  ASP 40  731 731 ASP ASP A . n 
A 1 41  ALA 41  732 732 ALA ALA A . n 
A 1 42  LEU 42  733 733 LEU LEU A . n 
A 1 43  GLU 43  734 734 GLU GLU A . n 
A 1 44  LYS 44  735 735 LYS LYS A . n 
A 1 45  LEU 45  736 736 LEU LEU A . n 
A 1 46  ASP 46  737 737 ASP ASP A . n 
A 1 47  ASP 47  738 738 ASP ASP A . n 
A 1 48  LEU 48  739 739 LEU LEU A . n 
A 1 49  ASN 49  740 740 ASN ASN A . n 
A 1 50  GLN 50  741 741 GLN GLN A . n 
A 1 51  SER 51  742 742 SER SER A . n 
A 1 52  LEU 52  743 743 LEU LEU A . n 
A 1 53  ALA 53  744 744 ALA ALA A . n 
A 1 54  ASP 54  745 745 ASP ASP A . n 
A 1 55  TYR 55  746 746 TYR TYR A . n 
A 1 56  CYS 56  747 747 CYS CYS A . n 
A 1 57  ALA 57  748 748 ALA ALA A . n 
A 1 58  GLN 58  749 749 GLN GLN A . n 
A 1 59  LYS 59  750 750 LYS LYS A . n 
A 1 60  PRO 60  751 751 PRO PRO A . n 
A 1 61  PRO 61  752 752 PRO PRO A . n 
A 1 62  ASN 62  753 ?   ?   ?   A . n 
A 1 63  GLY 63  754 ?   ?   ?   A . n 
A 1 64  PHE 64  755 755 PHE PHE A . n 
A 1 65  LYS 65  756 756 LYS LYS A . n 
A 1 66  ALA 66  757 757 ALA ALA A . n 
A 1 67  GLU 67  758 758 GLU GLU A . n 
A 1 68  ILE 68  759 759 ILE ILE A . n 
A 1 69  GLY 69  760 760 GLY GLY A . n 
A 1 70  ARG 70  761 761 ARG ARG A . n 
A 1 71  PRO 71  762 762 PRO PRO A . n 
A 1 72  CYS 72  763 763 CYS CYS A . n 
A 1 73  CYS 73  764 764 CYS CYS A . n 
A 1 74  ALA 74  765 765 ALA ALA A . n 
A 1 75  PHE 75  766 766 PHE PHE A . n 
A 1 76  PHE 76  767 767 PHE PHE A . n 
A 1 77  SER 77  768 768 SER SER A . n 
A 1 78  GLY 78  769 769 GLY GLY A . n 
A 1 79  ASP 79  770 770 ASP ASP A . n 
A 1 80  GLY 80  771 771 GLY GLY A . n 
A 1 81  ASN 81  772 772 ASN ASN A . n 
A 1 82  TRP 82  773 773 TRP TRP A . n 
A 1 83  TYR 83  774 774 TYR TYR A . n 
A 1 84  ARG 84  775 775 ARG ARG A . n 
A 1 85  ALA 85  776 776 ALA ALA A . n 
A 1 86  LEU 86  777 777 LEU LEU A . n 
A 1 87  VAL 87  778 778 VAL VAL A . n 
A 1 88  LYS 88  779 779 LYS LYS A . n 
A 1 89  GLU 89  780 780 GLU GLU A . n 
A 1 90  ILE 90  781 781 ILE ILE A . n 
A 1 91  LEU 91  782 782 LEU LEU A . n 
A 1 92  PRO 92  783 783 PRO PRO A . n 
A 1 93  SER 93  784 784 SER SER A . n 
A 1 94  GLY 94  785 785 GLY GLY A . n 
A 1 95  ASN 95  786 786 ASN ASN A . n 
A 1 96  VAL 96  787 787 VAL VAL A . n 
A 1 97  LYS 97  788 788 LYS LYS A . n 
A 1 98  VAL 98  789 789 VAL VAL A . n 
A 1 99  HIS 99  790 790 HIS HIS A . n 
A 1 100 PHE 100 791 791 PHE PHE A . n 
A 1 101 VAL 101 792 792 VAL VAL A . n 
A 1 102 ASP 102 793 793 ASP ASP A . n 
A 1 103 TYR 103 794 794 TYR TYR A . n 
A 1 104 GLY 104 795 795 GLY GLY A . n 
A 1 105 ASN 105 796 796 ASN ASN A . n 
A 1 106 VAL 106 797 797 VAL VAL A . n 
A 1 107 GLU 107 798 798 GLU GLU A . n 
A 1 108 GLU 108 799 799 GLU GLU A . n 
A 1 109 VAL 109 800 800 VAL VAL A . n 
A 1 110 THR 110 801 801 THR THR A . n 
A 1 111 THR 111 802 802 THR THR A . n 
A 1 112 ASP 112 803 803 ASP ASP A . n 
A 1 113 GLN 113 804 804 GLN GLN A . n 
A 1 114 LEU 114 805 805 LEU LEU A . n 
A 1 115 GLN 115 806 806 GLN GLN A . n 
A 1 116 ALA 116 807 807 ALA ALA A . n 
A 1 117 ILE 117 808 808 ILE ILE A . n 
A 1 118 LEU 118 809 809 LEU LEU A . n 
A 1 119 PRO 119 810 810 PRO PRO A . n 
A 1 120 GLN 120 811 811 GLN GLN A . n 
A 1 121 PHE 121 812 812 PHE PHE A . n 
A 1 122 LEU 122 813 813 LEU LEU A . n 
A 1 123 LEU 123 814 814 LEU LEU A . n 
A 1 124 LEU 124 815 815 LEU LEU A . n 
A 1 125 PRO 125 816 816 PRO PRO A . n 
A 1 126 PHE 126 817 817 PHE PHE A . n 
A 1 127 GLN 127 818 818 GLN GLN A . n 
A 1 128 GLY 128 819 819 GLY GLY A . n 
A 1 129 MET 129 820 820 MET MET A . n 
A 1 130 GLN 130 821 821 GLN GLN A . n 
A 1 131 CYS 131 822 822 CYS CYS A . n 
A 1 132 TRP 132 823 823 TRP TRP A . n 
A 1 133 LEU 133 824 824 LEU LEU A . n 
A 1 134 VAL 134 825 825 VAL VAL A . n 
A 1 135 ASP 135 826 826 ASP ASP A . n 
A 1 136 ILE 136 827 827 ILE ILE A . n 
A 1 137 GLN 137 828 828 GLN GLN A . n 
A 1 138 PRO 138 829 829 PRO PRO A . n 
A 1 139 PRO 139 830 830 PRO PRO A . n 
A 1 140 ASN 140 831 831 ASN ASN A . n 
A 1 141 LYS 141 832 832 LYS LYS A . n 
A 1 142 HIS 142 833 833 HIS HIS A . n 
A 1 143 TRP 143 834 834 TRP TRP A . n 
A 1 144 THR 144 835 835 THR THR A . n 
A 1 145 LYS 145 836 836 LYS LYS A . n 
A 1 146 GLU 146 837 837 GLU GLU A . n 
A 1 147 ALA 147 838 838 ALA ALA A . n 
A 1 148 THR 148 839 839 THR THR A . n 
A 1 149 ALA 149 840 840 ALA ALA A . n 
A 1 150 ARG 150 841 841 ARG ARG A . n 
A 1 151 PHE 151 842 842 PHE PHE A . n 
A 1 152 GLN 152 843 843 GLN GLN A . n 
A 1 153 ALA 153 844 844 ALA ALA A . n 
A 1 154 CYS 154 845 845 CYS CYS A . n 
A 1 155 VAL 155 846 846 VAL VAL A . n 
A 1 156 VAL 156 847 847 VAL VAL A . n 
A 1 157 GLY 157 848 848 GLY GLY A . n 
A 1 158 LEU 158 849 849 LEU LEU A . n 
A 1 159 LYS 159 850 850 LYS LYS A . n 
A 1 160 LEU 160 851 851 LEU LEU A . n 
A 1 161 GLN 161 852 852 GLN GLN A . n 
A 1 162 ALA 162 853 853 ALA ALA A . n 
A 1 163 ARG 163 854 854 ARG ARG A . n 
A 1 164 VAL 164 855 855 VAL VAL A . n 
A 1 165 VAL 165 856 856 VAL VAL A . n 
A 1 166 GLU 166 857 857 GLU GLU A . n 
A 1 167 ILE 167 858 858 ILE ILE A . n 
A 1 168 THR 168 859 859 THR THR A . n 
A 1 169 ALA 169 860 860 ALA ALA A . n 
A 1 170 ASN 170 861 861 ASN ASN A . n 
A 1 171 GLY 171 862 862 GLY GLY A . n 
A 1 172 VAL 172 863 863 VAL VAL A . n 
A 1 173 GLY 173 864 864 GLY GLY A . n 
A 1 174 VAL 174 865 865 VAL VAL A . n 
A 1 175 GLU 175 866 866 GLU GLU A . n 
A 1 176 LEU 176 867 867 LEU LEU A . n 
A 1 177 THR 177 868 868 THR THR A . n 
A 1 178 ASP 178 869 869 ASP ASP A . n 
A 1 179 LEU 179 870 870 LEU LEU A . n 
A 1 180 SER 180 871 871 SER SER A . n 
A 1 181 THR 181 872 872 THR THR A . n 
A 1 182 PRO 182 873 873 PRO PRO A . n 
A 1 183 TYR 183 874 874 TYR TYR A . n 
A 1 184 PRO 184 875 875 PRO PRO A . n 
A 1 185 LYS 185 876 876 LYS LYS A . n 
A 1 186 ILE 186 877 877 ILE ILE A . n 
A 1 187 ILE 187 878 878 ILE ILE A . n 
A 1 188 SER 188 879 879 SER SER A . n 
A 1 189 ASP 189 880 880 ASP ASP A . n 
A 1 190 VAL 190 881 881 VAL VAL A . n 
A 1 191 LEU 191 882 882 LEU LEU A . n 
A 1 192 ILE 192 883 883 ILE ILE A . n 
A 1 193 ARG 193 884 884 ARG ARG A . n 
A 1 194 GLU 194 885 885 GLU GLU A . n 
A 1 195 GLN 195 886 886 GLN GLN A . n 
A 1 196 LEU 196 887 887 LEU LEU A . n 
A 1 197 VAL 197 888 888 VAL VAL A . n 
A 1 198 LEU 198 889 889 LEU LEU A . n 
A 1 199 ARG 199 890 890 ARG ARG A . n 
A 1 200 CYS 200 891 891 CYS CYS A . n 
A 1 201 GLY 201 892 892 GLY GLY A . n 
A 1 202 SER 202 893 ?   ?   ?   A . n 
A 1 203 PRO 203 894 ?   ?   ?   A . n 
A 1 204 GLN 204 895 ?   ?   ?   A . n 
A 1 205 ASP 205 896 ?   ?   ?   A . n 
A 1 206 SER 206 897 ?   ?   ?   A . n 
A 1 207 LEU 207 898 ?   ?   ?   A . n 
A 1 208 MET 208 899 ?   ?   ?   A . n 
A 1 209 SER 209 900 ?   ?   ?   A . n 
A 1 210 ARG 210 901 ?   ?   ?   A . n 
A 1 211 PRO 211 902 ?   ?   ?   A . n 
A 1 212 ALA 212 903 ?   ?   ?   A . n 
A 1 213 ASN 213 904 ?   ?   ?   A . n 
A 1 214 GLN 214 905 ?   ?   ?   A . n 
A 1 215 HIS 215 906 ?   ?   ?   A . n 
A 1 216 LYS 216 907 ?   ?   ?   A . n 
A 1 217 GLN 217 908 ?   ?   ?   A . n 
A 1 218 ILE 218 909 ?   ?   ?   A . n 
A 1 219 ASP 219 910 ?   ?   ?   A . n 
A 1 220 SER 220 911 ?   ?   ?   A . n 
A 1 221 HIS 221 912 ?   ?   ?   A . n 
A 1 222 ARG 222 913 ?   ?   ?   A . n 
A 1 223 VAL 223 914 ?   ?   ?   A . n 
A 1 224 GLN 224 915 ?   ?   ?   A . n 
A 1 225 ALA 225 916 ?   ?   ?   A . n 
A 1 226 SER 226 917 ?   ?   ?   A . n 
# 
_pdbx_struct_assembly.id                   1 
_pdbx_struct_assembly.details              author_and_software_defined_assembly 
_pdbx_struct_assembly.method_details       PISA 
_pdbx_struct_assembly.oligomeric_details   monomeric 
_pdbx_struct_assembly.oligomeric_count     1 
# 
_pdbx_struct_assembly_gen.assembly_id       1 
_pdbx_struct_assembly_gen.oper_expression   1 
_pdbx_struct_assembly_gen.asym_id_list      A 
# 
_pdbx_struct_oper_list.id                   1 
_pdbx_struct_oper_list.type                 'identity operation' 
_pdbx_struct_oper_list.name                 1_555 
_pdbx_struct_oper_list.symmetry_operation   x,y,z 
_pdbx_struct_oper_list.matrix[1][1]         1.0000000000 
_pdbx_struct_oper_list.matrix[1][2]         0.0000000000 
_pdbx_struct_oper_list.matrix[1][3]         0.0000000000 
_pdbx_struct_oper_list.vector[1]            0.0000000000 
_pdbx_struct_oper_list.matrix[2][1]         0.0000000000 
_pdbx_struct_oper_list.matrix[2][2]         1.0000000000 
_pdbx_struct_oper_list.matrix[2][3]         0.0000000000 
_pdbx_struct_oper_list.vector[2]            0.0000000000 
_pdbx_struct_oper_list.matrix[3][1]         0.0000000000 
_pdbx_struct_oper_list.matrix[3][2]         0.0000000000 
_pdbx_struct_oper_list.matrix[3][3]         1.0000000000 
_pdbx_struct_oper_list.vector[3]            0.0000000000 
# 
loop_
_pdbx_audit_revision_history.ordinal 
_pdbx_audit_revision_history.data_content_type 
_pdbx_audit_revision_history.major_revision 
_pdbx_audit_revision_history.minor_revision 
_pdbx_audit_revision_history.revision_date 
1 'Structure model' 1 0 2012-10-17 
2 'Structure model' 1 1 2012-10-31 
3 'Structure model' 1 2 2019-05-15 
4 'Structure model' 1 3 2023-12-20 
# 
_pdbx_audit_revision_details.ordinal             1 
_pdbx_audit_revision_details.revision_ordinal    1 
_pdbx_audit_revision_details.data_content_type   'Structure model' 
_pdbx_audit_revision_details.provider            repository 
_pdbx_audit_revision_details.type                'Initial release' 
_pdbx_audit_revision_details.description         ? 
_pdbx_audit_revision_details.details             ? 
# 
loop_
_pdbx_audit_revision_group.ordinal 
_pdbx_audit_revision_group.revision_ordinal 
_pdbx_audit_revision_group.data_content_type 
_pdbx_audit_revision_group.group 
1 2 'Structure model' 'Database references'      
2 3 'Structure model' 'Data collection'          
3 3 'Structure model' 'Experimental preparation' 
4 3 'Structure model' Other                      
5 4 'Structure model' 'Data collection'          
6 4 'Structure model' 'Database references'      
7 4 'Structure model' 'Derived calculations'     
8 4 'Structure model' Other                      
9 4 'Structure model' 'Refinement description'   
# 
loop_
_pdbx_audit_revision_category.ordinal 
_pdbx_audit_revision_category.revision_ordinal 
_pdbx_audit_revision_category.data_content_type 
_pdbx_audit_revision_category.category 
1 3 'Structure model' exptl_crystal_grow            
2 3 'Structure model' pdbx_database_proc            
3 3 'Structure model' pdbx_database_status          
4 4 'Structure model' chem_comp_atom                
5 4 'Structure model' chem_comp_bond                
6 4 'Structure model' database_2                    
7 4 'Structure model' pdbx_database_status          
8 4 'Structure model' pdbx_initial_refinement_model 
9 4 'Structure model' struct_sheet                  
# 
loop_
_pdbx_audit_revision_item.ordinal 
_pdbx_audit_revision_item.revision_ordinal 
_pdbx_audit_revision_item.data_content_type 
_pdbx_audit_revision_item.item 
1 3 'Structure model' '_exptl_crystal_grow.temp'                    
2 3 'Structure model' '_pdbx_database_status.recvd_author_approval' 
3 4 'Structure model' '_database_2.pdbx_DOI'                        
4 4 'Structure model' '_database_2.pdbx_database_accession'         
5 4 'Structure model' '_pdbx_database_status.status_code_sf'        
6 4 'Structure model' '_struct_sheet.number_strands'                
# 
loop_
_software.name 
_software.classification 
_software.version 
_software.citation_id 
_software.pdbx_ordinal 
REFMAC refinement       5.6.0116 ? 1 
XDS    'data reduction' .        ? 2 
XSCALE 'data scaling'   .        ? 3 
PHASER phasing          .        ? 4 
# 
_pdbx_database_remark.id     700 
_pdbx_database_remark.text   
;
SHEET
DETERMINATION METHOD: DSSP
THE SHEETS PRESENTED AS "AA" IN EACH CHAIN ON SHEET RECORDS
BELOW IS ACTUALLY AN  5-STRANDED BARREL THIS IS REPRESENTED BY
A  6-STRANDED SHEET IN WHICH THE FIRST AND LAST STRANDS
ARE IDENTICAL.
;
# 
loop_
_pdbx_validate_torsion.id 
_pdbx_validate_torsion.PDB_model_num 
_pdbx_validate_torsion.auth_comp_id 
_pdbx_validate_torsion.auth_asym_id 
_pdbx_validate_torsion.auth_seq_id 
_pdbx_validate_torsion.PDB_ins_code 
_pdbx_validate_torsion.label_alt_id 
_pdbx_validate_torsion.phi 
_pdbx_validate_torsion.psi 
1 1 CYS A 715 ? ? -96.85  -65.23  
2 1 MET A 717 ? ? -165.70 115.91  
3 1 ALA A 748 ? ? -102.71 62.14   
4 1 PRO A 751 ? ? -27.20  99.69   
5 1 ASN A 831 ? ? -74.16  -107.13 
6 1 LYS A 832 ? ? -141.87 -17.56  
7 1 CYS A 891 ? ? -98.63  51.52   
# 
loop_
_pdbx_unobs_or_zero_occ_residues.id 
_pdbx_unobs_or_zero_occ_residues.PDB_model_num 
_pdbx_unobs_or_zero_occ_residues.polymer_flag 
_pdbx_unobs_or_zero_occ_residues.occupancy_flag 
_pdbx_unobs_or_zero_occ_residues.auth_asym_id 
_pdbx_unobs_or_zero_occ_residues.auth_comp_id 
_pdbx_unobs_or_zero_occ_residues.auth_seq_id 
_pdbx_unobs_or_zero_occ_residues.PDB_ins_code 
_pdbx_unobs_or_zero_occ_residues.label_asym_id 
_pdbx_unobs_or_zero_occ_residues.label_comp_id 
_pdbx_unobs_or_zero_occ_residues.label_seq_id 
1  1 Y 1 A GLY 692 ? A GLY 1   
2  1 Y 1 A PRO 693 ? A PRO 2   
3  1 Y 1 A ALA 694 ? A ALA 3   
4  1 Y 1 A GLU 695 ? A GLU 4   
5  1 Y 1 A ALA 696 ? A ALA 5   
6  1 Y 1 A ASN 753 ? A ASN 62  
7  1 Y 1 A GLY 754 ? A GLY 63  
8  1 Y 1 A SER 893 ? A SER 202 
9  1 Y 1 A PRO 894 ? A PRO 203 
10 1 Y 1 A GLN 895 ? A GLN 204 
11 1 Y 1 A ASP 896 ? A ASP 205 
12 1 Y 1 A SER 897 ? A SER 206 
13 1 Y 1 A LEU 898 ? A LEU 207 
14 1 Y 1 A MET 899 ? A MET 208 
15 1 Y 1 A SER 900 ? A SER 209 
16 1 Y 1 A ARG 901 ? A ARG 210 
17 1 Y 1 A PRO 902 ? A PRO 211 
18 1 Y 1 A ALA 903 ? A ALA 212 
19 1 Y 1 A ASN 904 ? A ASN 213 
20 1 Y 1 A GLN 905 ? A GLN 214 
21 1 Y 1 A HIS 906 ? A HIS 215 
22 1 Y 1 A LYS 907 ? A LYS 216 
23 1 Y 1 A GLN 908 ? A GLN 217 
24 1 Y 1 A ILE 909 ? A ILE 218 
25 1 Y 1 A ASP 910 ? A ASP 219 
26 1 Y 1 A SER 911 ? A SER 220 
27 1 Y 1 A HIS 912 ? A HIS 221 
28 1 Y 1 A ARG 913 ? A ARG 222 
29 1 Y 1 A VAL 914 ? A VAL 223 
30 1 Y 1 A GLN 915 ? A GLN 224 
31 1 Y 1 A ALA 916 ? A ALA 225 
32 1 Y 1 A SER 917 ? A SER 226 
# 
loop_
_chem_comp_atom.comp_id 
_chem_comp_atom.atom_id 
_chem_comp_atom.type_symbol 
_chem_comp_atom.pdbx_aromatic_flag 
_chem_comp_atom.pdbx_stereo_config 
_chem_comp_atom.pdbx_ordinal 
ALA N    N N N 1   
ALA CA   C N S 2   
ALA C    C N N 3   
ALA O    O N N 4   
ALA CB   C N N 5   
ALA OXT  O N N 6   
ALA H    H N N 7   
ALA H2   H N N 8   
ALA HA   H N N 9   
ALA HB1  H N N 10  
ALA HB2  H N N 11  
ALA HB3  H N N 12  
ALA HXT  H N N 13  
ARG N    N N N 14  
ARG CA   C N S 15  
ARG C    C N N 16  
ARG O    O N N 17  
ARG CB   C N N 18  
ARG CG   C N N 19  
ARG CD   C N N 20  
ARG NE   N N N 21  
ARG CZ   C N N 22  
ARG NH1  N N N 23  
ARG NH2  N N N 24  
ARG OXT  O N N 25  
ARG H    H N N 26  
ARG H2   H N N 27  
ARG HA   H N N 28  
ARG HB2  H N N 29  
ARG HB3  H N N 30  
ARG HG2  H N N 31  
ARG HG3  H N N 32  
ARG HD2  H N N 33  
ARG HD3  H N N 34  
ARG HE   H N N 35  
ARG HH11 H N N 36  
ARG HH12 H N N 37  
ARG HH21 H N N 38  
ARG HH22 H N N 39  
ARG HXT  H N N 40  
ASN N    N N N 41  
ASN CA   C N S 42  
ASN C    C N N 43  
ASN O    O N N 44  
ASN CB   C N N 45  
ASN CG   C N N 46  
ASN OD1  O N N 47  
ASN ND2  N N N 48  
ASN OXT  O N N 49  
ASN H    H N N 50  
ASN H2   H N N 51  
ASN HA   H N N 52  
ASN HB2  H N N 53  
ASN HB3  H N N 54  
ASN HD21 H N N 55  
ASN HD22 H N N 56  
ASN HXT  H N N 57  
ASP N    N N N 58  
ASP CA   C N S 59  
ASP C    C N N 60  
ASP O    O N N 61  
ASP CB   C N N 62  
ASP CG   C N N 63  
ASP OD1  O N N 64  
ASP OD2  O N N 65  
ASP OXT  O N N 66  
ASP H    H N N 67  
ASP H2   H N N 68  
ASP HA   H N N 69  
ASP HB2  H N N 70  
ASP HB3  H N N 71  
ASP HD2  H N N 72  
ASP HXT  H N N 73  
CYS N    N N N 74  
CYS CA   C N R 75  
CYS C    C N N 76  
CYS O    O N N 77  
CYS CB   C N N 78  
CYS SG   S N N 79  
CYS OXT  O N N 80  
CYS H    H N N 81  
CYS H2   H N N 82  
CYS HA   H N N 83  
CYS HB2  H N N 84  
CYS HB3  H N N 85  
CYS HG   H N N 86  
CYS HXT  H N N 87  
GLN N    N N N 88  
GLN CA   C N S 89  
GLN C    C N N 90  
GLN O    O N N 91  
GLN CB   C N N 92  
GLN CG   C N N 93  
GLN CD   C N N 94  
GLN OE1  O N N 95  
GLN NE2  N N N 96  
GLN OXT  O N N 97  
GLN H    H N N 98  
GLN H2   H N N 99  
GLN HA   H N N 100 
GLN HB2  H N N 101 
GLN HB3  H N N 102 
GLN HG2  H N N 103 
GLN HG3  H N N 104 
GLN HE21 H N N 105 
GLN HE22 H N N 106 
GLN HXT  H N N 107 
GLU N    N N N 108 
GLU CA   C N S 109 
GLU C    C N N 110 
GLU O    O N N 111 
GLU CB   C N N 112 
GLU CG   C N N 113 
GLU CD   C N N 114 
GLU OE1  O N N 115 
GLU OE2  O N N 116 
GLU OXT  O N N 117 
GLU H    H N N 118 
GLU H2   H N N 119 
GLU HA   H N N 120 
GLU HB2  H N N 121 
GLU HB3  H N N 122 
GLU HG2  H N N 123 
GLU HG3  H N N 124 
GLU HE2  H N N 125 
GLU HXT  H N N 126 
GLY N    N N N 127 
GLY CA   C N N 128 
GLY C    C N N 129 
GLY O    O N N 130 
GLY OXT  O N N 131 
GLY H    H N N 132 
GLY H2   H N N 133 
GLY HA2  H N N 134 
GLY HA3  H N N 135 
GLY HXT  H N N 136 
HIS N    N N N 137 
HIS CA   C N S 138 
HIS C    C N N 139 
HIS O    O N N 140 
HIS CB   C N N 141 
HIS CG   C Y N 142 
HIS ND1  N Y N 143 
HIS CD2  C Y N 144 
HIS CE1  C Y N 145 
HIS NE2  N Y N 146 
HIS OXT  O N N 147 
HIS H    H N N 148 
HIS H2   H N N 149 
HIS HA   H N N 150 
HIS HB2  H N N 151 
HIS HB3  H N N 152 
HIS HD1  H N N 153 
HIS HD2  H N N 154 
HIS HE1  H N N 155 
HIS HE2  H N N 156 
HIS HXT  H N N 157 
ILE N    N N N 158 
ILE CA   C N S 159 
ILE C    C N N 160 
ILE O    O N N 161 
ILE CB   C N S 162 
ILE CG1  C N N 163 
ILE CG2  C N N 164 
ILE CD1  C N N 165 
ILE OXT  O N N 166 
ILE H    H N N 167 
ILE H2   H N N 168 
ILE HA   H N N 169 
ILE HB   H N N 170 
ILE HG12 H N N 171 
ILE HG13 H N N 172 
ILE HG21 H N N 173 
ILE HG22 H N N 174 
ILE HG23 H N N 175 
ILE HD11 H N N 176 
ILE HD12 H N N 177 
ILE HD13 H N N 178 
ILE HXT  H N N 179 
LEU N    N N N 180 
LEU CA   C N S 181 
LEU C    C N N 182 
LEU O    O N N 183 
LEU CB   C N N 184 
LEU CG   C N N 185 
LEU CD1  C N N 186 
LEU CD2  C N N 187 
LEU OXT  O N N 188 
LEU H    H N N 189 
LEU H2   H N N 190 
LEU HA   H N N 191 
LEU HB2  H N N 192 
LEU HB3  H N N 193 
LEU HG   H N N 194 
LEU HD11 H N N 195 
LEU HD12 H N N 196 
LEU HD13 H N N 197 
LEU HD21 H N N 198 
LEU HD22 H N N 199 
LEU HD23 H N N 200 
LEU HXT  H N N 201 
LYS N    N N N 202 
LYS CA   C N S 203 
LYS C    C N N 204 
LYS O    O N N 205 
LYS CB   C N N 206 
LYS CG   C N N 207 
LYS CD   C N N 208 
LYS CE   C N N 209 
LYS NZ   N N N 210 
LYS OXT  O N N 211 
LYS H    H N N 212 
LYS H2   H N N 213 
LYS HA   H N N 214 
LYS HB2  H N N 215 
LYS HB3  H N N 216 
LYS HG2  H N N 217 
LYS HG3  H N N 218 
LYS HD2  H N N 219 
LYS HD3  H N N 220 
LYS HE2  H N N 221 
LYS HE3  H N N 222 
LYS HZ1  H N N 223 
LYS HZ2  H N N 224 
LYS HZ3  H N N 225 
LYS HXT  H N N 226 
MET N    N N N 227 
MET CA   C N S 228 
MET C    C N N 229 
MET O    O N N 230 
MET CB   C N N 231 
MET CG   C N N 232 
MET SD   S N N 233 
MET CE   C N N 234 
MET OXT  O N N 235 
MET H    H N N 236 
MET H2   H N N 237 
MET HA   H N N 238 
MET HB2  H N N 239 
MET HB3  H N N 240 
MET HG2  H N N 241 
MET HG3  H N N 242 
MET HE1  H N N 243 
MET HE2  H N N 244 
MET HE3  H N N 245 
MET HXT  H N N 246 
PHE N    N N N 247 
PHE CA   C N S 248 
PHE C    C N N 249 
PHE O    O N N 250 
PHE CB   C N N 251 
PHE CG   C Y N 252 
PHE CD1  C Y N 253 
PHE CD2  C Y N 254 
PHE CE1  C Y N 255 
PHE CE2  C Y N 256 
PHE CZ   C Y N 257 
PHE OXT  O N N 258 
PHE H    H N N 259 
PHE H2   H N N 260 
PHE HA   H N N 261 
PHE HB2  H N N 262 
PHE HB3  H N N 263 
PHE HD1  H N N 264 
PHE HD2  H N N 265 
PHE HE1  H N N 266 
PHE HE2  H N N 267 
PHE HZ   H N N 268 
PHE HXT  H N N 269 
PRO N    N N N 270 
PRO CA   C N S 271 
PRO C    C N N 272 
PRO O    O N N 273 
PRO CB   C N N 274 
PRO CG   C N N 275 
PRO CD   C N N 276 
PRO OXT  O N N 277 
PRO H    H N N 278 
PRO HA   H N N 279 
PRO HB2  H N N 280 
PRO HB3  H N N 281 
PRO HG2  H N N 282 
PRO HG3  H N N 283 
PRO HD2  H N N 284 
PRO HD3  H N N 285 
PRO HXT  H N N 286 
SER N    N N N 287 
SER CA   C N S 288 
SER C    C N N 289 
SER O    O N N 290 
SER CB   C N N 291 
SER OG   O N N 292 
SER OXT  O N N 293 
SER H    H N N 294 
SER H2   H N N 295 
SER HA   H N N 296 
SER HB2  H N N 297 
SER HB3  H N N 298 
SER HG   H N N 299 
SER HXT  H N N 300 
THR N    N N N 301 
THR CA   C N S 302 
THR C    C N N 303 
THR O    O N N 304 
THR CB   C N R 305 
THR OG1  O N N 306 
THR CG2  C N N 307 
THR OXT  O N N 308 
THR H    H N N 309 
THR H2   H N N 310 
THR HA   H N N 311 
THR HB   H N N 312 
THR HG1  H N N 313 
THR HG21 H N N 314 
THR HG22 H N N 315 
THR HG23 H N N 316 
THR HXT  H N N 317 
TRP N    N N N 318 
TRP CA   C N S 319 
TRP C    C N N 320 
TRP O    O N N 321 
TRP CB   C N N 322 
TRP CG   C Y N 323 
TRP CD1  C Y N 324 
TRP CD2  C Y N 325 
TRP NE1  N Y N 326 
TRP CE2  C Y N 327 
TRP CE3  C Y N 328 
TRP CZ2  C Y N 329 
TRP CZ3  C Y N 330 
TRP CH2  C Y N 331 
TRP OXT  O N N 332 
TRP H    H N N 333 
TRP H2   H N N 334 
TRP HA   H N N 335 
TRP HB2  H N N 336 
TRP HB3  H N N 337 
TRP HD1  H N N 338 
TRP HE1  H N N 339 
TRP HE3  H N N 340 
TRP HZ2  H N N 341 
TRP HZ3  H N N 342 
TRP HH2  H N N 343 
TRP HXT  H N N 344 
TYR N    N N N 345 
TYR CA   C N S 346 
TYR C    C N N 347 
TYR O    O N N 348 
TYR CB   C N N 349 
TYR CG   C Y N 350 
TYR CD1  C Y N 351 
TYR CD2  C Y N 352 
TYR CE1  C Y N 353 
TYR CE2  C Y N 354 
TYR CZ   C Y N 355 
TYR OH   O N N 356 
TYR OXT  O N N 357 
TYR H    H N N 358 
TYR H2   H N N 359 
TYR HA   H N N 360 
TYR HB2  H N N 361 
TYR HB3  H N N 362 
TYR HD1  H N N 363 
TYR HD2  H N N 364 
TYR HE1  H N N 365 
TYR HE2  H N N 366 
TYR HH   H N N 367 
TYR HXT  H N N 368 
VAL N    N N N 369 
VAL CA   C N S 370 
VAL C    C N N 371 
VAL O    O N N 372 
VAL CB   C N N 373 
VAL CG1  C N N 374 
VAL CG2  C N N 375 
VAL OXT  O N N 376 
VAL H    H N N 377 
VAL H2   H N N 378 
VAL HA   H N N 379 
VAL HB   H N N 380 
VAL HG11 H N N 381 
VAL HG12 H N N 382 
VAL HG13 H N N 383 
VAL HG21 H N N 384 
VAL HG22 H N N 385 
VAL HG23 H N N 386 
VAL HXT  H N N 387 
# 
loop_
_chem_comp_bond.comp_id 
_chem_comp_bond.atom_id_1 
_chem_comp_bond.atom_id_2 
_chem_comp_bond.value_order 
_chem_comp_bond.pdbx_aromatic_flag 
_chem_comp_bond.pdbx_stereo_config 
_chem_comp_bond.pdbx_ordinal 
ALA N   CA   sing N N 1   
ALA N   H    sing N N 2   
ALA N   H2   sing N N 3   
ALA CA  C    sing N N 4   
ALA CA  CB   sing N N 5   
ALA CA  HA   sing N N 6   
ALA C   O    doub N N 7   
ALA C   OXT  sing N N 8   
ALA CB  HB1  sing N N 9   
ALA CB  HB2  sing N N 10  
ALA CB  HB3  sing N N 11  
ALA OXT HXT  sing N N 12  
ARG N   CA   sing N N 13  
ARG N   H    sing N N 14  
ARG N   H2   sing N N 15  
ARG CA  C    sing N N 16  
ARG CA  CB   sing N N 17  
ARG CA  HA   sing N N 18  
ARG C   O    doub N N 19  
ARG C   OXT  sing N N 20  
ARG CB  CG   sing N N 21  
ARG CB  HB2  sing N N 22  
ARG CB  HB3  sing N N 23  
ARG CG  CD   sing N N 24  
ARG CG  HG2  sing N N 25  
ARG CG  HG3  sing N N 26  
ARG CD  NE   sing N N 27  
ARG CD  HD2  sing N N 28  
ARG CD  HD3  sing N N 29  
ARG NE  CZ   sing N N 30  
ARG NE  HE   sing N N 31  
ARG CZ  NH1  sing N N 32  
ARG CZ  NH2  doub N N 33  
ARG NH1 HH11 sing N N 34  
ARG NH1 HH12 sing N N 35  
ARG NH2 HH21 sing N N 36  
ARG NH2 HH22 sing N N 37  
ARG OXT HXT  sing N N 38  
ASN N   CA   sing N N 39  
ASN N   H    sing N N 40  
ASN N   H2   sing N N 41  
ASN CA  C    sing N N 42  
ASN CA  CB   sing N N 43  
ASN CA  HA   sing N N 44  
ASN C   O    doub N N 45  
ASN C   OXT  sing N N 46  
ASN CB  CG   sing N N 47  
ASN CB  HB2  sing N N 48  
ASN CB  HB3  sing N N 49  
ASN CG  OD1  doub N N 50  
ASN CG  ND2  sing N N 51  
ASN ND2 HD21 sing N N 52  
ASN ND2 HD22 sing N N 53  
ASN OXT HXT  sing N N 54  
ASP N   CA   sing N N 55  
ASP N   H    sing N N 56  
ASP N   H2   sing N N 57  
ASP CA  C    sing N N 58  
ASP CA  CB   sing N N 59  
ASP CA  HA   sing N N 60  
ASP C   O    doub N N 61  
ASP C   OXT  sing N N 62  
ASP CB  CG   sing N N 63  
ASP CB  HB2  sing N N 64  
ASP CB  HB3  sing N N 65  
ASP CG  OD1  doub N N 66  
ASP CG  OD2  sing N N 67  
ASP OD2 HD2  sing N N 68  
ASP OXT HXT  sing N N 69  
CYS N   CA   sing N N 70  
CYS N   H    sing N N 71  
CYS N   H2   sing N N 72  
CYS CA  C    sing N N 73  
CYS CA  CB   sing N N 74  
CYS CA  HA   sing N N 75  
CYS C   O    doub N N 76  
CYS C   OXT  sing N N 77  
CYS CB  SG   sing N N 78  
CYS CB  HB2  sing N N 79  
CYS CB  HB3  sing N N 80  
CYS SG  HG   sing N N 81  
CYS OXT HXT  sing N N 82  
GLN N   CA   sing N N 83  
GLN N   H    sing N N 84  
GLN N   H2   sing N N 85  
GLN CA  C    sing N N 86  
GLN CA  CB   sing N N 87  
GLN CA  HA   sing N N 88  
GLN C   O    doub N N 89  
GLN C   OXT  sing N N 90  
GLN CB  CG   sing N N 91  
GLN CB  HB2  sing N N 92  
GLN CB  HB3  sing N N 93  
GLN CG  CD   sing N N 94  
GLN CG  HG2  sing N N 95  
GLN CG  HG3  sing N N 96  
GLN CD  OE1  doub N N 97  
GLN CD  NE2  sing N N 98  
GLN NE2 HE21 sing N N 99  
GLN NE2 HE22 sing N N 100 
GLN OXT HXT  sing N N 101 
GLU N   CA   sing N N 102 
GLU N   H    sing N N 103 
GLU N   H2   sing N N 104 
GLU CA  C    sing N N 105 
GLU CA  CB   sing N N 106 
GLU CA  HA   sing N N 107 
GLU C   O    doub N N 108 
GLU C   OXT  sing N N 109 
GLU CB  CG   sing N N 110 
GLU CB  HB2  sing N N 111 
GLU CB  HB3  sing N N 112 
GLU CG  CD   sing N N 113 
GLU CG  HG2  sing N N 114 
GLU CG  HG3  sing N N 115 
GLU CD  OE1  doub N N 116 
GLU CD  OE2  sing N N 117 
GLU OE2 HE2  sing N N 118 
GLU OXT HXT  sing N N 119 
GLY N   CA   sing N N 120 
GLY N   H    sing N N 121 
GLY N   H2   sing N N 122 
GLY CA  C    sing N N 123 
GLY CA  HA2  sing N N 124 
GLY CA  HA3  sing N N 125 
GLY C   O    doub N N 126 
GLY C   OXT  sing N N 127 
GLY OXT HXT  sing N N 128 
HIS N   CA   sing N N 129 
HIS N   H    sing N N 130 
HIS N   H2   sing N N 131 
HIS CA  C    sing N N 132 
HIS CA  CB   sing N N 133 
HIS CA  HA   sing N N 134 
HIS C   O    doub N N 135 
HIS C   OXT  sing N N 136 
HIS CB  CG   sing N N 137 
HIS CB  HB2  sing N N 138 
HIS CB  HB3  sing N N 139 
HIS CG  ND1  sing Y N 140 
HIS CG  CD2  doub Y N 141 
HIS ND1 CE1  doub Y N 142 
HIS ND1 HD1  sing N N 143 
HIS CD2 NE2  sing Y N 144 
HIS CD2 HD2  sing N N 145 
HIS CE1 NE2  sing Y N 146 
HIS CE1 HE1  sing N N 147 
HIS NE2 HE2  sing N N 148 
HIS OXT HXT  sing N N 149 
ILE N   CA   sing N N 150 
ILE N   H    sing N N 151 
ILE N   H2   sing N N 152 
ILE CA  C    sing N N 153 
ILE CA  CB   sing N N 154 
ILE CA  HA   sing N N 155 
ILE C   O    doub N N 156 
ILE C   OXT  sing N N 157 
ILE CB  CG1  sing N N 158 
ILE CB  CG2  sing N N 159 
ILE CB  HB   sing N N 160 
ILE CG1 CD1  sing N N 161 
ILE CG1 HG12 sing N N 162 
ILE CG1 HG13 sing N N 163 
ILE CG2 HG21 sing N N 164 
ILE CG2 HG22 sing N N 165 
ILE CG2 HG23 sing N N 166 
ILE CD1 HD11 sing N N 167 
ILE CD1 HD12 sing N N 168 
ILE CD1 HD13 sing N N 169 
ILE OXT HXT  sing N N 170 
LEU N   CA   sing N N 171 
LEU N   H    sing N N 172 
LEU N   H2   sing N N 173 
LEU CA  C    sing N N 174 
LEU CA  CB   sing N N 175 
LEU CA  HA   sing N N 176 
LEU C   O    doub N N 177 
LEU C   OXT  sing N N 178 
LEU CB  CG   sing N N 179 
LEU CB  HB2  sing N N 180 
LEU CB  HB3  sing N N 181 
LEU CG  CD1  sing N N 182 
LEU CG  CD2  sing N N 183 
LEU CG  HG   sing N N 184 
LEU CD1 HD11 sing N N 185 
LEU CD1 HD12 sing N N 186 
LEU CD1 HD13 sing N N 187 
LEU CD2 HD21 sing N N 188 
LEU CD2 HD22 sing N N 189 
LEU CD2 HD23 sing N N 190 
LEU OXT HXT  sing N N 191 
LYS N   CA   sing N N 192 
LYS N   H    sing N N 193 
LYS N   H2   sing N N 194 
LYS CA  C    sing N N 195 
LYS CA  CB   sing N N 196 
LYS CA  HA   sing N N 197 
LYS C   O    doub N N 198 
LYS C   OXT  sing N N 199 
LYS CB  CG   sing N N 200 
LYS CB  HB2  sing N N 201 
LYS CB  HB3  sing N N 202 
LYS CG  CD   sing N N 203 
LYS CG  HG2  sing N N 204 
LYS CG  HG3  sing N N 205 
LYS CD  CE   sing N N 206 
LYS CD  HD2  sing N N 207 
LYS CD  HD3  sing N N 208 
LYS CE  NZ   sing N N 209 
LYS CE  HE2  sing N N 210 
LYS CE  HE3  sing N N 211 
LYS NZ  HZ1  sing N N 212 
LYS NZ  HZ2  sing N N 213 
LYS NZ  HZ3  sing N N 214 
LYS OXT HXT  sing N N 215 
MET N   CA   sing N N 216 
MET N   H    sing N N 217 
MET N   H2   sing N N 218 
MET CA  C    sing N N 219 
MET CA  CB   sing N N 220 
MET CA  HA   sing N N 221 
MET C   O    doub N N 222 
MET C   OXT  sing N N 223 
MET CB  CG   sing N N 224 
MET CB  HB2  sing N N 225 
MET CB  HB3  sing N N 226 
MET CG  SD   sing N N 227 
MET CG  HG2  sing N N 228 
MET CG  HG3  sing N N 229 
MET SD  CE   sing N N 230 
MET CE  HE1  sing N N 231 
MET CE  HE2  sing N N 232 
MET CE  HE3  sing N N 233 
MET OXT HXT  sing N N 234 
PHE N   CA   sing N N 235 
PHE N   H    sing N N 236 
PHE N   H2   sing N N 237 
PHE CA  C    sing N N 238 
PHE CA  CB   sing N N 239 
PHE CA  HA   sing N N 240 
PHE C   O    doub N N 241 
PHE C   OXT  sing N N 242 
PHE CB  CG   sing N N 243 
PHE CB  HB2  sing N N 244 
PHE CB  HB3  sing N N 245 
PHE CG  CD1  doub Y N 246 
PHE CG  CD2  sing Y N 247 
PHE CD1 CE1  sing Y N 248 
PHE CD1 HD1  sing N N 249 
PHE CD2 CE2  doub Y N 250 
PHE CD2 HD2  sing N N 251 
PHE CE1 CZ   doub Y N 252 
PHE CE1 HE1  sing N N 253 
PHE CE2 CZ   sing Y N 254 
PHE CE2 HE2  sing N N 255 
PHE CZ  HZ   sing N N 256 
PHE OXT HXT  sing N N 257 
PRO N   CA   sing N N 258 
PRO N   CD   sing N N 259 
PRO N   H    sing N N 260 
PRO CA  C    sing N N 261 
PRO CA  CB   sing N N 262 
PRO CA  HA   sing N N 263 
PRO C   O    doub N N 264 
PRO C   OXT  sing N N 265 
PRO CB  CG   sing N N 266 
PRO CB  HB2  sing N N 267 
PRO CB  HB3  sing N N 268 
PRO CG  CD   sing N N 269 
PRO CG  HG2  sing N N 270 
PRO CG  HG3  sing N N 271 
PRO CD  HD2  sing N N 272 
PRO CD  HD3  sing N N 273 
PRO OXT HXT  sing N N 274 
SER N   CA   sing N N 275 
SER N   H    sing N N 276 
SER N   H2   sing N N 277 
SER CA  C    sing N N 278 
SER CA  CB   sing N N 279 
SER CA  HA   sing N N 280 
SER C   O    doub N N 281 
SER C   OXT  sing N N 282 
SER CB  OG   sing N N 283 
SER CB  HB2  sing N N 284 
SER CB  HB3  sing N N 285 
SER OG  HG   sing N N 286 
SER OXT HXT  sing N N 287 
THR N   CA   sing N N 288 
THR N   H    sing N N 289 
THR N   H2   sing N N 290 
THR CA  C    sing N N 291 
THR CA  CB   sing N N 292 
THR CA  HA   sing N N 293 
THR C   O    doub N N 294 
THR C   OXT  sing N N 295 
THR CB  OG1  sing N N 296 
THR CB  CG2  sing N N 297 
THR CB  HB   sing N N 298 
THR OG1 HG1  sing N N 299 
THR CG2 HG21 sing N N 300 
THR CG2 HG22 sing N N 301 
THR CG2 HG23 sing N N 302 
THR OXT HXT  sing N N 303 
TRP N   CA   sing N N 304 
TRP N   H    sing N N 305 
TRP N   H2   sing N N 306 
TRP CA  C    sing N N 307 
TRP CA  CB   sing N N 308 
TRP CA  HA   sing N N 309 
TRP C   O    doub N N 310 
TRP C   OXT  sing N N 311 
TRP CB  CG   sing N N 312 
TRP CB  HB2  sing N N 313 
TRP CB  HB3  sing N N 314 
TRP CG  CD1  doub Y N 315 
TRP CG  CD2  sing Y N 316 
TRP CD1 NE1  sing Y N 317 
TRP CD1 HD1  sing N N 318 
TRP CD2 CE2  doub Y N 319 
TRP CD2 CE3  sing Y N 320 
TRP NE1 CE2  sing Y N 321 
TRP NE1 HE1  sing N N 322 
TRP CE2 CZ2  sing Y N 323 
TRP CE3 CZ3  doub Y N 324 
TRP CE3 HE3  sing N N 325 
TRP CZ2 CH2  doub Y N 326 
TRP CZ2 HZ2  sing N N 327 
TRP CZ3 CH2  sing Y N 328 
TRP CZ3 HZ3  sing N N 329 
TRP CH2 HH2  sing N N 330 
TRP OXT HXT  sing N N 331 
TYR N   CA   sing N N 332 
TYR N   H    sing N N 333 
TYR N   H2   sing N N 334 
TYR CA  C    sing N N 335 
TYR CA  CB   sing N N 336 
TYR CA  HA   sing N N 337 
TYR C   O    doub N N 338 
TYR C   OXT  sing N N 339 
TYR CB  CG   sing N N 340 
TYR CB  HB2  sing N N 341 
TYR CB  HB3  sing N N 342 
TYR CG  CD1  doub Y N 343 
TYR CG  CD2  sing Y N 344 
TYR CD1 CE1  sing Y N 345 
TYR CD1 HD1  sing N N 346 
TYR CD2 CE2  doub Y N 347 
TYR CD2 HD2  sing N N 348 
TYR CE1 CZ   doub Y N 349 
TYR CE1 HE1  sing N N 350 
TYR CE2 CZ   sing Y N 351 
TYR CE2 HE2  sing N N 352 
TYR CZ  OH   sing N N 353 
TYR OH  HH   sing N N 354 
TYR OXT HXT  sing N N 355 
VAL N   CA   sing N N 356 
VAL N   H    sing N N 357 
VAL N   H2   sing N N 358 
VAL CA  C    sing N N 359 
VAL CA  CB   sing N N 360 
VAL CA  HA   sing N N 361 
VAL C   O    doub N N 362 
VAL C   OXT  sing N N 363 
VAL CB  CG1  sing N N 364 
VAL CB  CG2  sing N N 365 
VAL CB  HB   sing N N 366 
VAL CG1 HG11 sing N N 367 
VAL CG1 HG12 sing N N 368 
VAL CG1 HG13 sing N N 369 
VAL CG2 HG21 sing N N 370 
VAL CG2 HG22 sing N N 371 
VAL CG2 HG23 sing N N 372 
VAL OXT HXT  sing N N 373 
# 
_pdbx_initial_refinement_model.id               1 
_pdbx_initial_refinement_model.entity_id_list   ? 
_pdbx_initial_refinement_model.type             'experimental model' 
_pdbx_initial_refinement_model.source_name      PDB 
_pdbx_initial_refinement_model.accession_code   4B9W 
_pdbx_initial_refinement_model.details          'PDB 4B9W' 
# 
